data_4A4E
#
_entry.id   4A4E
#
_cell.length_a   1.000
_cell.length_b   1.000
_cell.length_c   1.000
_cell.angle_alpha   90.00
_cell.angle_beta   90.00
_cell.angle_gamma   90.00
#
_symmetry.space_group_name_H-M   'P 1'
#
loop_
_entity.id
_entity.type
_entity.pdbx_description
1 polymer 'SURVIVAL MOTOR NEURON PROTEIN'
2 non-polymer 'N3, N4-DIMETHYLARGININE'
#
_entity_poly.entity_id   1
_entity_poly.type   'polypeptide(L)'
_entity_poly.pdbx_seq_one_letter_code
;NTAASLQQWKVGDKCSAIWSEDGCIYPATIASIDFKRETCVVVYTGYGNREEQNLSDLLSPICE
;
_entity_poly.pdbx_strand_id   A
#
# COMPACT_ATOMS: atom_id res chain seq x y z
N ASN A 1 7.13 -5.91 -10.18
CA ASN A 1 6.63 -4.60 -9.76
C ASN A 1 6.30 -3.75 -10.96
N THR A 2 5.40 -2.80 -10.78
CA THR A 2 5.05 -1.87 -11.82
C THR A 2 5.70 -0.52 -11.46
N ALA A 3 6.90 -0.29 -11.96
CA ALA A 3 7.70 0.87 -11.59
C ALA A 3 7.12 2.21 -12.05
N ALA A 4 6.54 2.21 -13.23
CA ALA A 4 6.04 3.43 -13.85
C ALA A 4 4.81 3.97 -13.16
N SER A 5 4.05 3.09 -12.58
CA SER A 5 2.81 3.48 -11.94
C SER A 5 2.93 3.35 -10.44
N LEU A 6 4.16 3.37 -9.96
CA LEU A 6 4.42 3.17 -8.56
C LEU A 6 4.24 4.41 -7.69
N GLN A 7 3.58 5.40 -8.21
CA GLN A 7 3.26 6.55 -7.40
C GLN A 7 1.76 6.78 -7.35
N GLN A 8 1.03 6.16 -8.25
CA GLN A 8 -0.39 6.35 -8.30
C GLN A 8 -1.13 5.07 -8.01
N TRP A 9 -2.07 5.15 -7.12
CA TRP A 9 -2.86 4.03 -6.70
C TRP A 9 -4.28 4.50 -6.54
N LYS A 10 -5.21 3.58 -6.49
CA LYS A 10 -6.60 3.93 -6.28
C LYS A 10 -7.15 3.10 -5.14
N VAL A 11 -8.17 3.61 -4.50
CA VAL A 11 -8.79 2.91 -3.38
C VAL A 11 -9.41 1.61 -3.88
N GLY A 12 -9.07 0.53 -3.25
CA GLY A 12 -9.60 -0.74 -3.64
C GLY A 12 -8.63 -1.53 -4.46
N ASP A 13 -7.41 -1.03 -4.54
CA ASP A 13 -6.37 -1.72 -5.29
C ASP A 13 -5.56 -2.52 -4.32
N LYS A 14 -5.03 -3.61 -4.76
CA LYS A 14 -4.19 -4.40 -3.93
C LYS A 14 -2.77 -3.99 -4.12
N CYS A 15 -1.98 -4.16 -3.11
CA CYS A 15 -0.61 -3.78 -3.16
C CYS A 15 0.19 -4.55 -2.11
N SER A 16 1.37 -4.12 -1.92
CA SER A 16 2.24 -4.62 -0.90
C SER A 16 2.75 -3.42 -0.12
N ALA A 17 2.91 -3.58 1.16
CA ALA A 17 3.36 -2.50 2.00
C ALA A 17 4.43 -2.98 2.95
N ILE A 18 5.18 -2.05 3.46
CA ILE A 18 6.22 -2.33 4.41
C ILE A 18 5.67 -2.17 5.80
N TRP A 19 5.52 -3.28 6.48
CA TRP A 19 4.99 -3.28 7.81
C TRP A 19 5.98 -2.64 8.69
N SER A 20 5.57 -1.63 9.37
CA SER A 20 6.42 -0.86 10.22
C SER A 20 6.98 -1.67 11.38
N GLU A 21 6.35 -2.75 11.67
CA GLU A 21 6.72 -3.57 12.79
C GLU A 21 7.86 -4.54 12.47
N ASP A 22 7.84 -5.13 11.25
CA ASP A 22 8.94 -6.05 10.87
C ASP A 22 9.84 -5.43 9.82
N GLY A 23 9.36 -4.38 9.22
CA GLY A 23 10.11 -3.69 8.15
C GLY A 23 10.05 -4.47 6.85
N CYS A 24 9.35 -5.56 6.89
CA CYS A 24 9.22 -6.46 5.81
C CYS A 24 8.04 -6.13 4.92
N ILE A 25 8.04 -6.71 3.73
CA ILE A 25 6.99 -6.51 2.75
C ILE A 25 5.89 -7.53 2.93
N TYR A 26 4.70 -7.05 3.01
CA TYR A 26 3.53 -7.89 3.18
C TYR A 26 2.41 -7.41 2.27
N PRO A 27 1.49 -8.31 1.86
CA PRO A 27 0.37 -7.95 1.00
C PRO A 27 -0.66 -7.10 1.75
N ALA A 28 -1.10 -6.05 1.13
CA ALA A 28 -2.06 -5.16 1.74
C ALA A 28 -2.98 -4.59 0.69
N THR A 29 -4.14 -4.21 1.08
CA THR A 29 -5.09 -3.67 0.14
C THR A 29 -5.43 -2.24 0.55
N ILE A 30 -5.47 -1.36 -0.41
CA ILE A 30 -5.75 0.04 -0.17
C ILE A 30 -7.19 0.23 0.27
N ALA A 31 -7.36 0.77 1.44
CA ALA A 31 -8.67 1.01 1.98
C ALA A 31 -9.12 2.44 1.72
N SER A 32 -8.21 3.39 1.83
CA SER A 32 -8.50 4.80 1.60
C SER A 32 -7.21 5.53 1.28
N ILE A 33 -7.28 6.62 0.52
CA ILE A 33 -6.12 7.38 0.12
C ILE A 33 -6.33 8.86 0.43
N ASP A 34 -5.30 9.47 0.97
CA ASP A 34 -5.26 10.90 1.18
C ASP A 34 -4.27 11.43 0.18
N PHE A 35 -4.75 11.95 -0.90
CA PHE A 35 -3.92 12.39 -1.99
C PHE A 35 -3.15 13.65 -1.65
N LYS A 36 -3.60 14.35 -0.64
CA LYS A 36 -2.93 15.57 -0.23
C LYS A 36 -1.63 15.24 0.47
N ARG A 37 -1.63 14.21 1.30
CA ARG A 37 -0.43 13.79 1.99
C ARG A 37 0.29 12.75 1.16
N GLU A 38 -0.38 12.33 0.09
CA GLU A 38 0.10 11.32 -0.84
C GLU A 38 0.27 9.99 -0.10
N THR A 39 -0.56 9.77 0.88
CA THR A 39 -0.51 8.57 1.65
C THR A 39 -1.84 7.85 1.59
N CYS A 40 -1.86 6.61 1.97
CA CYS A 40 -3.05 5.83 1.97
C CYS A 40 -3.00 4.81 3.09
N VAL A 41 -4.13 4.39 3.52
CA VAL A 41 -4.22 3.38 4.52
C VAL A 41 -4.47 2.05 3.81
N VAL A 42 -3.69 1.07 4.16
CA VAL A 42 -3.81 -0.21 3.56
C VAL A 42 -4.04 -1.25 4.63
N VAL A 43 -4.78 -2.25 4.30
CA VAL A 43 -5.09 -3.33 5.18
C VAL A 43 -4.28 -4.53 4.80
N TYR A 44 -3.51 -5.03 5.72
CA TYR A 44 -2.68 -6.18 5.52
C TYR A 44 -3.53 -7.41 5.39
N THR A 45 -3.49 -7.98 4.22
CA THR A 45 -4.27 -9.10 3.87
C THR A 45 -3.82 -10.32 4.66
N GLY A 46 -4.75 -11.02 5.24
CA GLY A 46 -4.43 -12.22 5.96
C GLY A 46 -4.22 -11.95 7.42
N TYR A 47 -4.05 -10.69 7.76
CA TYR A 47 -3.80 -10.32 9.13
C TYR A 47 -4.91 -9.46 9.66
N GLY A 48 -5.29 -8.46 8.90
CA GLY A 48 -6.37 -7.61 9.31
C GLY A 48 -5.93 -6.32 9.97
N ASN A 49 -4.68 -5.97 9.84
CA ASN A 49 -4.23 -4.67 10.37
C ASN A 49 -4.27 -3.67 9.28
N ARG A 50 -4.25 -2.45 9.64
CA ARG A 50 -4.29 -1.39 8.71
C ARG A 50 -3.22 -0.38 9.08
N GLU A 51 -2.52 0.09 8.10
CA GLU A 51 -1.42 0.97 8.29
C GLU A 51 -1.40 2.01 7.19
N GLU A 52 -0.87 3.16 7.48
CA GLU A 52 -0.85 4.25 6.53
C GLU A 52 0.53 4.35 5.92
N GLN A 53 0.55 4.22 4.64
CA GLN A 53 1.76 4.17 3.87
C GLN A 53 1.68 5.21 2.80
N ASN A 54 2.78 5.54 2.22
CA ASN A 54 2.84 6.53 1.16
C ASN A 54 2.56 5.84 -0.14
N LEU A 55 1.85 6.52 -1.01
CA LEU A 55 1.52 6.00 -2.34
C LEU A 55 2.80 5.65 -3.12
N SER A 56 3.80 6.50 -2.99
CA SER A 56 5.05 6.31 -3.68
C SER A 56 5.93 5.29 -2.93
N ASP A 57 5.48 4.85 -1.75
CA ASP A 57 6.25 3.89 -0.95
C ASP A 57 5.58 2.53 -1.01
N LEU A 58 4.39 2.49 -1.59
CA LEU A 58 3.69 1.25 -1.78
C LEU A 58 4.43 0.38 -2.75
N LEU A 59 4.11 -0.85 -2.73
CA LEU A 59 4.76 -1.82 -3.55
C LEU A 59 3.72 -2.59 -4.29
N SER A 60 4.12 -3.21 -5.36
CA SER A 60 3.21 -3.92 -6.23
C SER A 60 2.61 -5.16 -5.54
N PRO A 61 1.34 -5.47 -5.82
CA PRO A 61 0.62 -6.59 -5.18
C PRO A 61 1.29 -7.93 -5.45
N ILE A 62 1.16 -8.82 -4.52
CA ILE A 62 1.76 -10.11 -4.63
C ILE A 62 0.83 -11.02 -5.41
N CYS A 63 1.42 -11.83 -6.24
CA CYS A 63 0.69 -12.74 -7.08
C CYS A 63 1.37 -14.11 -7.04
N GLU A 64 2.35 -14.22 -6.20
CA GLU A 64 3.09 -15.42 -6.05
C GLU A 64 3.00 -15.86 -4.61
N 2MR B . 6.02 -10.34 13.25
CA 2MR B . 4.60 -10.55 13.49
CB 2MR B . 3.95 -11.19 12.27
CG 2MR B . 2.45 -11.45 12.33
CD 2MR B . 1.67 -10.21 11.95
NE 2MR B . 2.09 -9.73 10.62
CZ 2MR B . 1.53 -8.74 9.94
NH1 2MR B . 0.44 -8.11 10.47
CQ1 2MR B . -0.39 -7.01 9.98
NH2 2MR B . 2.11 -8.41 8.77
CQ2 2MR B . 1.75 -7.41 7.79
C 2MR B . 4.48 -11.45 14.69
O 2MR B . 3.86 -11.04 15.69
OXT 2MR B . 5.08 -12.55 14.67
H2 2MR B . 6.45 -9.88 14.08
H 2MR B . 6.46 -11.27 13.11
H3 2MR B . 6.22 -9.75 12.40
HA 2MR B . 4.13 -9.61 13.71
HB2 2MR B . 4.47 -12.09 11.97
HB3 2MR B . 4.05 -10.43 11.50
HG2 2MR B . 2.19 -11.73 13.33
HG3 2MR B . 2.19 -12.25 11.65
HD2 2MR B . 1.84 -9.44 12.68
HD3 2MR B . 0.62 -10.46 11.92
HE 2MR B . 2.86 -10.21 10.24
HQ11 2MR B . -1.27 -6.92 10.60
HQ12 2MR B . 0.17 -6.09 9.98
HQ13 2MR B . -0.71 -7.25 8.96
HH2 2MR B . 2.92 -8.89 8.45
HQ21 2MR B . 2.56 -7.29 7.09
HQ22 2MR B . 0.86 -7.72 7.27
HQ23 2MR B . 1.56 -6.46 8.29
HH1 2MR B . 0.11 -8.40 11.37
N ASN A 1 5.98 11.36 -11.00
CA ASN A 1 7.25 10.86 -11.55
C ASN A 1 7.11 10.63 -13.02
N THR A 2 8.16 10.19 -13.66
CA THR A 2 8.11 9.94 -15.07
C THR A 2 7.88 8.44 -15.30
N ALA A 3 6.78 8.11 -16.00
CA ALA A 3 6.38 6.74 -16.40
C ALA A 3 5.83 5.89 -15.25
N ALA A 4 6.40 6.06 -14.06
CA ALA A 4 6.04 5.29 -12.88
C ALA A 4 4.55 5.33 -12.59
N SER A 5 3.89 4.21 -12.78
CA SER A 5 2.47 4.12 -12.55
C SER A 5 2.20 3.65 -11.12
N LEU A 6 3.27 3.47 -10.42
CA LEU A 6 3.26 3.04 -9.03
C LEU A 6 3.08 4.29 -8.14
N GLN A 7 2.85 5.40 -8.79
CA GLN A 7 2.60 6.64 -8.11
C GLN A 7 1.10 6.91 -8.07
N GLN A 8 0.35 6.07 -8.74
CA GLN A 8 -1.08 6.21 -8.82
C GLN A 8 -1.79 4.92 -8.45
N TRP A 9 -2.42 4.95 -7.31
CA TRP A 9 -3.13 3.82 -6.78
C TRP A 9 -4.59 4.21 -6.60
N LYS A 10 -5.44 3.25 -6.43
CA LYS A 10 -6.83 3.53 -6.21
C LYS A 10 -7.31 2.78 -4.99
N VAL A 11 -8.31 3.29 -4.34
CA VAL A 11 -8.89 2.65 -3.19
C VAL A 11 -9.50 1.32 -3.62
N GLY A 12 -9.13 0.26 -2.94
CA GLY A 12 -9.61 -1.05 -3.30
C GLY A 12 -8.62 -1.80 -4.17
N ASP A 13 -7.43 -1.24 -4.33
CA ASP A 13 -6.39 -1.87 -5.14
C ASP A 13 -5.46 -2.57 -4.21
N LYS A 14 -4.91 -3.65 -4.64
CA LYS A 14 -3.91 -4.32 -3.89
C LYS A 14 -2.56 -3.72 -4.13
N CYS A 15 -1.71 -3.90 -3.17
CA CYS A 15 -0.38 -3.42 -3.20
C CYS A 15 0.41 -4.21 -2.18
N SER A 16 1.60 -3.83 -2.01
CA SER A 16 2.45 -4.38 -1.02
C SER A 16 2.95 -3.24 -0.17
N ALA A 17 3.05 -3.46 1.10
CA ALA A 17 3.47 -2.41 1.98
C ALA A 17 4.51 -2.93 2.93
N ILE A 18 5.26 -2.04 3.50
CA ILE A 18 6.27 -2.37 4.46
C ILE A 18 5.68 -2.27 5.83
N TRP A 19 5.54 -3.38 6.47
CA TRP A 19 4.98 -3.43 7.77
C TRP A 19 5.95 -2.81 8.70
N SER A 20 5.52 -1.80 9.37
CA SER A 20 6.33 -1.05 10.25
C SER A 20 6.84 -1.86 11.42
N GLU A 21 6.18 -2.94 11.69
CA GLU A 21 6.52 -3.75 12.81
C GLU A 21 7.64 -4.71 12.51
N ASP A 22 7.61 -5.34 11.34
CA ASP A 22 8.65 -6.33 11.03
C ASP A 22 9.63 -5.77 9.99
N GLY A 23 9.22 -4.70 9.35
CA GLY A 23 10.05 -4.01 8.36
C GLY A 23 9.99 -4.66 6.99
N CYS A 24 9.30 -5.76 6.93
CA CYS A 24 9.20 -6.55 5.77
C CYS A 24 8.02 -6.17 4.89
N ILE A 25 8.04 -6.70 3.68
CA ILE A 25 7.00 -6.47 2.71
C ILE A 25 5.88 -7.49 2.89
N TYR A 26 4.68 -7.01 2.89
CA TYR A 26 3.51 -7.84 3.05
C TYR A 26 2.40 -7.38 2.14
N PRO A 27 1.49 -8.30 1.72
CA PRO A 27 0.36 -7.95 0.87
C PRO A 27 -0.67 -7.11 1.63
N ALA A 28 -1.03 -6.00 1.07
CA ALA A 28 -1.97 -5.12 1.70
C ALA A 28 -2.86 -4.50 0.67
N THR A 29 -4.06 -4.19 1.05
CA THR A 29 -4.99 -3.61 0.13
C THR A 29 -5.32 -2.20 0.58
N ILE A 30 -5.35 -1.30 -0.35
CA ILE A 30 -5.61 0.10 -0.09
C ILE A 30 -7.05 0.30 0.35
N ALA A 31 -7.22 0.81 1.54
CA ALA A 31 -8.50 1.04 2.13
C ALA A 31 -8.97 2.45 1.87
N SER A 32 -8.05 3.41 1.89
CA SER A 32 -8.36 4.81 1.65
C SER A 32 -7.09 5.55 1.24
N ILE A 33 -7.23 6.58 0.42
CA ILE A 33 -6.10 7.37 -0.06
C ILE A 33 -6.32 8.84 0.23
N ASP A 34 -5.31 9.48 0.75
CA ASP A 34 -5.30 10.91 0.94
C ASP A 34 -4.34 11.50 -0.04
N PHE A 35 -4.87 12.19 -1.00
CA PHE A 35 -4.07 12.72 -2.07
C PHE A 35 -3.26 13.92 -1.64
N LYS A 36 -3.68 14.57 -0.59
CA LYS A 36 -2.99 15.74 -0.10
C LYS A 36 -1.68 15.36 0.58
N ARG A 37 -1.67 14.24 1.28
CA ARG A 37 -0.44 13.78 1.92
C ARG A 37 0.26 12.79 1.01
N GLU A 38 -0.45 12.41 -0.05
CA GLU A 38 -0.03 11.37 -0.99
C GLU A 38 0.21 10.05 -0.24
N THR A 39 -0.61 9.83 0.77
CA THR A 39 -0.51 8.64 1.56
C THR A 39 -1.83 7.89 1.52
N CYS A 40 -1.81 6.66 1.91
CA CYS A 40 -2.98 5.85 1.90
C CYS A 40 -2.91 4.84 3.02
N VAL A 41 -4.04 4.42 3.47
CA VAL A 41 -4.12 3.42 4.48
C VAL A 41 -4.34 2.09 3.78
N VAL A 42 -3.59 1.10 4.17
CA VAL A 42 -3.69 -0.19 3.57
C VAL A 42 -3.97 -1.21 4.66
N VAL A 43 -4.71 -2.22 4.31
CA VAL A 43 -5.05 -3.30 5.19
C VAL A 43 -4.27 -4.52 4.78
N TYR A 44 -3.49 -5.02 5.70
CA TYR A 44 -2.66 -6.18 5.45
C TYR A 44 -3.53 -7.40 5.34
N THR A 45 -3.50 -7.95 4.17
CA THR A 45 -4.33 -9.02 3.81
C THR A 45 -3.94 -10.30 4.56
N GLY A 46 -4.94 -10.93 5.14
CA GLY A 46 -4.72 -12.14 5.87
C GLY A 46 -4.50 -11.89 7.33
N TYR A 47 -4.19 -10.66 7.68
CA TYR A 47 -3.90 -10.37 9.05
C TYR A 47 -5.00 -9.56 9.67
N GLY A 48 -5.34 -8.46 9.04
CA GLY A 48 -6.39 -7.63 9.56
C GLY A 48 -5.90 -6.37 10.22
N ASN A 49 -4.70 -5.94 9.89
CA ASN A 49 -4.21 -4.66 10.40
C ASN A 49 -4.25 -3.65 9.32
N ARG A 50 -4.20 -2.42 9.69
CA ARG A 50 -4.25 -1.34 8.74
C ARG A 50 -3.18 -0.32 9.10
N GLU A 51 -2.47 0.15 8.13
CA GLU A 51 -1.37 1.02 8.32
C GLU A 51 -1.33 2.05 7.19
N GLU A 52 -0.80 3.22 7.48
CA GLU A 52 -0.78 4.32 6.53
C GLU A 52 0.59 4.42 5.91
N GLN A 53 0.62 4.27 4.64
CA GLN A 53 1.83 4.23 3.86
C GLN A 53 1.71 5.26 2.76
N ASN A 54 2.80 5.61 2.16
CA ASN A 54 2.81 6.58 1.09
C ASN A 54 2.52 5.88 -0.19
N LEU A 55 1.79 6.54 -1.07
CA LEU A 55 1.49 6.00 -2.41
C LEU A 55 2.77 5.73 -3.16
N SER A 56 3.72 6.61 -2.95
CA SER A 56 5.02 6.54 -3.55
C SER A 56 5.87 5.42 -2.92
N ASP A 57 5.48 5.00 -1.72
CA ASP A 57 6.29 4.04 -0.96
C ASP A 57 5.68 2.66 -1.04
N LEU A 58 4.49 2.59 -1.60
CA LEU A 58 3.83 1.33 -1.81
C LEU A 58 4.63 0.50 -2.77
N LEU A 59 4.37 -0.73 -2.75
CA LEU A 59 5.07 -1.64 -3.56
C LEU A 59 4.07 -2.40 -4.36
N SER A 60 4.51 -2.98 -5.43
CA SER A 60 3.65 -3.73 -6.30
C SER A 60 3.13 -4.97 -5.59
N PRO A 61 1.83 -5.26 -5.72
CA PRO A 61 1.18 -6.35 -5.00
C PRO A 61 1.75 -7.71 -5.33
N ILE A 62 1.67 -8.58 -4.37
CA ILE A 62 2.10 -9.94 -4.52
C ILE A 62 0.98 -10.70 -5.23
N CYS A 63 1.20 -11.91 -5.62
CA CYS A 63 0.26 -12.73 -6.35
C CYS A 63 -0.91 -13.23 -5.48
N GLU A 64 -1.11 -12.61 -4.35
CA GLU A 64 -2.13 -13.02 -3.43
C GLU A 64 -3.40 -12.25 -3.75
N 2MR B . 5.26 -10.64 13.86
CA 2MR B . 3.82 -10.82 13.74
CB 2MR B . 3.48 -11.46 12.40
CG 2MR B . 1.99 -11.65 12.15
CD 2MR B . 1.33 -10.34 11.77
NE 2MR B . 1.89 -9.82 10.50
CZ 2MR B . 1.41 -8.80 9.82
NH1 2MR B . 0.32 -8.15 10.33
CQ1 2MR B . -0.45 -7.00 9.84
NH2 2MR B . 2.06 -8.46 8.68
CQ2 2MR B . 1.79 -7.40 7.72
C 2MR B . 3.37 -11.70 14.86
O 2MR B . 2.55 -11.28 15.66
OXT 2MR B . 3.87 -12.82 14.97
H2 2MR B . 5.49 -10.15 14.74
H 2MR B . 5.73 -11.57 13.88
H3 2MR B . 5.68 -10.11 13.08
HA 2MR B . 3.33 -9.87 13.83
HB2 2MR B . 3.99 -12.41 12.29
HB3 2MR B . 3.82 -10.76 11.66
HG2 2MR B . 1.53 -12.03 13.05
HG3 2MR B . 1.86 -12.35 11.34
HD2 2MR B . 1.51 -9.62 12.55
HD3 2MR B . 0.28 -10.50 11.66
HE 2MR B . 2.65 -10.34 10.16
HQ11 2MR B . -0.54 -7.06 8.76
HQ12 2MR B . -1.45 -7.05 10.27
HQ13 2MR B . 0.03 -6.08 10.13
HH2 2MR B . 2.85 -9.00 8.39
HQ21 2MR B . 0.93 -7.67 7.13
HQ22 2MR B . 1.60 -6.48 8.25
HQ23 2MR B . 2.65 -7.29 7.08
HH1 2MR B . -0.07 -8.47 11.20
N ASN A 1 1.70 7.87 -14.15
CA ASN A 1 1.02 8.31 -15.38
C ASN A 1 2.01 8.46 -16.53
N THR A 2 2.68 9.59 -16.61
CA THR A 2 3.56 9.87 -17.71
C THR A 2 4.97 9.35 -17.47
N ALA A 3 5.21 9.01 -16.26
CA ALA A 3 6.47 8.53 -15.80
C ALA A 3 6.29 7.99 -14.42
N ALA A 4 6.25 6.70 -14.37
CA ALA A 4 6.07 5.88 -13.17
C ALA A 4 4.62 5.89 -12.70
N SER A 5 3.97 4.78 -12.86
CA SER A 5 2.58 4.68 -12.50
C SER A 5 2.36 3.84 -11.25
N LEU A 6 3.42 3.59 -10.55
CA LEU A 6 3.36 2.91 -9.26
C LEU A 6 3.33 4.00 -8.18
N GLN A 7 3.31 5.21 -8.65
CA GLN A 7 3.28 6.37 -7.79
C GLN A 7 1.83 6.78 -7.55
N GLN A 8 0.92 6.10 -8.20
CA GLN A 8 -0.48 6.39 -8.09
C GLN A 8 -1.24 5.08 -7.92
N TRP A 9 -2.17 5.11 -7.02
CA TRP A 9 -2.96 3.94 -6.65
C TRP A 9 -4.38 4.37 -6.39
N LYS A 10 -5.30 3.43 -6.34
CA LYS A 10 -6.68 3.79 -6.05
C LYS A 10 -7.21 2.89 -4.94
N VAL A 11 -8.23 3.36 -4.26
CA VAL A 11 -8.84 2.62 -3.16
C VAL A 11 -9.43 1.31 -3.67
N GLY A 12 -9.08 0.24 -3.01
CA GLY A 12 -9.61 -1.05 -3.34
C GLY A 12 -8.58 -1.92 -4.04
N ASP A 13 -7.43 -1.37 -4.26
CA ASP A 13 -6.37 -2.09 -4.96
C ASP A 13 -5.41 -2.71 -3.99
N LYS A 14 -5.07 -3.94 -4.26
CA LYS A 14 -4.07 -4.61 -3.51
C LYS A 14 -2.70 -4.17 -3.92
N CYS A 15 -1.83 -4.17 -2.98
CA CYS A 15 -0.50 -3.74 -3.14
C CYS A 15 0.34 -4.44 -2.09
N SER A 16 1.51 -3.98 -1.92
CA SER A 16 2.40 -4.46 -0.91
C SER A 16 2.92 -3.29 -0.12
N ALA A 17 3.05 -3.47 1.15
CA ALA A 17 3.50 -2.43 2.03
C ALA A 17 4.52 -2.98 2.99
N ILE A 18 5.29 -2.09 3.56
CA ILE A 18 6.28 -2.44 4.53
C ILE A 18 5.70 -2.31 5.90
N TRP A 19 5.54 -3.43 6.57
CA TRP A 19 5.01 -3.44 7.89
C TRP A 19 6.02 -2.81 8.77
N SER A 20 5.62 -1.77 9.42
CA SER A 20 6.49 -0.99 10.24
C SER A 20 7.04 -1.80 11.41
N GLU A 21 6.37 -2.85 11.72
CA GLU A 21 6.70 -3.64 12.85
C GLU A 21 7.78 -4.66 12.56
N ASP A 22 7.74 -5.27 11.40
CA ASP A 22 8.73 -6.29 11.10
C ASP A 22 9.71 -5.77 10.05
N GLY A 23 9.32 -4.69 9.38
CA GLY A 23 10.17 -4.05 8.38
C GLY A 23 10.10 -4.73 7.03
N CYS A 24 9.37 -5.81 6.99
CA CYS A 24 9.25 -6.62 5.84
C CYS A 24 8.07 -6.22 4.96
N ILE A 25 8.05 -6.79 3.76
CA ILE A 25 7.02 -6.53 2.78
C ILE A 25 5.90 -7.51 2.95
N TYR A 26 4.70 -7.01 2.94
CA TYR A 26 3.53 -7.84 3.07
C TYR A 26 2.43 -7.31 2.18
N PRO A 27 1.53 -8.19 1.72
CA PRO A 27 0.40 -7.79 0.86
C PRO A 27 -0.64 -6.98 1.65
N ALA A 28 -1.09 -5.92 1.07
CA ALA A 28 -2.04 -5.07 1.72
C ALA A 28 -2.94 -4.44 0.70
N THR A 29 -4.14 -4.14 1.08
CA THR A 29 -5.10 -3.56 0.17
C THR A 29 -5.37 -2.13 0.59
N ILE A 30 -5.40 -1.25 -0.36
CA ILE A 30 -5.66 0.16 -0.11
C ILE A 30 -7.09 0.35 0.36
N ALA A 31 -7.23 0.84 1.56
CA ALA A 31 -8.52 1.07 2.17
C ALA A 31 -9.00 2.50 1.94
N SER A 32 -8.08 3.44 2.00
CA SER A 32 -8.40 4.84 1.78
C SER A 32 -7.13 5.60 1.39
N ILE A 33 -7.25 6.60 0.55
CA ILE A 33 -6.11 7.39 0.11
C ILE A 33 -6.34 8.85 0.40
N ASP A 34 -5.35 9.49 0.91
CA ASP A 34 -5.38 10.91 1.08
C ASP A 34 -4.42 11.48 0.09
N PHE A 35 -4.94 12.07 -0.94
CA PHE A 35 -4.14 12.56 -2.04
C PHE A 35 -3.41 13.84 -1.69
N LYS A 36 -3.80 14.47 -0.61
CA LYS A 36 -3.15 15.70 -0.19
C LYS A 36 -1.79 15.35 0.35
N ARG A 37 -1.76 14.27 1.11
CA ARG A 37 -0.54 13.83 1.75
C ARG A 37 0.12 12.77 0.92
N GLU A 38 -0.61 12.34 -0.11
CA GLU A 38 -0.21 11.29 -1.01
C GLU A 38 0.07 10.01 -0.24
N THR A 39 -0.67 9.81 0.81
CA THR A 39 -0.54 8.64 1.62
C THR A 39 -1.86 7.88 1.58
N CYS A 40 -1.82 6.64 1.95
CA CYS A 40 -2.99 5.84 1.95
C CYS A 40 -2.91 4.82 3.05
N VAL A 41 -4.04 4.42 3.51
CA VAL A 41 -4.13 3.40 4.51
C VAL A 41 -4.34 2.11 3.82
N VAL A 42 -3.59 1.13 4.17
CA VAL A 42 -3.71 -0.15 3.58
C VAL A 42 -3.98 -1.17 4.67
N VAL A 43 -4.73 -2.15 4.31
CA VAL A 43 -5.06 -3.23 5.20
C VAL A 43 -4.29 -4.44 4.79
N TYR A 44 -3.49 -4.95 5.67
CA TYR A 44 -2.67 -6.10 5.42
C TYR A 44 -3.54 -7.31 5.24
N THR A 45 -3.54 -7.78 4.03
CA THR A 45 -4.36 -8.85 3.60
C THR A 45 -3.97 -10.15 4.30
N GLY A 46 -4.97 -10.80 4.84
CA GLY A 46 -4.77 -12.03 5.54
C GLY A 46 -4.58 -11.80 7.02
N TYR A 47 -4.20 -10.59 7.40
CA TYR A 47 -3.96 -10.31 8.78
C TYR A 47 -5.08 -9.46 9.34
N GLY A 48 -5.40 -8.38 8.65
CA GLY A 48 -6.48 -7.54 9.07
C GLY A 48 -6.04 -6.23 9.68
N ASN A 49 -4.74 -5.94 9.69
CA ASN A 49 -4.26 -4.67 10.27
C ASN A 49 -4.27 -3.61 9.24
N ARG A 50 -4.20 -2.41 9.67
CA ARG A 50 -4.21 -1.30 8.77
C ARG A 50 -3.13 -0.31 9.16
N GLU A 51 -2.44 0.18 8.18
CA GLU A 51 -1.33 1.06 8.35
C GLU A 51 -1.32 2.06 7.20
N GLU A 52 -0.81 3.25 7.44
CA GLU A 52 -0.80 4.27 6.44
C GLU A 52 0.58 4.38 5.84
N GLN A 53 0.62 4.25 4.56
CA GLN A 53 1.83 4.21 3.81
C GLN A 53 1.72 5.24 2.71
N ASN A 54 2.81 5.59 2.13
CA ASN A 54 2.81 6.60 1.05
C ASN A 54 2.56 5.88 -0.24
N LEU A 55 1.83 6.52 -1.12
CA LEU A 55 1.52 5.96 -2.45
C LEU A 55 2.82 5.66 -3.22
N SER A 56 3.78 6.55 -3.09
CA SER A 56 5.07 6.41 -3.74
C SER A 56 6.00 5.43 -2.99
N ASP A 57 5.54 4.93 -1.84
CA ASP A 57 6.33 4.02 -1.01
C ASP A 57 5.73 2.62 -1.08
N LEU A 58 4.58 2.53 -1.71
CA LEU A 58 3.90 1.26 -1.89
C LEU A 58 4.66 0.41 -2.86
N LEU A 59 4.33 -0.84 -2.85
CA LEU A 59 5.00 -1.81 -3.67
C LEU A 59 3.95 -2.62 -4.39
N SER A 60 4.34 -3.32 -5.43
CA SER A 60 3.41 -4.12 -6.21
C SER A 60 2.99 -5.34 -5.41
N PRO A 61 1.70 -5.78 -5.49
CA PRO A 61 1.19 -6.88 -4.69
C PRO A 61 1.92 -8.19 -4.97
N ILE A 62 2.12 -8.96 -3.94
CA ILE A 62 2.87 -10.19 -4.04
C ILE A 62 1.94 -11.31 -4.51
N CYS A 63 2.48 -12.20 -5.30
CA CYS A 63 1.78 -13.32 -5.82
C CYS A 63 2.69 -14.53 -5.75
N GLU A 64 2.53 -15.29 -4.72
CA GLU A 64 3.32 -16.47 -4.52
C GLU A 64 2.47 -17.68 -4.81
N 2MR B . 5.15 -11.01 14.09
CA 2MR B . 3.71 -10.97 13.89
CB 2MR B . 3.37 -11.56 12.52
CG 2MR B . 1.88 -11.68 12.17
CD 2MR B . 1.28 -10.35 11.76
NE 2MR B . 1.88 -9.84 10.52
CZ 2MR B . 1.42 -8.82 9.81
NH1 2MR B . 0.29 -8.19 10.27
CQ1 2MR B . -0.48 -7.06 9.75
NH2 2MR B . 2.09 -8.46 8.71
CQ2 2MR B . 1.84 -7.42 7.73
C 2MR B . 3.05 -11.75 14.99
O 2MR B . 2.25 -11.17 15.73
OXT 2MR B . 3.34 -12.94 15.13
H2 2MR B . 5.40 -10.62 15.03
H 2MR B . 5.46 -11.99 14.06
H3 2MR B . 5.67 -10.46 13.37
HA 2MR B . 3.36 -9.94 13.94
HB2 2MR B . 3.85 -12.51 12.39
HB3 2MR B . 3.76 -10.84 11.82
HG2 2MR B . 1.36 -12.06 13.03
HG3 2MR B . 1.79 -12.36 11.34
HD2 2MR B . 1.44 -9.63 12.56
HD3 2MR B . 0.23 -10.49 11.61
HE 2MR B . 2.68 -10.33 10.21
HQ11 2MR B . -0.01 -6.14 10.03
HQ12 2MR B . -0.52 -7.13 8.67
HQ13 2MR B . -1.49 -7.10 10.14
HH2 2MR B . 2.92 -8.98 8.45
HQ21 2MR B . 1.02 -7.71 7.09
HQ22 2MR B . 1.59 -6.49 8.24
HQ23 2MR B . 2.73 -7.25 7.12
HH1 2MR B . -0.14 -8.53 11.11
N ASN A 1 10.23 3.61 -7.49
CA ASN A 1 9.73 3.08 -8.75
C ASN A 1 8.86 4.12 -9.42
N THR A 2 9.33 4.64 -10.52
CA THR A 2 8.60 5.65 -11.22
C THR A 2 8.35 5.20 -12.68
N ALA A 3 8.34 3.89 -12.90
CA ALA A 3 8.14 3.37 -14.24
C ALA A 3 6.92 2.42 -14.34
N ALA A 4 6.47 1.89 -13.22
CA ALA A 4 5.40 0.88 -13.26
C ALA A 4 4.03 1.46 -12.89
N SER A 5 3.92 2.79 -12.88
CA SER A 5 2.70 3.50 -12.49
C SER A 5 2.38 3.21 -11.01
N LEU A 6 3.44 2.91 -10.29
CA LEU A 6 3.42 2.50 -8.91
C LEU A 6 3.40 3.74 -7.98
N GLN A 7 3.39 4.88 -8.57
CA GLN A 7 3.31 6.11 -7.77
C GLN A 7 1.89 6.64 -7.76
N GLN A 8 0.99 5.86 -8.31
CA GLN A 8 -0.41 6.19 -8.34
C GLN A 8 -1.24 4.93 -8.10
N TRP A 9 -2.13 5.01 -7.15
CA TRP A 9 -2.95 3.89 -6.75
C TRP A 9 -4.35 4.37 -6.53
N LYS A 10 -5.30 3.46 -6.45
CA LYS A 10 -6.67 3.84 -6.17
C LYS A 10 -7.23 2.96 -5.06
N VAL A 11 -8.21 3.47 -4.36
CA VAL A 11 -8.82 2.75 -3.26
C VAL A 11 -9.46 1.46 -3.75
N GLY A 12 -9.12 0.37 -3.11
CA GLY A 12 -9.69 -0.91 -3.44
C GLY A 12 -8.76 -1.75 -4.25
N ASP A 13 -7.56 -1.29 -4.44
CA ASP A 13 -6.57 -2.04 -5.17
C ASP A 13 -5.59 -2.65 -4.24
N LYS A 14 -5.06 -3.77 -4.62
CA LYS A 14 -4.12 -4.48 -3.80
C LYS A 14 -2.73 -4.02 -4.08
N CYS A 15 -1.90 -4.11 -3.09
CA CYS A 15 -0.55 -3.68 -3.16
C CYS A 15 0.27 -4.43 -2.13
N SER A 16 1.45 -3.99 -1.92
CA SER A 16 2.30 -4.47 -0.88
C SER A 16 2.82 -3.30 -0.11
N ALA A 17 2.98 -3.48 1.15
CA ALA A 17 3.42 -2.44 2.00
C ALA A 17 4.46 -2.95 2.95
N ILE A 18 5.21 -2.05 3.49
CA ILE A 18 6.22 -2.36 4.45
C ILE A 18 5.65 -2.21 5.83
N TRP A 19 5.47 -3.33 6.48
CA TRP A 19 4.93 -3.34 7.81
C TRP A 19 5.90 -2.67 8.69
N SER A 20 5.47 -1.64 9.34
CA SER A 20 6.32 -0.81 10.17
C SER A 20 6.92 -1.63 11.30
N GLU A 21 6.26 -2.72 11.62
CA GLU A 21 6.60 -3.53 12.74
C GLU A 21 7.77 -4.48 12.44
N ASP A 22 7.77 -5.09 11.28
CA ASP A 22 8.89 -6.00 10.94
C ASP A 22 9.81 -5.37 9.93
N GLY A 23 9.35 -4.31 9.29
CA GLY A 23 10.12 -3.62 8.26
C GLY A 23 10.11 -4.39 6.95
N CYS A 24 9.42 -5.49 6.97
CA CYS A 24 9.33 -6.40 5.91
C CYS A 24 8.13 -6.09 4.98
N ILE A 25 8.16 -6.67 3.80
CA ILE A 25 7.13 -6.49 2.80
C ILE A 25 6.02 -7.51 3.00
N TYR A 26 4.81 -7.05 2.96
CA TYR A 26 3.64 -7.89 3.11
C TYR A 26 2.52 -7.39 2.20
N PRO A 27 1.61 -8.29 1.77
CA PRO A 27 0.48 -7.91 0.92
C PRO A 27 -0.57 -7.10 1.69
N ALA A 28 -1.03 -6.02 1.09
CA ALA A 28 -2.00 -5.17 1.71
C ALA A 28 -2.91 -4.59 0.67
N THR A 29 -4.09 -4.25 1.03
CA THR A 29 -5.04 -3.72 0.10
C THR A 29 -5.41 -2.29 0.52
N ILE A 30 -5.45 -1.40 -0.45
CA ILE A 30 -5.73 0.01 -0.21
C ILE A 30 -7.16 0.22 0.29
N ALA A 31 -7.26 0.75 1.49
CA ALA A 31 -8.54 0.99 2.12
C ALA A 31 -8.99 2.42 1.90
N SER A 32 -8.05 3.36 1.93
CA SER A 32 -8.36 4.78 1.72
C SER A 32 -7.08 5.49 1.28
N ILE A 33 -7.19 6.57 0.52
CA ILE A 33 -6.06 7.34 0.07
C ILE A 33 -6.27 8.80 0.43
N ASP A 34 -5.26 9.41 0.97
CA ASP A 34 -5.28 10.82 1.25
C ASP A 34 -4.36 11.46 0.27
N PHE A 35 -4.92 12.08 -0.73
CA PHE A 35 -4.17 12.65 -1.82
C PHE A 35 -3.40 13.88 -1.40
N LYS A 36 -3.80 14.47 -0.28
CA LYS A 36 -3.14 15.66 0.22
C LYS A 36 -1.78 15.28 0.81
N ARG A 37 -1.74 14.14 1.49
CA ARG A 37 -0.51 13.67 2.11
C ARG A 37 0.22 12.72 1.19
N GLU A 38 -0.43 12.37 0.09
CA GLU A 38 0.08 11.38 -0.87
C GLU A 38 0.24 10.02 -0.20
N THR A 39 -0.55 9.79 0.82
CA THR A 39 -0.47 8.58 1.55
C THR A 39 -1.79 7.83 1.48
N CYS A 40 -1.77 6.60 1.85
CA CYS A 40 -2.94 5.79 1.85
C CYS A 40 -2.88 4.79 2.96
N VAL A 41 -4.00 4.40 3.42
CA VAL A 41 -4.10 3.40 4.43
C VAL A 41 -4.36 2.08 3.75
N VAL A 42 -3.61 1.10 4.12
CA VAL A 42 -3.74 -0.19 3.53
C VAL A 42 -4.01 -1.20 4.60
N VAL A 43 -4.75 -2.19 4.27
CA VAL A 43 -5.08 -3.25 5.16
C VAL A 43 -4.32 -4.48 4.76
N TYR A 44 -3.56 -5.00 5.67
CA TYR A 44 -2.75 -6.16 5.42
C TYR A 44 -3.62 -7.37 5.30
N THR A 45 -3.60 -7.89 4.13
CA THR A 45 -4.42 -8.96 3.73
C THR A 45 -4.10 -10.23 4.53
N GLY A 46 -5.14 -10.83 5.08
CA GLY A 46 -4.99 -12.05 5.83
C GLY A 46 -4.67 -11.79 7.29
N TYR A 47 -4.30 -10.58 7.59
CA TYR A 47 -3.97 -10.22 8.95
C TYR A 47 -5.02 -9.32 9.53
N GLY A 48 -5.44 -8.34 8.76
CA GLY A 48 -6.50 -7.48 9.21
C GLY A 48 -6.01 -6.20 9.84
N ASN A 49 -4.73 -5.91 9.74
CA ASN A 49 -4.22 -4.66 10.29
C ASN A 49 -4.24 -3.62 9.24
N ARG A 50 -4.12 -2.40 9.63
CA ARG A 50 -4.18 -1.31 8.71
C ARG A 50 -3.07 -0.34 9.03
N GLU A 51 -2.44 0.15 8.05
CA GLU A 51 -1.33 1.00 8.22
C GLU A 51 -1.31 2.05 7.12
N GLU A 52 -0.75 3.20 7.43
CA GLU A 52 -0.73 4.29 6.49
C GLU A 52 0.65 4.36 5.87
N GLN A 53 0.66 4.25 4.59
CA GLN A 53 1.85 4.19 3.81
C GLN A 53 1.76 5.22 2.72
N ASN A 54 2.85 5.54 2.13
CA ASN A 54 2.88 6.51 1.05
C ASN A 54 2.58 5.79 -0.22
N LEU A 55 1.89 6.44 -1.10
CA LEU A 55 1.55 5.89 -2.41
C LEU A 55 2.80 5.48 -3.18
N SER A 56 3.81 6.31 -3.10
CA SER A 56 5.06 6.06 -3.79
C SER A 56 5.95 5.09 -2.98
N ASP A 57 5.52 4.76 -1.77
CA ASP A 57 6.31 3.87 -0.91
C ASP A 57 5.70 2.49 -0.94
N LEU A 58 4.56 2.40 -1.62
CA LEU A 58 3.90 1.13 -1.81
C LEU A 58 4.71 0.27 -2.73
N LEU A 59 4.29 -0.95 -2.85
CA LEU A 59 4.97 -1.93 -3.65
C LEU A 59 3.94 -2.74 -4.39
N SER A 60 4.36 -3.43 -5.41
CA SER A 60 3.47 -4.27 -6.18
C SER A 60 3.02 -5.45 -5.32
N PRO A 61 1.72 -5.81 -5.38
CA PRO A 61 1.12 -6.80 -4.51
C PRO A 61 1.70 -8.20 -4.61
N ILE A 62 1.79 -8.83 -3.46
CA ILE A 62 2.26 -10.20 -3.35
C ILE A 62 1.05 -11.11 -3.41
N CYS A 63 1.28 -12.40 -3.76
CA CYS A 63 0.27 -13.44 -3.89
C CYS A 63 -0.54 -13.21 -5.16
N GLU A 64 -0.03 -12.32 -5.98
CA GLU A 64 -0.61 -12.00 -7.24
C GLU A 64 0.18 -12.68 -8.32
N 2MR B . 5.79 -10.81 12.96
CA 2MR B . 4.35 -11.00 13.02
CB 2MR B . 3.84 -11.52 11.68
CG 2MR B . 2.35 -11.81 11.60
CD 2MR B . 1.59 -10.54 11.36
NE 2MR B . 2.04 -9.91 10.13
CZ 2MR B . 1.50 -8.87 9.56
NH1 2MR B . 0.41 -8.30 10.16
CQ1 2MR B . -0.42 -7.14 9.77
NH2 2MR B . 2.09 -8.39 8.46
CQ2 2MR B . 1.77 -7.28 7.61
C 2MR B . 4.04 -12.00 14.10
O 2MR B . 3.32 -11.66 15.05
OXT 2MR B . 4.54 -13.14 14.03
H2 2MR B . 6.13 -10.47 13.88
H 2MR B . 6.25 -11.72 12.76
H3 2MR B . 6.09 -10.12 12.23
HA 2MR B . 3.87 -10.06 13.26
HB2 2MR B . 4.41 -12.37 11.33
HB3 2MR B . 3.98 -10.66 11.02
HG2 2MR B . 2.02 -12.25 12.51
HG3 2MR B . 2.16 -12.48 10.77
HD2 2MR B . 1.74 -9.84 12.18
HD3 2MR B . 0.54 -10.76 11.27
HE 2MR B . 2.82 -10.35 9.70
HQ11 2MR B . 0.14 -6.23 9.94
HQ12 2MR B . -0.68 -7.23 8.73
HQ13 2MR B . -1.33 -7.13 10.37
HH2 2MR B . 2.92 -8.84 8.11
HQ21 2MR B . 1.57 -6.41 8.22
HQ22 2MR B . 2.59 -7.07 6.96
HQ23 2MR B . 0.89 -7.51 7.03
HH1 2MR B . 0.05 -8.72 11.00
N ASN A 1 5.62 14.58 -12.26
CA ASN A 1 6.81 13.82 -11.90
C ASN A 1 6.51 12.36 -11.99
N THR A 2 6.94 11.73 -13.05
CA THR A 2 6.70 10.32 -13.20
C THR A 2 7.93 9.63 -13.76
N ALA A 3 8.69 9.02 -12.89
CA ALA A 3 9.84 8.23 -13.30
C ALA A 3 9.50 6.77 -13.16
N ALA A 4 8.37 6.49 -12.53
CA ALA A 4 7.89 5.16 -12.34
C ALA A 4 6.40 5.20 -12.18
N SER A 5 5.74 4.10 -12.45
CA SER A 5 4.30 3.99 -12.36
C SER A 5 3.92 3.44 -10.97
N LEU A 6 4.81 3.63 -10.03
CA LEU A 6 4.67 3.13 -8.70
C LEU A 6 4.29 4.26 -7.75
N GLN A 7 3.53 5.21 -8.26
CA GLN A 7 3.16 6.36 -7.45
C GLN A 7 1.68 6.40 -7.16
N GLN A 8 0.90 6.24 -8.17
CA GLN A 8 -0.53 6.37 -8.05
C GLN A 8 -1.22 5.04 -7.96
N TRP A 9 -2.15 4.98 -7.05
CA TRP A 9 -2.90 3.79 -6.73
C TRP A 9 -4.35 4.18 -6.61
N LYS A 10 -5.23 3.20 -6.62
CA LYS A 10 -6.63 3.48 -6.41
C LYS A 10 -7.10 2.79 -5.15
N VAL A 11 -8.09 3.36 -4.54
CA VAL A 11 -8.71 2.78 -3.37
C VAL A 11 -9.36 1.47 -3.77
N GLY A 12 -9.06 0.43 -3.05
CA GLY A 12 -9.62 -0.85 -3.36
C GLY A 12 -8.73 -1.64 -4.25
N ASP A 13 -7.45 -1.32 -4.24
CA ASP A 13 -6.50 -2.09 -5.00
C ASP A 13 -5.55 -2.75 -4.06
N LYS A 14 -5.06 -3.87 -4.44
CA LYS A 14 -4.09 -4.59 -3.70
C LYS A 14 -2.72 -4.07 -4.02
N CYS A 15 -1.88 -4.14 -3.05
CA CYS A 15 -0.55 -3.68 -3.16
C CYS A 15 0.29 -4.38 -2.10
N SER A 16 1.44 -3.91 -1.90
CA SER A 16 2.31 -4.40 -0.89
C SER A 16 2.84 -3.23 -0.12
N ALA A 17 2.97 -3.39 1.15
CA ALA A 17 3.43 -2.35 1.99
C ALA A 17 4.48 -2.86 2.93
N ILE A 18 5.25 -1.96 3.45
CA ILE A 18 6.28 -2.28 4.39
C ILE A 18 5.74 -2.11 5.78
N TRP A 19 5.53 -3.22 6.43
CA TRP A 19 5.01 -3.22 7.75
C TRP A 19 6.01 -2.63 8.64
N SER A 20 5.62 -1.62 9.34
CA SER A 20 6.50 -0.90 10.21
C SER A 20 7.04 -1.76 11.34
N GLU A 21 6.34 -2.83 11.63
CA GLU A 21 6.68 -3.67 12.74
C GLU A 21 7.76 -4.70 12.39
N ASP A 22 7.74 -5.24 11.19
CA ASP A 22 8.81 -6.19 10.80
C ASP A 22 9.75 -5.57 9.80
N GLY A 23 9.30 -4.51 9.20
CA GLY A 23 10.09 -3.81 8.18
C GLY A 23 10.06 -4.54 6.84
N CYS A 24 9.34 -5.64 6.83
CA CYS A 24 9.23 -6.50 5.72
C CYS A 24 8.05 -6.12 4.82
N ILE A 25 8.02 -6.69 3.64
CA ILE A 25 6.96 -6.46 2.69
C ILE A 25 5.85 -7.45 2.90
N TYR A 26 4.65 -6.98 2.93
CA TYR A 26 3.50 -7.81 3.10
C TYR A 26 2.38 -7.35 2.19
N PRO A 27 1.48 -8.27 1.76
CA PRO A 27 0.36 -7.93 0.91
C PRO A 27 -0.68 -7.11 1.66
N ALA A 28 -1.12 -6.07 1.05
CA ALA A 28 -2.09 -5.20 1.65
C ALA A 28 -3.02 -4.65 0.60
N THR A 29 -4.17 -4.25 1.01
CA THR A 29 -5.12 -3.71 0.09
C THR A 29 -5.45 -2.29 0.54
N ILE A 30 -5.49 -1.38 -0.40
CA ILE A 30 -5.72 0.02 -0.12
C ILE A 30 -7.16 0.25 0.32
N ALA A 31 -7.32 0.83 1.48
CA ALA A 31 -8.63 1.07 2.04
C ALA A 31 -9.08 2.49 1.75
N SER A 32 -8.16 3.43 1.76
CA SER A 32 -8.44 4.83 1.47
C SER A 32 -7.13 5.51 1.12
N ILE A 33 -7.19 6.52 0.29
CA ILE A 33 -6.03 7.27 -0.13
C ILE A 33 -6.23 8.73 0.16
N ASP A 34 -5.28 9.33 0.81
CA ASP A 34 -5.31 10.72 1.08
C ASP A 34 -4.34 11.38 0.15
N PHE A 35 -4.85 11.99 -0.89
CA PHE A 35 -4.02 12.60 -1.91
C PHE A 35 -3.39 13.89 -1.42
N LYS A 36 -3.86 14.39 -0.31
CA LYS A 36 -3.34 15.60 0.28
C LYS A 36 -1.98 15.33 0.91
N ARG A 37 -1.86 14.18 1.55
CA ARG A 37 -0.60 13.77 2.15
C ARG A 37 0.14 12.79 1.26
N GLU A 38 -0.54 12.37 0.19
CA GLU A 38 -0.02 11.37 -0.76
C GLU A 38 0.22 10.05 -0.06
N THR A 39 -0.58 9.80 0.95
CA THR A 39 -0.48 8.59 1.69
C THR A 39 -1.80 7.85 1.59
N CYS A 40 -1.79 6.62 1.96
CA CYS A 40 -2.98 5.82 1.93
C CYS A 40 -2.94 4.82 3.03
N VAL A 41 -4.08 4.41 3.48
CA VAL A 41 -4.17 3.40 4.47
C VAL A 41 -4.40 2.10 3.77
N VAL A 42 -3.64 1.11 4.12
CA VAL A 42 -3.75 -0.17 3.53
C VAL A 42 -4.02 -1.19 4.62
N VAL A 43 -4.76 -2.17 4.28
CA VAL A 43 -5.09 -3.24 5.16
C VAL A 43 -4.31 -4.46 4.77
N TYR A 44 -3.50 -4.94 5.67
CA TYR A 44 -2.68 -6.09 5.44
C TYR A 44 -3.53 -7.31 5.32
N THR A 45 -3.51 -7.86 4.14
CA THR A 45 -4.35 -8.91 3.77
C THR A 45 -4.02 -10.20 4.53
N GLY A 46 -5.04 -10.80 5.11
CA GLY A 46 -4.87 -12.01 5.86
C GLY A 46 -4.63 -11.73 7.32
N TYR A 47 -4.16 -10.54 7.63
CA TYR A 47 -3.86 -10.21 9.00
C TYR A 47 -4.98 -9.38 9.58
N GLY A 48 -5.31 -8.31 8.88
CA GLY A 48 -6.38 -7.47 9.35
C GLY A 48 -5.93 -6.17 9.95
N ASN A 49 -4.66 -5.83 9.80
CA ASN A 49 -4.19 -4.53 10.31
C ASN A 49 -4.24 -3.53 9.24
N ARG A 50 -4.20 -2.31 9.63
CA ARG A 50 -4.24 -1.24 8.71
C ARG A 50 -3.16 -0.26 9.08
N GLU A 51 -2.46 0.20 8.10
CA GLU A 51 -1.37 1.09 8.29
C GLU A 51 -1.35 2.11 7.18
N GLU A 52 -0.84 3.30 7.46
CA GLU A 52 -0.84 4.37 6.51
C GLU A 52 0.54 4.50 5.91
N GLN A 53 0.60 4.27 4.64
CA GLN A 53 1.82 4.21 3.90
C GLN A 53 1.77 5.26 2.81
N ASN A 54 2.89 5.56 2.26
CA ASN A 54 2.96 6.53 1.18
C ASN A 54 2.70 5.82 -0.10
N LEU A 55 1.97 6.45 -0.97
CA LEU A 55 1.65 5.91 -2.30
C LEU A 55 2.91 5.54 -3.07
N SER A 56 3.92 6.38 -2.96
CA SER A 56 5.17 6.17 -3.66
C SER A 56 6.05 5.18 -2.90
N ASP A 57 5.62 4.77 -1.72
CA ASP A 57 6.40 3.83 -0.91
C ASP A 57 5.76 2.46 -0.98
N LEU A 58 4.59 2.42 -1.58
CA LEU A 58 3.90 1.18 -1.80
C LEU A 58 4.67 0.35 -2.78
N LEU A 59 4.34 -0.89 -2.82
CA LEU A 59 5.01 -1.84 -3.64
C LEU A 59 3.99 -2.65 -4.39
N SER A 60 4.40 -3.33 -5.43
CA SER A 60 3.48 -4.13 -6.20
C SER A 60 2.98 -5.31 -5.38
N PRO A 61 1.69 -5.66 -5.50
CA PRO A 61 1.04 -6.65 -4.64
C PRO A 61 1.64 -8.02 -4.70
N ILE A 62 1.66 -8.65 -3.57
CA ILE A 62 2.06 -10.00 -3.44
C ILE A 62 0.77 -10.79 -3.57
N CYS A 63 0.83 -11.85 -4.28
CA CYS A 63 -0.35 -12.62 -4.58
C CYS A 63 -0.04 -14.09 -4.41
N GLU A 64 0.96 -14.36 -3.64
CA GLU A 64 1.42 -15.71 -3.42
C GLU A 64 0.80 -16.23 -2.15
N 2MR B . 5.88 -10.23 13.33
CA 2MR B . 4.44 -10.46 13.42
CB 2MR B . 3.92 -11.13 12.13
CG 2MR B . 2.42 -11.41 12.08
CD 2MR B . 1.64 -10.15 11.75
NE 2MR B . 2.07 -9.62 10.45
CZ 2MR B . 1.51 -8.61 9.80
NH1 2MR B . 0.42 -8.01 10.36
CQ1 2MR B . -0.41 -6.89 9.91
NH2 2MR B . 2.08 -8.25 8.63
CQ2 2MR B . 1.73 -7.22 7.69
C 2MR B . 4.19 -11.33 14.61
O 2MR B . 3.46 -10.91 15.53
OXT 2MR B . 4.74 -12.43 14.64
H2 2MR B . 6.20 -9.75 14.19
H 2MR B . 6.37 -11.15 13.30
H3 2MR B . 6.17 -9.69 12.48
HA 2MR B . 3.94 -9.52 13.57
HB2 2MR B . 4.49 -12.02 11.90
HB3 2MR B . 4.08 -10.36 11.38
HG2 2MR B . 2.10 -11.77 13.05
HG3 2MR B . 2.22 -12.15 11.33
HD2 2MR B . 1.82 -9.40 12.51
HD3 2MR B . 0.59 -10.38 11.70
HE 2MR B . 2.84 -10.09 10.05
HQ11 2MR B . 0.14 -5.97 9.97
HQ12 2MR B . -0.70 -7.07 8.88
HQ13 2MR B . -1.29 -6.83 10.53
HH2 2MR B . 2.89 -8.74 8.30
HQ21 2MR B . 1.27 -6.40 8.20
HQ22 2MR B . 2.63 -6.87 7.19
HQ23 2MR B . 1.03 -7.62 6.95
HH1 2MR B . 0.10 -8.33 11.26
N ASN A 1 10.23 5.05 -15.93
CA ASN A 1 9.14 4.67 -16.84
C ASN A 1 7.94 4.24 -16.03
N THR A 2 6.80 4.77 -16.35
CA THR A 2 5.60 4.43 -15.70
C THR A 2 4.95 3.23 -16.42
N ALA A 3 5.36 2.04 -16.02
CA ALA A 3 4.88 0.80 -16.62
C ALA A 3 3.77 0.19 -15.77
N ALA A 4 3.63 0.72 -14.59
CA ALA A 4 2.62 0.31 -13.67
C ALA A 4 2.20 1.53 -12.90
N SER A 5 1.06 1.49 -12.28
CA SER A 5 0.61 2.59 -11.49
C SER A 5 1.23 2.49 -10.11
N LEU A 6 2.43 2.99 -9.99
CA LEU A 6 3.17 2.89 -8.77
C LEU A 6 3.35 4.29 -8.18
N GLN A 7 2.82 5.24 -8.88
CA GLN A 7 2.86 6.62 -8.42
C GLN A 7 1.47 7.06 -8.01
N GLN A 8 0.47 6.37 -8.51
CA GLN A 8 -0.89 6.64 -8.16
C GLN A 8 -1.64 5.34 -8.06
N TRP A 9 -2.39 5.22 -7.04
CA TRP A 9 -3.10 4.02 -6.72
C TRP A 9 -4.53 4.38 -6.48
N LYS A 10 -5.41 3.41 -6.46
CA LYS A 10 -6.80 3.71 -6.18
C LYS A 10 -7.26 2.83 -5.02
N VAL A 11 -8.25 3.30 -4.29
CA VAL A 11 -8.81 2.56 -3.20
C VAL A 11 -9.43 1.28 -3.71
N GLY A 12 -9.08 0.18 -3.10
CA GLY A 12 -9.58 -1.09 -3.56
C GLY A 12 -8.54 -1.88 -4.31
N ASP A 13 -7.34 -1.35 -4.38
CA ASP A 13 -6.24 -2.05 -5.05
C ASP A 13 -5.39 -2.73 -4.03
N LYS A 14 -5.03 -3.94 -4.33
CA LYS A 14 -4.09 -4.65 -3.56
C LYS A 14 -2.70 -4.23 -3.95
N CYS A 15 -1.87 -4.18 -2.99
CA CYS A 15 -0.53 -3.77 -3.15
C CYS A 15 0.29 -4.42 -2.06
N SER A 16 1.47 -3.98 -1.90
CA SER A 16 2.33 -4.42 -0.85
C SER A 16 2.86 -3.24 -0.11
N ALA A 17 3.03 -3.38 1.17
CA ALA A 17 3.50 -2.32 2.01
C ALA A 17 4.52 -2.85 2.97
N ILE A 18 5.32 -1.96 3.52
CA ILE A 18 6.32 -2.31 4.48
C ILE A 18 5.75 -2.14 5.87
N TRP A 19 5.53 -3.24 6.53
CA TRP A 19 4.99 -3.25 7.85
C TRP A 19 5.97 -2.66 8.78
N SER A 20 5.56 -1.68 9.50
CA SER A 20 6.40 -0.97 10.40
C SER A 20 6.90 -1.83 11.54
N GLU A 21 6.20 -2.90 11.80
CA GLU A 21 6.53 -3.75 12.91
C GLU A 21 7.64 -4.76 12.58
N ASP A 22 7.61 -5.35 11.39
CA ASP A 22 8.69 -6.30 11.03
C ASP A 22 9.64 -5.69 10.04
N GLY A 23 9.20 -4.63 9.41
CA GLY A 23 10.02 -3.93 8.43
C GLY A 23 10.01 -4.64 7.09
N CYS A 24 9.29 -5.72 7.03
CA CYS A 24 9.20 -6.55 5.91
C CYS A 24 8.06 -6.13 4.98
N ILE A 25 8.04 -6.70 3.80
CA ILE A 25 7.03 -6.45 2.82
C ILE A 25 5.90 -7.41 3.03
N TYR A 26 4.69 -6.93 2.98
CA TYR A 26 3.53 -7.76 3.13
C TYR A 26 2.41 -7.26 2.21
N PRO A 27 1.51 -8.16 1.77
CA PRO A 27 0.38 -7.80 0.92
C PRO A 27 -0.66 -6.99 1.68
N ALA A 28 -1.15 -5.95 1.09
CA ALA A 28 -2.11 -5.11 1.71
C ALA A 28 -3.03 -4.50 0.68
N THR A 29 -4.21 -4.16 1.07
CA THR A 29 -5.16 -3.57 0.15
C THR A 29 -5.42 -2.14 0.57
N ILE A 30 -5.43 -1.24 -0.37
CA ILE A 30 -5.67 0.16 -0.13
C ILE A 30 -7.11 0.39 0.33
N ALA A 31 -7.25 0.84 1.54
CA ALA A 31 -8.55 1.07 2.15
C ALA A 31 -8.99 2.52 1.96
N SER A 32 -8.05 3.44 1.98
CA SER A 32 -8.35 4.85 1.77
C SER A 32 -7.08 5.55 1.33
N ILE A 33 -7.20 6.57 0.52
CA ILE A 33 -6.07 7.33 0.05
C ILE A 33 -6.27 8.79 0.40
N ASP A 34 -5.25 9.37 0.94
CA ASP A 34 -5.23 10.75 1.25
C ASP A 34 -4.30 11.38 0.26
N PHE A 35 -4.86 11.93 -0.77
CA PHE A 35 -4.07 12.47 -1.87
C PHE A 35 -3.36 13.74 -1.49
N LYS A 36 -3.78 14.32 -0.38
CA LYS A 36 -3.19 15.55 0.11
C LYS A 36 -1.81 15.26 0.68
N ARG A 37 -1.70 14.16 1.40
CA ARG A 37 -0.43 13.75 1.98
C ARG A 37 0.27 12.77 1.06
N GLU A 38 -0.46 12.36 0.02
CA GLU A 38 -0.01 11.36 -0.96
C GLU A 38 0.21 10.01 -0.27
N THR A 39 -0.54 9.79 0.77
CA THR A 39 -0.45 8.58 1.52
C THR A 39 -1.76 7.85 1.45
N CYS A 40 -1.76 6.63 1.85
CA CYS A 40 -2.93 5.83 1.88
C CYS A 40 -2.87 4.84 3.00
N VAL A 41 -4.00 4.47 3.49
CA VAL A 41 -4.09 3.48 4.50
C VAL A 41 -4.35 2.17 3.82
N VAL A 42 -3.59 1.18 4.18
CA VAL A 42 -3.74 -0.10 3.58
C VAL A 42 -4.02 -1.13 4.67
N VAL A 43 -4.79 -2.10 4.32
CA VAL A 43 -5.15 -3.17 5.21
C VAL A 43 -4.38 -4.39 4.80
N TYR A 44 -3.57 -4.88 5.68
CA TYR A 44 -2.75 -6.02 5.43
C TYR A 44 -3.58 -7.25 5.26
N THR A 45 -3.59 -7.71 4.06
CA THR A 45 -4.37 -8.79 3.65
C THR A 45 -3.84 -10.09 4.25
N GLY A 46 -4.74 -10.82 4.83
CA GLY A 46 -4.39 -12.04 5.47
C GLY A 46 -4.22 -11.87 6.95
N TYR A 47 -4.13 -10.62 7.40
CA TYR A 47 -3.94 -10.35 8.81
C TYR A 47 -5.08 -9.57 9.40
N GLY A 48 -5.39 -8.43 8.80
CA GLY A 48 -6.46 -7.61 9.30
C GLY A 48 -6.00 -6.34 10.01
N ASN A 49 -4.75 -5.93 9.79
CA ASN A 49 -4.31 -4.64 10.36
C ASN A 49 -4.33 -3.61 9.29
N ARG A 50 -4.18 -2.38 9.68
CA ARG A 50 -4.16 -1.29 8.75
C ARG A 50 -3.08 -0.30 9.13
N GLU A 51 -2.40 0.20 8.14
CA GLU A 51 -1.27 1.06 8.31
C GLU A 51 -1.24 2.08 7.17
N GLU A 52 -0.69 3.24 7.43
CA GLU A 52 -0.66 4.30 6.44
C GLU A 52 0.70 4.36 5.82
N GLN A 53 0.72 4.24 4.53
CA GLN A 53 1.91 4.19 3.73
C GLN A 53 1.78 5.20 2.61
N ASN A 54 2.86 5.55 1.99
CA ASN A 54 2.84 6.52 0.90
C ASN A 54 2.52 5.82 -0.38
N LEU A 55 1.82 6.48 -1.25
CA LEU A 55 1.50 5.96 -2.58
C LEU A 55 2.79 5.70 -3.36
N SER A 56 3.76 6.54 -3.11
CA SER A 56 5.07 6.46 -3.71
C SER A 56 5.91 5.33 -3.08
N ASP A 57 5.49 4.87 -1.92
CA ASP A 57 6.26 3.88 -1.15
C ASP A 57 5.61 2.51 -1.24
N LEU A 58 4.46 2.46 -1.88
CA LEU A 58 3.76 1.22 -2.07
C LEU A 58 4.51 0.32 -3.02
N LEU A 59 4.19 -0.92 -2.97
CA LEU A 59 4.85 -1.92 -3.75
C LEU A 59 3.82 -2.79 -4.43
N SER A 60 4.23 -3.54 -5.42
CA SER A 60 3.37 -4.44 -6.13
C SER A 60 2.93 -5.61 -5.20
N PRO A 61 1.64 -6.00 -5.25
CA PRO A 61 1.06 -6.96 -4.31
C PRO A 61 1.60 -8.37 -4.40
N ILE A 62 1.64 -9.01 -3.27
CA ILE A 62 2.03 -10.39 -3.17
C ILE A 62 0.76 -11.19 -3.06
N CYS A 63 0.74 -12.32 -3.67
CA CYS A 63 -0.39 -13.20 -3.63
C CYS A 63 0.11 -14.60 -3.43
N GLU A 64 -0.22 -15.16 -2.32
CA GLU A 64 0.16 -16.50 -2.00
C GLU A 64 -1.01 -17.40 -2.29
N 2MR B . 5.59 -10.52 13.42
CA 2MR B . 4.13 -10.61 13.46
CB 2MR B . 3.62 -11.24 12.17
CG 2MR B . 2.10 -11.44 12.09
CD 2MR B . 1.40 -10.15 11.75
NE 2MR B . 1.89 -9.64 10.47
CZ 2MR B . 1.36 -8.64 9.79
NH1 2MR B . 0.25 -8.04 10.29
CQ1 2MR B . -0.57 -6.94 9.78
NH2 2MR B . 2.00 -8.27 8.66
CQ2 2MR B . 1.68 -7.23 7.70
C 2MR B . 3.74 -11.44 14.65
O 2MR B . 3.03 -10.93 15.52
OXT 2MR B . 4.14 -12.60 14.72
H2 2MR B . 5.93 -10.08 14.29
H 2MR B . 5.97 -11.49 13.35
H3 2MR B . 5.94 -9.97 12.60
HA 2MR B . 3.72 -9.62 13.58
HB2 2MR B . 4.13 -12.15 11.95
HB3 2MR B . 3.83 -10.48 11.42
HG2 2MR B . 1.75 -11.80 13.06
HG3 2MR B . 1.89 -12.17 11.33
HD2 2MR B . 1.58 -9.42 12.53
HD3 2MR B . 0.34 -10.34 11.67
HE 2MR B . 2.69 -10.09 10.12
HQ11 2MR B . -0.02 -6.01 9.85
HQ12 2MR B . -0.82 -7.13 8.75
HQ13 2MR B . -1.48 -6.87 10.36
HH2 2MR B . 2.82 -8.74 8.37
HQ21 2MR B . 2.50 -7.11 7.02
HQ22 2MR B . 0.80 -7.52 7.14
HQ23 2MR B . 1.50 -6.30 8.21
HH1 2MR B . -0.12 -8.35 11.17
N ASN A 1 1.13 10.56 -17.83
CA ASN A 1 2.26 10.81 -18.73
C ASN A 1 3.43 9.88 -18.42
N THR A 2 3.77 9.71 -17.17
CA THR A 2 4.84 8.83 -16.81
C THR A 2 4.38 7.37 -16.87
N ALA A 3 5.31 6.50 -17.20
CA ALA A 3 5.05 5.09 -17.26
C ALA A 3 5.04 4.52 -15.87
N ALA A 4 5.65 5.24 -14.96
CA ALA A 4 5.70 4.84 -13.59
C ALA A 4 4.50 5.40 -12.87
N SER A 5 3.48 4.62 -12.84
CA SER A 5 2.25 4.99 -12.19
C SER A 5 2.14 4.25 -10.86
N LEU A 6 3.29 3.99 -10.27
CA LEU A 6 3.40 3.27 -9.02
C LEU A 6 3.29 4.30 -7.87
N GLN A 7 3.11 5.52 -8.28
CA GLN A 7 2.86 6.64 -7.39
C GLN A 7 1.37 6.98 -7.43
N GLN A 8 0.64 6.20 -8.19
CA GLN A 8 -0.78 6.39 -8.38
C GLN A 8 -1.49 5.10 -8.11
N TRP A 9 -2.36 5.12 -7.15
CA TRP A 9 -3.08 3.94 -6.74
C TRP A 9 -4.53 4.31 -6.54
N LYS A 10 -5.40 3.33 -6.46
CA LYS A 10 -6.79 3.60 -6.17
C LYS A 10 -7.24 2.70 -5.05
N VAL A 11 -8.21 3.14 -4.32
CA VAL A 11 -8.75 2.38 -3.22
C VAL A 11 -9.39 1.10 -3.73
N GLY A 12 -9.06 0.01 -3.11
CA GLY A 12 -9.62 -1.26 -3.49
C GLY A 12 -8.64 -2.06 -4.30
N ASP A 13 -7.44 -1.54 -4.44
CA ASP A 13 -6.42 -2.21 -5.17
C ASP A 13 -5.45 -2.81 -4.23
N LYS A 14 -4.93 -3.95 -4.58
CA LYS A 14 -3.93 -4.56 -3.80
C LYS A 14 -2.59 -3.97 -4.08
N CYS A 15 -1.76 -4.08 -3.11
CA CYS A 15 -0.43 -3.58 -3.17
C CYS A 15 0.36 -4.32 -2.12
N SER A 16 1.53 -3.88 -1.91
CA SER A 16 2.35 -4.38 -0.88
C SER A 16 2.88 -3.23 -0.07
N ALA A 17 3.00 -3.43 1.20
CA ALA A 17 3.45 -2.39 2.06
C ALA A 17 4.47 -2.92 3.02
N ILE A 18 5.25 -2.04 3.56
CA ILE A 18 6.25 -2.37 4.53
C ILE A 18 5.68 -2.21 5.91
N TRP A 19 5.50 -3.32 6.57
CA TRP A 19 4.97 -3.32 7.91
C TRP A 19 5.97 -2.71 8.81
N SER A 20 5.55 -1.73 9.52
CA SER A 20 6.39 -0.99 10.41
C SER A 20 6.98 -1.84 11.50
N GLU A 21 6.33 -2.91 11.78
CA GLU A 21 6.70 -3.75 12.86
C GLU A 21 7.82 -4.73 12.50
N ASP A 22 7.76 -5.33 11.32
CA ASP A 22 8.85 -6.26 10.92
C ASP A 22 9.76 -5.64 9.89
N GLY A 23 9.28 -4.58 9.28
CA GLY A 23 10.05 -3.91 8.25
C GLY A 23 9.99 -4.66 6.93
N CYS A 24 9.27 -5.75 6.93
CA CYS A 24 9.13 -6.62 5.82
C CYS A 24 7.97 -6.22 4.92
N ILE A 25 7.96 -6.79 3.73
CA ILE A 25 6.92 -6.53 2.76
C ILE A 25 5.80 -7.53 2.94
N TYR A 26 4.61 -7.02 3.02
CA TYR A 26 3.44 -7.84 3.19
C TYR A 26 2.36 -7.37 2.24
N PRO A 27 1.44 -8.27 1.84
CA PRO A 27 0.34 -7.93 0.95
C PRO A 27 -0.69 -7.07 1.68
N ALA A 28 -1.06 -6.00 1.09
CA ALA A 28 -1.99 -5.10 1.68
C ALA A 28 -2.89 -4.53 0.64
N THR A 29 -4.07 -4.20 1.01
CA THR A 29 -5.02 -3.67 0.10
C THR A 29 -5.36 -2.25 0.52
N ILE A 30 -5.41 -1.38 -0.43
CA ILE A 30 -5.68 0.01 -0.19
C ILE A 30 -7.10 0.20 0.35
N ALA A 31 -7.19 0.83 1.50
CA ALA A 31 -8.44 1.06 2.17
C ALA A 31 -8.92 2.48 1.97
N SER A 32 -8.00 3.43 1.97
CA SER A 32 -8.33 4.82 1.74
C SER A 32 -7.08 5.55 1.30
N ILE A 33 -7.23 6.56 0.49
CA ILE A 33 -6.11 7.34 0.00
C ILE A 33 -6.31 8.81 0.31
N ASP A 34 -5.31 9.41 0.88
CA ASP A 34 -5.29 10.82 1.11
C ASP A 34 -4.27 11.41 0.16
N PHE A 35 -4.75 12.03 -0.88
CA PHE A 35 -3.89 12.57 -1.92
C PHE A 35 -3.21 13.85 -1.48
N LYS A 36 -3.71 14.45 -0.42
CA LYS A 36 -3.15 15.68 0.09
C LYS A 36 -1.83 15.41 0.79
N ARG A 37 -1.78 14.30 1.51
CA ARG A 37 -0.59 13.87 2.19
C ARG A 37 0.18 12.90 1.33
N GLU A 38 -0.45 12.50 0.23
CA GLU A 38 0.07 11.53 -0.73
C GLU A 38 0.24 10.15 -0.06
N THR A 39 -0.54 9.91 0.95
CA THR A 39 -0.46 8.69 1.67
C THR A 39 -1.77 7.93 1.59
N CYS A 40 -1.75 6.69 1.93
CA CYS A 40 -2.92 5.88 1.91
C CYS A 40 -2.84 4.86 3.00
N VAL A 41 -3.97 4.46 3.46
CA VAL A 41 -4.06 3.46 4.46
C VAL A 41 -4.31 2.14 3.77
N VAL A 42 -3.58 1.15 4.14
CA VAL A 42 -3.71 -0.15 3.55
C VAL A 42 -3.99 -1.17 4.64
N VAL A 43 -4.74 -2.16 4.28
CA VAL A 43 -5.09 -3.24 5.15
C VAL A 43 -4.33 -4.45 4.75
N TYR A 44 -3.56 -4.97 5.66
CA TYR A 44 -2.76 -6.15 5.42
C TYR A 44 -3.63 -7.37 5.29
N THR A 45 -3.61 -7.89 4.12
CA THR A 45 -4.40 -9.01 3.75
C THR A 45 -3.99 -10.26 4.52
N GLY A 46 -4.96 -10.93 5.10
CA GLY A 46 -4.70 -12.12 5.86
C GLY A 46 -4.47 -11.82 7.32
N TYR A 47 -4.26 -10.56 7.65
CA TYR A 47 -4.01 -10.20 9.02
C TYR A 47 -5.11 -9.30 9.52
N GLY A 48 -5.43 -8.28 8.76
CA GLY A 48 -6.51 -7.40 9.12
C GLY A 48 -6.06 -6.09 9.73
N ASN A 49 -4.77 -5.82 9.74
CA ASN A 49 -4.30 -4.55 10.31
C ASN A 49 -4.30 -3.52 9.25
N ARG A 50 -4.24 -2.30 9.65
CA ARG A 50 -4.25 -1.23 8.72
C ARG A 50 -3.15 -0.27 9.10
N GLU A 51 -2.44 0.18 8.12
CA GLU A 51 -1.31 1.02 8.31
C GLU A 51 -1.26 2.03 7.17
N GLU A 52 -0.70 3.19 7.43
CA GLU A 52 -0.67 4.24 6.46
C GLU A 52 0.69 4.29 5.84
N GLN A 53 0.71 4.25 4.55
CA GLN A 53 1.92 4.22 3.76
C GLN A 53 1.79 5.27 2.67
N ASN A 54 2.88 5.65 2.08
CA ASN A 54 2.86 6.64 1.00
C ASN A 54 2.54 5.95 -0.28
N LEU A 55 1.81 6.61 -1.15
CA LEU A 55 1.45 6.08 -2.47
C LEU A 55 2.70 5.73 -3.26
N SER A 56 3.66 6.59 -3.20
CA SER A 56 4.90 6.42 -3.89
C SER A 56 5.84 5.43 -3.18
N ASP A 57 5.45 5.01 -1.98
CA ASP A 57 6.29 4.09 -1.20
C ASP A 57 5.73 2.69 -1.30
N LEU A 58 4.51 2.59 -1.80
CA LEU A 58 3.83 1.32 -1.97
C LEU A 58 4.58 0.43 -2.90
N LEU A 59 4.30 -0.81 -2.83
CA LEU A 59 4.99 -1.80 -3.59
C LEU A 59 3.98 -2.62 -4.33
N SER A 60 4.43 -3.31 -5.33
CA SER A 60 3.58 -4.14 -6.15
C SER A 60 3.05 -5.32 -5.32
N PRO A 61 1.74 -5.63 -5.45
CA PRO A 61 1.06 -6.61 -4.62
C PRO A 61 1.64 -8.01 -4.68
N ILE A 62 1.55 -8.68 -3.57
CA ILE A 62 1.94 -10.05 -3.49
C ILE A 62 0.70 -10.88 -3.71
N CYS A 63 0.88 -11.95 -4.41
CA CYS A 63 -0.17 -12.85 -4.80
C CYS A 63 -0.50 -13.83 -3.67
N GLU A 64 -0.57 -13.31 -2.48
CA GLU A 64 -0.83 -14.08 -1.31
C GLU A 64 -2.30 -13.93 -0.95
N 2MR B . 5.67 -10.19 13.40
CA 2MR B . 4.26 -10.57 13.48
CB 2MR B . 3.80 -11.17 12.16
CG 2MR B . 2.32 -11.51 12.08
CD 2MR B . 1.51 -10.27 11.77
NE 2MR B . 1.97 -9.68 10.52
CZ 2MR B . 1.40 -8.68 9.89
NH1 2MR B . 0.28 -8.12 10.43
CQ1 2MR B . -0.56 -7.01 9.98
NH2 2MR B . 2.02 -8.25 8.77
CQ2 2MR B . 1.67 -7.18 7.86
C 2MR B . 4.13 -11.55 14.58
O 2MR B . 3.38 -11.29 15.54
OXT 2MR B . 4.82 -12.57 14.53
H2 2MR B . 5.95 -9.65 12.55
H 2MR B . 5.97 -9.70 14.26
H3 2MR B . 6.21 -11.09 13.38
HA 2MR B . 3.69 -9.69 13.72
HB2 2MR B . 4.38 -12.03 11.89
HB3 2MR B . 3.94 -10.37 11.44
HG2 2MR B . 1.98 -11.91 13.02
HG3 2MR B . 2.14 -12.22 11.29
HD2 2MR B . 1.64 -9.54 12.55
HD3 2MR B . 0.46 -10.53 11.67
HE 2MR B . 2.76 -10.11 10.13
HQ11 2MR B . 0.02 -6.09 9.95
HQ12 2MR B . -0.93 -7.23 8.98
HQ13 2MR B . -1.40 -6.89 10.65
HH2 2MR B . 2.86 -8.67 8.46
HQ21 2MR B . 1.64 -6.24 8.38
HQ22 2MR B . 2.43 -7.12 7.07
HQ23 2MR B . 0.71 -7.37 7.40
HH1 2MR B . -0.10 -8.49 11.29
N ASN A 1 4.98 -3.38 -21.02
CA ASN A 1 3.63 -3.91 -20.93
C ASN A 1 2.83 -3.11 -19.93
N THR A 2 3.13 -3.30 -18.67
CA THR A 2 2.49 -2.60 -17.62
C THR A 2 3.01 -1.16 -17.62
N ALA A 3 2.10 -0.20 -17.75
CA ALA A 3 2.45 1.22 -17.80
C ALA A 3 3.05 1.69 -16.49
N ALA A 4 2.80 0.91 -15.44
CA ALA A 4 3.39 1.05 -14.12
C ALA A 4 2.92 2.29 -13.40
N SER A 5 1.95 2.10 -12.58
CA SER A 5 1.43 3.12 -11.74
C SER A 5 1.76 2.74 -10.31
N LEU A 6 2.93 3.12 -9.86
CA LEU A 6 3.38 2.73 -8.56
C LEU A 6 3.40 3.94 -7.63
N GLN A 7 3.07 5.06 -8.17
CA GLN A 7 2.93 6.28 -7.39
C GLN A 7 1.52 6.79 -7.51
N GLN A 8 0.72 6.05 -8.26
CA GLN A 8 -0.66 6.36 -8.52
C GLN A 8 -1.46 5.11 -8.23
N TRP A 9 -2.23 5.16 -7.18
CA TRP A 9 -3.00 4.01 -6.77
C TRP A 9 -4.45 4.42 -6.61
N LYS A 10 -5.35 3.45 -6.54
CA LYS A 10 -6.74 3.73 -6.30
C LYS A 10 -7.21 2.92 -5.11
N VAL A 11 -8.20 3.42 -4.44
CA VAL A 11 -8.81 2.72 -3.33
C VAL A 11 -9.47 1.45 -3.85
N GLY A 12 -9.16 0.33 -3.23
CA GLY A 12 -9.71 -0.93 -3.66
C GLY A 12 -8.73 -1.73 -4.48
N ASP A 13 -7.49 -1.29 -4.48
CA ASP A 13 -6.46 -2.00 -5.22
C ASP A 13 -5.56 -2.69 -4.24
N LYS A 14 -5.00 -3.78 -4.64
CA LYS A 14 -4.10 -4.51 -3.82
C LYS A 14 -2.70 -4.05 -4.10
N CYS A 15 -1.88 -4.14 -3.11
CA CYS A 15 -0.53 -3.71 -3.20
C CYS A 15 0.28 -4.45 -2.16
N SER A 16 1.46 -4.01 -1.97
CA SER A 16 2.31 -4.51 -0.95
C SER A 16 2.83 -3.35 -0.16
N ALA A 17 2.93 -3.52 1.12
CA ALA A 17 3.35 -2.46 1.98
C ALA A 17 4.40 -2.95 2.92
N ILE A 18 5.14 -2.04 3.48
CA ILE A 18 6.19 -2.34 4.41
C ILE A 18 5.64 -2.17 5.78
N TRP A 19 5.47 -3.27 6.46
CA TRP A 19 4.94 -3.23 7.78
C TRP A 19 5.90 -2.54 8.65
N SER A 20 5.47 -1.49 9.25
CA SER A 20 6.27 -0.64 10.05
C SER A 20 6.89 -1.35 11.23
N GLU A 21 6.32 -2.45 11.57
CA GLU A 21 6.71 -3.21 12.71
C GLU A 21 7.88 -4.14 12.41
N ASP A 22 7.83 -4.82 11.27
CA ASP A 22 8.88 -5.79 10.92
C ASP A 22 9.77 -5.28 9.82
N GLY A 23 9.31 -4.27 9.12
CA GLY A 23 10.08 -3.68 8.03
C GLY A 23 10.00 -4.49 6.76
N CYS A 24 9.27 -5.57 6.85
CA CYS A 24 9.13 -6.49 5.80
C CYS A 24 7.95 -6.14 4.90
N ILE A 25 7.94 -6.72 3.71
CA ILE A 25 6.90 -6.50 2.75
C ILE A 25 5.79 -7.51 2.97
N TYR A 26 4.60 -7.01 3.02
CA TYR A 26 3.43 -7.83 3.22
C TYR A 26 2.34 -7.38 2.27
N PRO A 27 1.44 -8.30 1.88
CA PRO A 27 0.32 -7.98 1.00
C PRO A 27 -0.71 -7.12 1.72
N ALA A 28 -1.10 -6.04 1.11
CA ALA A 28 -2.04 -5.14 1.70
C ALA A 28 -2.92 -4.53 0.65
N THR A 29 -4.12 -4.26 1.00
CA THR A 29 -5.05 -3.72 0.06
C THR A 29 -5.41 -2.29 0.47
N ILE A 30 -5.44 -1.38 -0.48
CA ILE A 30 -5.71 0.02 -0.22
C ILE A 30 -7.15 0.22 0.23
N ALA A 31 -7.31 0.74 1.41
CA ALA A 31 -8.60 0.98 1.99
C ALA A 31 -9.03 2.42 1.79
N SER A 32 -8.07 3.32 1.76
CA SER A 32 -8.32 4.73 1.55
C SER A 32 -7.03 5.42 1.11
N ILE A 33 -7.13 6.53 0.40
CA ILE A 33 -5.99 7.30 -0.04
C ILE A 33 -6.17 8.76 0.37
N ASP A 34 -5.14 9.32 0.94
CA ASP A 34 -5.16 10.71 1.31
C ASP A 34 -4.24 11.45 0.37
N PHE A 35 -4.85 12.13 -0.56
CA PHE A 35 -4.12 12.81 -1.61
C PHE A 35 -3.40 14.05 -1.09
N LYS A 36 -3.77 14.52 0.07
CA LYS A 36 -3.11 15.65 0.66
C LYS A 36 -1.73 15.26 1.18
N ARG A 37 -1.63 14.09 1.78
CA ARG A 37 -0.36 13.63 2.32
C ARG A 37 0.35 12.70 1.36
N GLU A 38 -0.32 12.34 0.26
CA GLU A 38 0.20 11.39 -0.73
C GLU A 38 0.39 10.02 -0.09
N THR A 39 -0.44 9.76 0.87
CA THR A 39 -0.39 8.53 1.60
C THR A 39 -1.72 7.80 1.46
N CYS A 40 -1.74 6.57 1.83
CA CYS A 40 -2.93 5.78 1.78
C CYS A 40 -2.92 4.76 2.89
N VAL A 41 -4.08 4.37 3.33
CA VAL A 41 -4.20 3.39 4.35
C VAL A 41 -4.42 2.06 3.67
N VAL A 42 -3.66 1.08 4.06
CA VAL A 42 -3.76 -0.21 3.48
C VAL A 42 -4.05 -1.24 4.57
N VAL A 43 -4.78 -2.24 4.23
CA VAL A 43 -5.11 -3.31 5.12
C VAL A 43 -4.31 -4.53 4.75
N TYR A 44 -3.54 -5.01 5.68
CA TYR A 44 -2.71 -6.16 5.47
C TYR A 44 -3.56 -7.39 5.38
N THR A 45 -3.53 -7.96 4.22
CA THR A 45 -4.30 -9.09 3.86
C THR A 45 -3.87 -10.32 4.67
N GLY A 46 -4.85 -10.99 5.24
CA GLY A 46 -4.59 -12.18 6.00
C GLY A 46 -4.43 -11.90 7.46
N TYR A 47 -4.12 -10.67 7.79
CA TYR A 47 -3.87 -10.31 9.16
C TYR A 47 -5.01 -9.47 9.71
N GLY A 48 -5.33 -8.41 9.02
CA GLY A 48 -6.41 -7.57 9.47
C GLY A 48 -5.95 -6.27 10.12
N ASN A 49 -4.72 -5.86 9.85
CA ASN A 49 -4.27 -4.55 10.34
C ASN A 49 -4.34 -3.56 9.24
N ARG A 50 -4.33 -2.33 9.59
CA ARG A 50 -4.38 -1.27 8.64
C ARG A 50 -3.32 -0.26 8.99
N GLU A 51 -2.61 0.19 8.02
CA GLU A 51 -1.52 1.06 8.22
C GLU A 51 -1.44 2.03 7.07
N GLU A 52 -0.94 3.22 7.32
CA GLU A 52 -0.90 4.24 6.33
C GLU A 52 0.49 4.35 5.79
N GLN A 53 0.58 4.23 4.51
CA GLN A 53 1.83 4.18 3.81
C GLN A 53 1.79 5.19 2.71
N ASN A 54 2.91 5.53 2.18
CA ASN A 54 2.99 6.52 1.11
C ASN A 54 2.71 5.82 -0.18
N LEU A 55 2.01 6.49 -1.06
CA LEU A 55 1.67 5.95 -2.39
C LEU A 55 2.92 5.53 -3.16
N SER A 56 3.95 6.35 -3.07
CA SER A 56 5.21 6.06 -3.76
C SER A 56 6.00 4.98 -3.03
N ASP A 57 5.64 4.70 -1.79
CA ASP A 57 6.39 3.76 -0.96
C ASP A 57 5.75 2.39 -1.04
N LEU A 58 4.58 2.36 -1.64
CA LEU A 58 3.87 1.13 -1.86
C LEU A 58 4.62 0.25 -2.81
N LEU A 59 4.28 -0.98 -2.83
CA LEU A 59 4.96 -1.93 -3.65
C LEU A 59 3.93 -2.72 -4.42
N SER A 60 4.35 -3.39 -5.45
CA SER A 60 3.45 -4.15 -6.29
C SER A 60 2.93 -5.36 -5.52
N PRO A 61 1.62 -5.67 -5.64
CA PRO A 61 0.98 -6.72 -4.85
C PRO A 61 1.61 -8.10 -4.99
N ILE A 62 1.64 -8.78 -3.89
CA ILE A 62 2.16 -10.12 -3.81
C ILE A 62 1.07 -11.08 -4.29
N CYS A 63 1.45 -12.20 -4.81
CA CYS A 63 0.51 -13.16 -5.30
C CYS A 63 0.75 -14.48 -4.61
N GLU A 64 -0.13 -14.83 -3.72
CA GLU A 64 -0.04 -16.07 -3.01
C GLU A 64 -1.31 -16.84 -3.20
N 2MR B . 5.69 -9.83 13.80
CA 2MR B . 4.27 -10.18 13.79
CB 2MR B . 3.88 -10.88 12.48
CG 2MR B . 2.40 -11.26 12.34
CD 2MR B . 1.57 -10.06 11.95
NE 2MR B . 2.04 -9.51 10.66
CZ 2MR B . 1.46 -8.53 9.98
NH1 2MR B . 0.32 -7.97 10.49
CQ1 2MR B . -0.53 -6.90 9.98
NH2 2MR B . 2.08 -8.13 8.85
CQ2 2MR B . 1.71 -7.11 7.88
C 2MR B . 4.04 -11.08 14.95
O 2MR B . 3.24 -10.76 15.84
OXT 2MR B . 4.70 -12.13 15.00
H2 2MR B . 6.23 -10.72 13.66
H 2MR B . 6.00 -9.17 13.05
H3 2MR B . 5.93 -9.45 14.72
HA 2MR B . 3.68 -9.29 13.92
HB2 2MR B . 4.49 -11.76 12.33
HB3 2MR B . 4.07 -10.15 11.71
HG2 2MR B . 2.05 -11.64 13.28
HG3 2MR B . 2.30 -12.01 11.58
HD2 2MR B . 1.66 -9.28 12.70
HD3 2MR B . 0.54 -10.34 11.84
HE 2MR B . 2.85 -9.93 10.31
HQ11 2MR B . -0.76 -7.08 8.94
HQ12 2MR B . -1.46 -6.89 10.55
HQ13 2MR B . -0.04 -5.94 10.09
HH2 2MR B . 2.93 -8.57 8.57
HQ21 2MR B . 2.52 -6.98 7.19
HQ22 2MR B . 0.83 -7.41 7.35
HQ23 2MR B . 1.53 -6.19 8.40
HH1 2MR B . -0.06 -8.33 11.35
N ASN A 1 4.80 1.64 -20.16
CA ASN A 1 5.05 2.73 -19.21
C ASN A 1 6.15 2.36 -18.21
N THR A 2 6.83 1.21 -18.44
CA THR A 2 7.81 0.63 -17.51
C THR A 2 7.18 0.41 -16.12
N ALA A 3 7.98 0.14 -15.13
CA ALA A 3 7.46 -0.03 -13.79
C ALA A 3 7.48 1.31 -13.05
N ALA A 4 8.12 2.29 -13.68
CA ALA A 4 8.21 3.61 -13.12
C ALA A 4 6.96 4.42 -13.41
N SER A 5 5.98 4.16 -12.63
CA SER A 5 4.68 4.82 -12.61
C SER A 5 4.02 4.45 -11.29
N LEU A 6 4.85 4.02 -10.36
CA LEU A 6 4.40 3.40 -9.14
C LEU A 6 4.25 4.48 -8.07
N GLN A 7 3.34 5.36 -8.37
CA GLN A 7 2.97 6.47 -7.50
C GLN A 7 1.47 6.73 -7.55
N GLN A 8 0.77 5.94 -8.33
CA GLN A 8 -0.65 6.16 -8.54
C GLN A 8 -1.45 4.90 -8.26
N TRP A 9 -2.24 4.95 -7.24
CA TRP A 9 -3.02 3.82 -6.82
C TRP A 9 -4.46 4.26 -6.63
N LYS A 10 -5.38 3.30 -6.56
CA LYS A 10 -6.77 3.63 -6.29
C LYS A 10 -7.27 2.83 -5.10
N VAL A 11 -8.28 3.33 -4.44
CA VAL A 11 -8.87 2.67 -3.30
C VAL A 11 -9.49 1.34 -3.73
N GLY A 12 -9.14 0.29 -3.03
CA GLY A 12 -9.68 -1.00 -3.32
C GLY A 12 -8.71 -1.87 -4.07
N ASP A 13 -7.57 -1.31 -4.38
CA ASP A 13 -6.56 -2.03 -5.13
C ASP A 13 -5.61 -2.68 -4.20
N LYS A 14 -5.13 -3.82 -4.59
CA LYS A 14 -4.18 -4.51 -3.78
C LYS A 14 -2.78 -4.05 -4.08
N CYS A 15 -1.95 -4.12 -3.09
CA CYS A 15 -0.60 -3.68 -3.15
C CYS A 15 0.21 -4.41 -2.09
N SER A 16 1.38 -3.95 -1.87
CA SER A 16 2.21 -4.42 -0.80
C SER A 16 2.72 -3.23 -0.05
N ALA A 17 2.94 -3.43 1.21
CA ALA A 17 3.38 -2.37 2.05
C ALA A 17 4.44 -2.89 3.00
N ILE A 18 5.19 -1.99 3.52
CA ILE A 18 6.22 -2.29 4.47
C ILE A 18 5.66 -2.14 5.85
N TRP A 19 5.50 -3.25 6.51
CA TRP A 19 4.98 -3.25 7.85
C TRP A 19 5.98 -2.62 8.73
N SER A 20 5.58 -1.61 9.42
CA SER A 20 6.44 -0.84 10.25
C SER A 20 7.02 -1.66 11.40
N GLU A 21 6.39 -2.76 11.68
CA GLU A 21 6.78 -3.59 12.78
C GLU A 21 7.90 -4.55 12.43
N ASP A 22 7.86 -5.14 11.25
CA ASP A 22 8.95 -6.06 10.84
C ASP A 22 9.85 -5.42 9.82
N GLY A 23 9.39 -4.34 9.22
CA GLY A 23 10.15 -3.64 8.18
C GLY A 23 10.10 -4.40 6.86
N CYS A 24 9.38 -5.48 6.88
CA CYS A 24 9.25 -6.37 5.81
C CYS A 24 8.09 -6.01 4.89
N ILE A 25 8.09 -6.61 3.71
CA ILE A 25 7.06 -6.39 2.73
C ILE A 25 5.98 -7.41 2.92
N TYR A 26 4.77 -6.95 2.94
CA TYR A 26 3.63 -7.82 3.10
C TYR A 26 2.49 -7.33 2.22
N PRO A 27 1.60 -8.24 1.80
CA PRO A 27 0.45 -7.89 0.96
C PRO A 27 -0.59 -7.08 1.73
N ALA A 28 -1.08 -6.03 1.12
CA ALA A 28 -2.05 -5.18 1.72
C ALA A 28 -2.99 -4.63 0.67
N THR A 29 -4.14 -4.23 1.05
CA THR A 29 -5.09 -3.70 0.12
C THR A 29 -5.45 -2.28 0.54
N ILE A 30 -5.49 -1.38 -0.42
CA ILE A 30 -5.74 0.03 -0.19
C ILE A 30 -7.16 0.26 0.30
N ALA A 31 -7.27 0.80 1.48
CA ALA A 31 -8.55 1.07 2.08
C ALA A 31 -8.98 2.50 1.81
N SER A 32 -8.04 3.43 1.83
CA SER A 32 -8.34 4.82 1.56
C SER A 32 -7.06 5.51 1.12
N ILE A 33 -7.19 6.56 0.33
CA ILE A 33 -6.05 7.32 -0.12
C ILE A 33 -6.24 8.78 0.21
N ASP A 34 -5.25 9.38 0.82
CA ASP A 34 -5.27 10.78 1.09
C ASP A 34 -4.25 11.42 0.20
N PHE A 35 -4.71 11.98 -0.88
CA PHE A 35 -3.83 12.54 -1.89
C PHE A 35 -3.09 13.77 -1.37
N LYS A 36 -3.61 14.39 -0.32
CA LYS A 36 -2.98 15.59 0.25
C LYS A 36 -1.70 15.21 0.96
N ARG A 37 -1.72 14.10 1.69
CA ARG A 37 -0.54 13.63 2.38
C ARG A 37 0.25 12.71 1.50
N GLU A 38 -0.35 12.37 0.34
CA GLU A 38 0.20 11.47 -0.67
C GLU A 38 0.34 10.07 -0.08
N THR A 39 -0.50 9.80 0.88
CA THR A 39 -0.46 8.55 1.56
C THR A 39 -1.79 7.83 1.41
N CYS A 40 -1.81 6.59 1.80
CA CYS A 40 -2.98 5.80 1.77
C CYS A 40 -2.94 4.80 2.90
N VAL A 41 -4.08 4.41 3.37
CA VAL A 41 -4.18 3.44 4.40
C VAL A 41 -4.41 2.11 3.74
N VAL A 42 -3.68 1.13 4.13
CA VAL A 42 -3.80 -0.17 3.57
C VAL A 42 -4.09 -1.16 4.66
N VAL A 43 -4.83 -2.18 4.31
CA VAL A 43 -5.14 -3.24 5.20
C VAL A 43 -4.35 -4.44 4.80
N TYR A 44 -3.55 -4.93 5.70
CA TYR A 44 -2.74 -6.08 5.45
C TYR A 44 -3.58 -7.31 5.27
N THR A 45 -3.53 -7.82 4.08
CA THR A 45 -4.34 -8.91 3.68
C THR A 45 -3.96 -10.18 4.42
N GLY A 46 -4.96 -10.83 4.98
CA GLY A 46 -4.75 -12.04 5.72
C GLY A 46 -4.50 -11.78 7.19
N TYR A 47 -4.16 -10.55 7.52
CA TYR A 47 -3.86 -10.22 8.89
C TYR A 47 -4.95 -9.33 9.47
N GLY A 48 -5.39 -8.36 8.69
CA GLY A 48 -6.47 -7.51 9.11
C GLY A 48 -6.02 -6.21 9.76
N ASN A 49 -4.73 -5.92 9.75
CA ASN A 49 -4.27 -4.67 10.33
C ASN A 49 -4.31 -3.60 9.30
N ARG A 50 -4.25 -2.40 9.71
CA ARG A 50 -4.30 -1.31 8.80
C ARG A 50 -3.22 -0.31 9.17
N GLU A 51 -2.53 0.17 8.18
CA GLU A 51 -1.43 1.05 8.36
C GLU A 51 -1.41 2.06 7.22
N GLU A 52 -0.89 3.23 7.47
CA GLU A 52 -0.87 4.28 6.49
C GLU A 52 0.50 4.38 5.87
N GLN A 53 0.53 4.23 4.58
CA GLN A 53 1.75 4.18 3.82
C GLN A 53 1.69 5.21 2.71
N ASN A 54 2.79 5.53 2.14
CA ASN A 54 2.87 6.50 1.05
C ASN A 54 2.59 5.80 -0.23
N LEU A 55 1.95 6.49 -1.13
CA LEU A 55 1.64 5.96 -2.47
C LEU A 55 2.90 5.56 -3.22
N SER A 56 3.93 6.35 -3.08
CA SER A 56 5.20 6.06 -3.72
C SER A 56 6.02 5.04 -2.92
N ASP A 57 5.57 4.74 -1.71
CA ASP A 57 6.30 3.81 -0.84
C ASP A 57 5.66 2.43 -0.97
N LEU A 58 4.47 2.40 -1.56
CA LEU A 58 3.78 1.16 -1.80
C LEU A 58 4.54 0.29 -2.75
N LEU A 59 4.23 -0.94 -2.74
CA LEU A 59 4.93 -1.90 -3.52
C LEU A 59 3.92 -2.74 -4.26
N SER A 60 4.37 -3.47 -5.25
CA SER A 60 3.51 -4.34 -6.02
C SER A 60 3.01 -5.49 -5.14
N PRO A 61 1.70 -5.84 -5.24
CA PRO A 61 1.05 -6.81 -4.35
C PRO A 61 1.61 -8.22 -4.38
N ILE A 62 1.59 -8.82 -3.23
CA ILE A 62 1.97 -10.19 -3.05
C ILE A 62 0.71 -11.01 -2.91
N CYS A 63 0.71 -12.14 -3.52
CA CYS A 63 -0.37 -13.06 -3.46
C CYS A 63 0.15 -14.39 -3.90
N GLU A 64 0.45 -15.20 -2.96
CA GLU A 64 0.98 -16.50 -3.24
C GLU A 64 -0.15 -17.47 -3.39
N 2MR B . 5.73 -10.28 13.37
CA 2MR B . 4.31 -10.65 13.41
CB 2MR B . 3.88 -11.23 12.08
CG 2MR B . 2.39 -11.57 11.97
CD 2MR B . 1.58 -10.34 11.62
NE 2MR B . 2.07 -9.77 10.36
CZ 2MR B . 1.54 -8.75 9.73
NH1 2MR B . 0.43 -8.14 10.26
CQ1 2MR B . -0.37 -7.00 9.79
NH2 2MR B . 2.15 -8.37 8.60
CQ2 2MR B . 1.84 -7.30 7.66
C 2MR B . 4.13 -11.66 14.49
O 2MR B . 3.37 -11.43 15.43
OXT 2MR B . 4.77 -12.72 14.41
H2 2MR B . 6.28 -11.15 13.31
H 2MR B . 6.00 -9.65 12.59
H3 2MR B . 5.97 -9.82 14.27
HA 2MR B . 3.72 -9.78 13.64
HB2 2MR B . 4.47 -12.09 11.83
HB3 2MR B . 4.05 -10.43 11.36
HG2 2MR B . 2.04 -11.96 12.91
HG3 2MR B . 2.24 -12.30 11.20
HD2 2MR B . 1.68 -9.59 12.40
HD3 2MR B . 0.54 -10.61 11.50
HE 2MR B . 2.83 -10.25 9.98
HQ11 2MR B . -0.66 -7.16 8.77
HQ12 2MR B . -1.26 -6.93 10.40
HQ13 2MR B . 0.21 -6.09 9.88
HH2 2MR B . 2.96 -8.86 8.29
HQ21 2MR B . 1.68 -6.37 8.20
HQ22 2MR B . 2.68 -7.16 6.99
HQ23 2MR B . 0.96 -7.54 7.10
HH1 2MR B . 0.03 -8.50 11.11
N ASN A 1 7.78 6.32 -22.18
CA ASN A 1 8.53 6.55 -20.95
C ASN A 1 7.66 6.19 -19.80
N THR A 2 8.24 6.07 -18.63
CA THR A 2 7.50 5.70 -17.47
C THR A 2 6.68 6.91 -16.99
N ALA A 3 5.37 6.79 -17.10
CA ALA A 3 4.44 7.84 -16.67
C ALA A 3 4.33 7.89 -15.15
N ALA A 4 4.95 6.89 -14.52
CA ALA A 4 5.03 6.74 -13.08
C ALA A 4 3.68 6.44 -12.49
N SER A 5 3.33 5.21 -12.57
CA SER A 5 2.03 4.76 -12.11
C SER A 5 2.17 3.93 -10.85
N LEU A 6 3.31 4.03 -10.22
CA LEU A 6 3.57 3.30 -8.98
C LEU A 6 3.35 4.28 -7.82
N GLN A 7 3.04 5.47 -8.18
CA GLN A 7 2.66 6.49 -7.23
C GLN A 7 1.18 6.79 -7.39
N GLN A 8 0.57 6.12 -8.35
CA GLN A 8 -0.82 6.33 -8.66
C GLN A 8 -1.55 5.06 -8.35
N TRP A 9 -2.34 5.09 -7.32
CA TRP A 9 -3.07 3.94 -6.88
C TRP A 9 -4.52 4.30 -6.70
N LYS A 10 -5.37 3.30 -6.61
CA LYS A 10 -6.78 3.56 -6.38
C LYS A 10 -7.25 2.76 -5.17
N VAL A 11 -8.21 3.29 -4.49
CA VAL A 11 -8.80 2.64 -3.34
C VAL A 11 -9.47 1.33 -3.76
N GLY A 12 -9.14 0.26 -3.08
CA GLY A 12 -9.70 -1.02 -3.41
C GLY A 12 -8.79 -1.85 -4.25
N ASP A 13 -7.54 -1.42 -4.36
CA ASP A 13 -6.54 -2.16 -5.14
C ASP A 13 -5.58 -2.79 -4.18
N LYS A 14 -5.05 -3.92 -4.54
CA LYS A 14 -4.05 -4.56 -3.75
C LYS A 14 -2.68 -4.04 -4.06
N CYS A 15 -1.84 -4.17 -3.10
CA CYS A 15 -0.50 -3.70 -3.17
C CYS A 15 0.34 -4.40 -2.11
N SER A 16 1.51 -3.95 -1.93
CA SER A 16 2.38 -4.43 -0.91
C SER A 16 2.87 -3.25 -0.12
N ALA A 17 2.96 -3.45 1.16
CA ALA A 17 3.34 -2.41 2.05
C ALA A 17 4.39 -2.90 3.00
N ILE A 18 5.11 -1.99 3.59
CA ILE A 18 6.10 -2.30 4.56
C ILE A 18 5.50 -2.23 5.93
N TRP A 19 5.43 -3.37 6.58
CA TRP A 19 4.90 -3.40 7.92
C TRP A 19 5.89 -2.73 8.78
N SER A 20 5.46 -1.71 9.41
CA SER A 20 6.30 -0.87 10.19
C SER A 20 6.90 -1.59 11.38
N GLU A 21 6.31 -2.68 11.72
CA GLU A 21 6.74 -3.46 12.84
C GLU A 21 7.87 -4.39 12.49
N ASP A 22 7.80 -5.04 11.35
CA ASP A 22 8.79 -6.03 11.01
C ASP A 22 9.74 -5.48 9.95
N GLY A 23 9.32 -4.40 9.32
CA GLY A 23 10.12 -3.71 8.31
C GLY A 23 10.05 -4.41 6.96
N CYS A 24 9.36 -5.51 6.95
CA CYS A 24 9.22 -6.34 5.81
C CYS A 24 8.03 -5.98 4.95
N ILE A 25 8.03 -6.53 3.76
CA ILE A 25 6.98 -6.32 2.80
C ILE A 25 5.89 -7.35 2.98
N TYR A 26 4.66 -6.89 2.97
CA TYR A 26 3.52 -7.75 3.13
C TYR A 26 2.39 -7.29 2.21
N PRO A 27 1.51 -8.22 1.79
CA PRO A 27 0.38 -7.89 0.92
C PRO A 27 -0.67 -7.08 1.68
N ALA A 28 -1.06 -5.98 1.11
CA ALA A 28 -2.00 -5.11 1.73
C ALA A 28 -2.90 -4.48 0.68
N THR A 29 -4.09 -4.18 1.05
CA THR A 29 -5.03 -3.61 0.13
C THR A 29 -5.35 -2.19 0.55
N ILE A 30 -5.39 -1.31 -0.40
CA ILE A 30 -5.66 0.09 -0.16
C ILE A 30 -7.09 0.28 0.33
N ALA A 31 -7.23 0.84 1.50
CA ALA A 31 -8.52 1.08 2.09
C ALA A 31 -8.96 2.50 1.85
N SER A 32 -8.02 3.41 1.77
CA SER A 32 -8.30 4.80 1.54
C SER A 32 -7.03 5.51 1.13
N ILE A 33 -7.16 6.58 0.37
CA ILE A 33 -6.03 7.36 -0.09
C ILE A 33 -6.22 8.83 0.27
N ASP A 34 -5.22 9.42 0.88
CA ASP A 34 -5.21 10.82 1.19
C ASP A 34 -4.20 11.46 0.26
N PHE A 35 -4.67 12.06 -0.80
CA PHE A 35 -3.81 12.63 -1.81
C PHE A 35 -3.05 13.84 -1.31
N LYS A 36 -3.53 14.44 -0.24
CA LYS A 36 -2.90 15.63 0.29
C LYS A 36 -1.60 15.26 0.99
N ARG A 37 -1.61 14.14 1.71
CA ARG A 37 -0.42 13.64 2.36
C ARG A 37 0.36 12.70 1.43
N GLU A 38 -0.28 12.38 0.30
CA GLU A 38 0.22 11.38 -0.66
C GLU A 38 0.33 10.01 -0.01
N THR A 39 -0.45 9.80 1.01
CA THR A 39 -0.42 8.57 1.72
C THR A 39 -1.75 7.85 1.62
N CYS A 40 -1.75 6.60 1.88
CA CYS A 40 -2.93 5.81 1.84
C CYS A 40 -2.88 4.77 2.92
N VAL A 41 -4.01 4.39 3.39
CA VAL A 41 -4.10 3.40 4.42
C VAL A 41 -4.33 2.08 3.75
N VAL A 42 -3.58 1.09 4.15
CA VAL A 42 -3.71 -0.21 3.58
C VAL A 42 -4.00 -1.21 4.67
N VAL A 43 -4.74 -2.22 4.30
CA VAL A 43 -5.07 -3.30 5.19
C VAL A 43 -4.27 -4.50 4.80
N TYR A 44 -3.51 -5.01 5.72
CA TYR A 44 -2.69 -6.18 5.48
C TYR A 44 -3.56 -7.38 5.32
N THR A 45 -3.52 -7.92 4.14
CA THR A 45 -4.34 -9.00 3.74
C THR A 45 -3.97 -10.26 4.50
N GLY A 46 -4.97 -10.90 5.06
CA GLY A 46 -4.78 -12.10 5.81
C GLY A 46 -4.52 -11.83 7.26
N TYR A 47 -4.18 -10.60 7.58
CA TYR A 47 -3.89 -10.26 8.95
C TYR A 47 -4.98 -9.40 9.54
N GLY A 48 -5.38 -8.38 8.81
CA GLY A 48 -6.46 -7.54 9.28
C GLY A 48 -5.99 -6.27 9.95
N ASN A 49 -4.72 -5.94 9.82
CA ASN A 49 -4.27 -4.66 10.37
C ASN A 49 -4.30 -3.63 9.31
N ARG A 50 -4.30 -2.41 9.70
CA ARG A 50 -4.35 -1.34 8.75
C ARG A 50 -3.30 -0.32 9.15
N GLU A 51 -2.57 0.14 8.18
CA GLU A 51 -1.45 0.99 8.39
C GLU A 51 -1.35 1.95 7.21
N GLU A 52 -0.80 3.12 7.42
CA GLU A 52 -0.74 4.10 6.40
C GLU A 52 0.65 4.15 5.78
N GLN A 53 0.66 4.03 4.50
CA GLN A 53 1.85 4.01 3.71
C GLN A 53 1.74 5.10 2.68
N ASN A 54 2.82 5.46 2.06
CA ASN A 54 2.81 6.48 1.02
C ASN A 54 2.50 5.83 -0.28
N LEU A 55 1.78 6.53 -1.13
CA LEU A 55 1.44 6.04 -2.48
C LEU A 55 2.69 5.70 -3.27
N SER A 56 3.68 6.57 -3.19
CA SER A 56 4.91 6.37 -3.91
C SER A 56 5.81 5.32 -3.23
N ASP A 57 5.43 4.93 -2.02
CA ASP A 57 6.23 3.98 -1.23
C ASP A 57 5.61 2.60 -1.32
N LEU A 58 4.42 2.54 -1.87
CA LEU A 58 3.73 1.28 -2.05
C LEU A 58 4.51 0.40 -2.99
N LEU A 59 4.24 -0.84 -2.89
CA LEU A 59 4.94 -1.81 -3.66
C LEU A 59 3.93 -2.65 -4.40
N SER A 60 4.37 -3.35 -5.41
CA SER A 60 3.49 -4.18 -6.20
C SER A 60 3.09 -5.40 -5.37
N PRO A 61 1.81 -5.80 -5.40
CA PRO A 61 1.29 -6.86 -4.54
C PRO A 61 1.98 -8.18 -4.73
N ILE A 62 2.21 -8.83 -3.64
CA ILE A 62 2.86 -10.11 -3.63
C ILE A 62 1.82 -11.15 -4.07
N CYS A 63 2.24 -12.11 -4.82
CA CYS A 63 1.34 -13.11 -5.35
C CYS A 63 1.74 -14.48 -4.84
N GLU A 64 2.53 -14.47 -3.82
CA GLU A 64 3.09 -15.66 -3.27
C GLU A 64 2.23 -16.12 -2.12
N 2MR B . 5.02 -10.81 14.28
CA 2MR B . 3.61 -11.03 14.01
CB 2MR B . 3.39 -11.49 12.58
CG 2MR B . 1.92 -11.69 12.22
CD 2MR B . 1.28 -10.37 11.87
NE 2MR B . 1.87 -9.82 10.64
CZ 2MR B . 1.41 -8.80 9.97
NH1 2MR B . 0.29 -8.17 10.44
CQ1 2MR B . -0.47 -7.02 9.95
NH2 2MR B . 2.05 -8.45 8.83
CQ2 2MR B . 1.82 -7.38 7.87
C 2MR B . 3.12 -12.09 14.95
O 2MR B . 2.22 -11.83 15.75
OXT 2MR B . 3.68 -13.19 14.90
H2 2MR B . 5.50 -10.21 13.59
H 2MR B . 5.15 -10.45 15.23
H3 2MR B . 5.46 -11.76 14.27
HA 2MR B . 3.06 -10.11 14.19
HB2 2MR B . 3.93 -12.41 12.41
HB3 2MR B . 3.76 -10.70 11.94
HG2 2MR B . 1.41 -12.13 13.06
HG3 2MR B . 1.87 -12.35 11.37
HD2 2MR B . 1.44 -9.67 12.66
HD3 2MR B . 0.22 -10.53 11.71
HE 2MR B . 2.65 -10.32 10.30
HQ11 2MR B . 0.15 -6.13 9.96
HQ12 2MR B . -0.80 -7.23 8.95
HQ13 2MR B . -1.32 -6.87 10.59
HH2 2MR B . 2.84 -9.00 8.54
HQ21 2MR B . 2.63 -7.35 7.16
HQ22 2MR B . 0.89 -7.57 7.35
HQ23 2MR B . 1.76 -6.44 8.39
HH1 2MR B . -0.13 -8.52 11.29
N ASN A 1 4.63 12.31 -17.42
CA ASN A 1 4.32 12.70 -16.03
C ASN A 1 5.21 11.97 -15.04
N THR A 2 5.54 10.71 -15.31
CA THR A 2 6.36 9.95 -14.42
C THR A 2 6.82 8.67 -15.12
N ALA A 3 7.99 8.19 -14.74
CA ALA A 3 8.54 6.98 -15.32
C ALA A 3 8.04 5.78 -14.55
N ALA A 4 7.49 6.03 -13.38
CA ALA A 4 6.96 5.00 -12.55
C ALA A 4 5.60 5.43 -12.02
N SER A 5 4.56 4.83 -12.53
CA SER A 5 3.20 5.15 -12.13
C SER A 5 2.82 4.44 -10.83
N LEU A 6 3.81 3.83 -10.21
CA LEU A 6 3.66 3.06 -8.99
C LEU A 6 3.58 4.03 -7.77
N GLN A 7 3.44 5.27 -8.06
CA GLN A 7 3.23 6.28 -7.04
C GLN A 7 1.78 6.75 -7.09
N GLN A 8 1.03 6.17 -8.00
CA GLN A 8 -0.36 6.47 -8.20
C GLN A 8 -1.14 5.19 -8.00
N TRP A 9 -2.07 5.21 -7.08
CA TRP A 9 -2.85 4.04 -6.74
C TRP A 9 -4.30 4.43 -6.58
N LYS A 10 -5.19 3.46 -6.59
CA LYS A 10 -6.61 3.73 -6.39
C LYS A 10 -7.12 2.93 -5.19
N VAL A 11 -8.14 3.43 -4.55
CA VAL A 11 -8.76 2.78 -3.41
C VAL A 11 -9.39 1.45 -3.86
N GLY A 12 -9.05 0.39 -3.15
CA GLY A 12 -9.60 -0.90 -3.44
C GLY A 12 -8.65 -1.74 -4.23
N ASP A 13 -7.43 -1.28 -4.37
CA ASP A 13 -6.42 -2.01 -5.14
C ASP A 13 -5.52 -2.71 -4.18
N LYS A 14 -5.03 -3.83 -4.59
CA LYS A 14 -4.10 -4.58 -3.82
C LYS A 14 -2.71 -4.12 -4.08
N CYS A 15 -1.89 -4.32 -3.12
CA CYS A 15 -0.53 -3.87 -3.18
C CYS A 15 0.29 -4.59 -2.13
N SER A 16 1.46 -4.12 -1.94
CA SER A 16 2.35 -4.59 -0.93
C SER A 16 2.84 -3.39 -0.15
N ALA A 17 2.96 -3.54 1.13
CA ALA A 17 3.40 -2.48 1.97
C ALA A 17 4.46 -2.96 2.91
N ILE A 18 5.22 -2.05 3.43
CA ILE A 18 6.26 -2.35 4.38
C ILE A 18 5.71 -2.19 5.75
N TRP A 19 5.57 -3.29 6.43
CA TRP A 19 5.03 -3.30 7.75
C TRP A 19 6.01 -2.64 8.65
N SER A 20 5.59 -1.60 9.28
CA SER A 20 6.42 -0.82 10.13
C SER A 20 6.97 -1.61 11.29
N GLU A 21 6.30 -2.68 11.61
CA GLU A 21 6.67 -3.46 12.75
C GLU A 21 7.79 -4.43 12.45
N ASP A 22 7.78 -5.01 11.27
CA ASP A 22 8.81 -6.01 10.96
C ASP A 22 9.76 -5.47 9.91
N GLY A 23 9.33 -4.42 9.25
CA GLY A 23 10.14 -3.75 8.23
C GLY A 23 10.04 -4.44 6.88
N CYS A 24 9.38 -5.55 6.88
CA CYS A 24 9.25 -6.40 5.76
C CYS A 24 8.04 -6.08 4.88
N ILE A 25 8.03 -6.65 3.70
CA ILE A 25 6.98 -6.46 2.72
C ILE A 25 5.89 -7.47 2.94
N TYR A 26 4.67 -7.02 2.94
CA TYR A 26 3.52 -7.90 3.11
C TYR A 26 2.37 -7.43 2.21
N PRO A 27 1.47 -8.35 1.80
CA PRO A 27 0.33 -8.00 0.95
C PRO A 27 -0.70 -7.16 1.70
N ALA A 28 -1.12 -6.10 1.11
CA ALA A 28 -2.07 -5.21 1.73
C ALA A 28 -2.96 -4.62 0.66
N THR A 29 -4.14 -4.22 1.05
CA THR A 29 -5.07 -3.65 0.12
C THR A 29 -5.41 -2.22 0.56
N ILE A 30 -5.42 -1.31 -0.40
CA ILE A 30 -5.68 0.09 -0.14
C ILE A 30 -7.13 0.31 0.28
N ALA A 31 -7.31 0.80 1.47
CA ALA A 31 -8.63 1.04 2.01
C ALA A 31 -9.08 2.46 1.74
N SER A 32 -8.16 3.39 1.77
CA SER A 32 -8.44 4.80 1.50
C SER A 32 -7.15 5.50 1.13
N ILE A 33 -7.24 6.58 0.37
CA ILE A 33 -6.09 7.35 -0.06
C ILE A 33 -6.28 8.82 0.28
N ASP A 34 -5.28 9.42 0.83
CA ASP A 34 -5.27 10.83 1.11
C ASP A 34 -4.28 11.46 0.16
N PHE A 35 -4.80 12.10 -0.84
CA PHE A 35 -3.98 12.69 -1.90
C PHE A 35 -3.26 13.93 -1.40
N LYS A 36 -3.73 14.50 -0.32
CA LYS A 36 -3.11 15.68 0.23
C LYS A 36 -1.80 15.33 0.91
N ARG A 37 -1.76 14.19 1.56
CA ARG A 37 -0.52 13.74 2.19
C ARG A 37 0.23 12.78 1.29
N GLU A 38 -0.41 12.38 0.18
CA GLU A 38 0.13 11.36 -0.76
C GLU A 38 0.28 10.02 -0.05
N THR A 39 -0.51 9.82 0.95
CA THR A 39 -0.46 8.61 1.72
C THR A 39 -1.79 7.88 1.63
N CYS A 40 -1.79 6.63 1.95
CA CYS A 40 -2.97 5.85 1.91
C CYS A 40 -2.91 4.79 2.98
N VAL A 41 -4.05 4.39 3.43
CA VAL A 41 -4.15 3.38 4.43
C VAL A 41 -4.39 2.06 3.75
N VAL A 42 -3.64 1.07 4.12
CA VAL A 42 -3.76 -0.23 3.55
C VAL A 42 -4.03 -1.23 4.65
N VAL A 43 -4.77 -2.23 4.32
CA VAL A 43 -5.09 -3.29 5.21
C VAL A 43 -4.31 -4.52 4.81
N TYR A 44 -3.53 -5.03 5.72
CA TYR A 44 -2.72 -6.19 5.47
C TYR A 44 -3.58 -7.40 5.34
N THR A 45 -3.59 -7.93 4.15
CA THR A 45 -4.41 -9.01 3.80
C THR A 45 -4.04 -10.28 4.58
N GLY A 46 -5.04 -10.89 5.18
CA GLY A 46 -4.82 -12.08 5.94
C GLY A 46 -4.54 -11.78 7.39
N TYR A 47 -4.13 -10.56 7.67
CA TYR A 47 -3.80 -10.18 9.02
C TYR A 47 -4.89 -9.31 9.60
N GLY A 48 -5.36 -8.37 8.81
CA GLY A 48 -6.43 -7.51 9.24
C GLY A 48 -5.96 -6.24 9.92
N ASN A 49 -4.69 -5.92 9.82
CA ASN A 49 -4.20 -4.64 10.39
C ASN A 49 -4.26 -3.61 9.34
N ARG A 50 -4.18 -2.38 9.74
CA ARG A 50 -4.23 -1.30 8.82
C ARG A 50 -3.13 -0.32 9.15
N GLU A 51 -2.46 0.13 8.14
CA GLU A 51 -1.34 0.98 8.30
C GLU A 51 -1.34 2.01 7.17
N GLU A 52 -0.80 3.17 7.45
CA GLU A 52 -0.79 4.25 6.51
C GLU A 52 0.58 4.34 5.91
N GLN A 53 0.62 4.21 4.61
CA GLN A 53 1.82 4.16 3.84
C GLN A 53 1.73 5.20 2.76
N ASN A 54 2.82 5.52 2.18
CA ASN A 54 2.85 6.51 1.12
C ASN A 54 2.55 5.81 -0.17
N LEU A 55 1.83 6.48 -1.03
CA LEU A 55 1.49 5.96 -2.37
C LEU A 55 2.76 5.62 -3.14
N SER A 56 3.75 6.45 -2.98
CA SER A 56 5.01 6.30 -3.63
C SER A 56 5.89 5.25 -2.93
N ASP A 57 5.46 4.78 -1.79
CA ASP A 57 6.25 3.86 -1.00
C ASP A 57 5.60 2.49 -1.03
N LEU A 58 4.45 2.42 -1.67
CA LEU A 58 3.77 1.17 -1.87
C LEU A 58 4.54 0.34 -2.84
N LEU A 59 4.26 -0.91 -2.84
CA LEU A 59 4.95 -1.85 -3.67
C LEU A 59 3.92 -2.68 -4.40
N SER A 60 4.35 -3.34 -5.44
CA SER A 60 3.47 -4.17 -6.24
C SER A 60 3.11 -5.41 -5.42
N PRO A 61 1.85 -5.89 -5.51
CA PRO A 61 1.40 -7.01 -4.71
C PRO A 61 2.23 -8.26 -4.94
N ILE A 62 2.49 -8.95 -3.87
CA ILE A 62 3.27 -10.16 -3.87
C ILE A 62 2.47 -11.23 -4.57
N CYS A 63 3.15 -12.15 -5.17
CA CYS A 63 2.55 -13.21 -5.85
C CYS A 63 2.03 -14.25 -4.85
N GLU A 64 0.90 -13.93 -4.28
CA GLU A 64 0.23 -14.75 -3.33
C GLU A 64 -0.60 -15.76 -4.09
N 2MR B . 5.32 -10.82 14.24
CA 2MR B . 3.89 -10.78 13.95
CB 2MR B . 3.61 -11.42 12.58
CG 2MR B . 2.14 -11.58 12.22
CD 2MR B . 1.51 -10.27 11.82
NE 2MR B . 2.08 -9.77 10.57
CZ 2MR B . 1.60 -8.75 9.87
NH1 2MR B . 0.46 -8.12 10.34
CQ1 2MR B . -0.31 -7.00 9.81
NH2 2MR B . 2.25 -8.41 8.75
CQ2 2MR B . 1.98 -7.35 7.77
C 2MR B . 3.14 -11.50 15.04
O 2MR B . 2.30 -10.88 15.71
OXT 2MR B . 3.38 -12.69 15.25
H2 2MR B . 5.62 -11.82 14.34
H 2MR B . 5.90 -10.37 13.51
H3 2MR B . 5.50 -10.36 15.16
HA 2MR B . 3.58 -9.75 13.95
HB2 2MR B . 4.12 -12.35 12.49
HB3 2MR B . 3.99 -10.70 11.87
HG2 2MR B . 1.62 -11.97 13.08
HG3 2MR B . 2.07 -12.26 11.40
HD2 2MR B . 1.66 -9.53 12.60
HD3 2MR B . 0.45 -10.43 11.66
HE 2MR B . 2.87 -10.27 10.25
HQ11 2MR B . 0.24 -6.07 9.97
HQ12 2MR B . -0.48 -7.15 8.76
HQ13 2MR B . -1.26 -6.94 10.32
HH2 2MR B . 3.06 -8.92 8.47
HQ21 2MR B . 2.83 -7.25 7.12
HQ22 2MR B . 1.11 -7.62 7.19
HQ23 2MR B . 1.81 -6.42 8.29
HH1 2MR B . 0.04 -8.44 11.19
N ASN A 1 1.27 3.31 -18.76
CA ASN A 1 2.31 3.93 -17.92
C ASN A 1 2.89 2.85 -17.05
N THR A 2 4.17 2.62 -17.17
CA THR A 2 4.82 1.61 -16.38
C THR A 2 6.06 2.17 -15.67
N ALA A 3 6.37 3.40 -15.93
CA ALA A 3 7.57 4.00 -15.38
C ALA A 3 7.29 4.89 -14.20
N ALA A 4 6.11 5.45 -14.15
CA ALA A 4 5.75 6.38 -13.08
C ALA A 4 4.40 6.04 -12.48
N SER A 5 3.99 4.85 -12.69
CA SER A 5 2.69 4.40 -12.24
C SER A 5 2.72 3.79 -10.83
N LEU A 6 3.82 3.96 -10.15
CA LEU A 6 3.99 3.39 -8.83
C LEU A 6 3.75 4.45 -7.77
N GLN A 7 3.49 5.63 -8.21
CA GLN A 7 3.20 6.76 -7.33
C GLN A 7 1.72 7.07 -7.37
N GLN A 8 0.99 6.26 -8.11
CA GLN A 8 -0.41 6.46 -8.31
C GLN A 8 -1.16 5.15 -8.09
N TRP A 9 -2.07 5.17 -7.16
CA TRP A 9 -2.85 4.02 -6.77
C TRP A 9 -4.27 4.46 -6.53
N LYS A 10 -5.20 3.54 -6.48
CA LYS A 10 -6.59 3.89 -6.20
C LYS A 10 -7.15 3.00 -5.10
N VAL A 11 -8.16 3.50 -4.43
CA VAL A 11 -8.79 2.78 -3.34
C VAL A 11 -9.44 1.50 -3.86
N GLY A 12 -9.10 0.40 -3.24
CA GLY A 12 -9.67 -0.86 -3.62
C GLY A 12 -8.69 -1.75 -4.32
N ASP A 13 -7.50 -1.26 -4.51
CA ASP A 13 -6.48 -2.02 -5.19
C ASP A 13 -5.54 -2.63 -4.22
N LYS A 14 -5.03 -3.77 -4.56
CA LYS A 14 -4.10 -4.44 -3.72
C LYS A 14 -2.71 -3.97 -4.02
N CYS A 15 -1.87 -4.11 -3.05
CA CYS A 15 -0.51 -3.69 -3.14
C CYS A 15 0.30 -4.46 -2.11
N SER A 16 1.49 -4.05 -1.94
CA SER A 16 2.37 -4.56 -0.94
C SER A 16 2.89 -3.40 -0.14
N ALA A 17 3.00 -3.57 1.13
CA ALA A 17 3.44 -2.51 1.98
C ALA A 17 4.47 -3.02 2.94
N ILE A 18 5.23 -2.10 3.47
CA ILE A 18 6.25 -2.40 4.42
C ILE A 18 5.69 -2.25 5.80
N TRP A 19 5.53 -3.35 6.48
CA TRP A 19 5.00 -3.34 7.81
C TRP A 19 6.00 -2.67 8.67
N SER A 20 5.58 -1.62 9.27
CA SER A 20 6.41 -0.79 10.08
C SER A 20 6.96 -1.53 11.31
N GLU A 21 6.34 -2.60 11.62
CA GLU A 21 6.67 -3.37 12.76
C GLU A 21 7.83 -4.34 12.49
N ASP A 22 7.82 -4.97 11.33
CA ASP A 22 8.87 -5.94 11.04
C ASP A 22 9.82 -5.42 9.98
N GLY A 23 9.37 -4.40 9.26
CA GLY A 23 10.18 -3.78 8.23
C GLY A 23 10.08 -4.50 6.90
N CYS A 24 9.38 -5.60 6.92
CA CYS A 24 9.25 -6.46 5.81
C CYS A 24 8.06 -6.14 4.92
N ILE A 25 8.08 -6.71 3.72
CA ILE A 25 7.04 -6.53 2.74
C ILE A 25 5.93 -7.55 2.95
N TYR A 26 4.72 -7.08 2.98
CA TYR A 26 3.55 -7.92 3.17
C TYR A 26 2.42 -7.44 2.26
N PRO A 27 1.51 -8.36 1.87
CA PRO A 27 0.37 -8.01 1.00
C PRO A 27 -0.66 -7.14 1.74
N ALA A 28 -1.05 -6.05 1.14
CA ALA A 28 -1.99 -5.16 1.75
C ALA A 28 -2.90 -4.57 0.70
N THR A 29 -4.09 -4.25 1.06
CA THR A 29 -5.02 -3.72 0.13
C THR A 29 -5.39 -2.30 0.52
N ILE A 30 -5.43 -1.40 -0.45
CA ILE A 30 -5.73 0.00 -0.23
C ILE A 30 -7.16 0.19 0.25
N ALA A 31 -7.30 0.77 1.40
CA ALA A 31 -8.60 1.02 1.99
C ALA A 31 -9.02 2.47 1.77
N SER A 32 -8.06 3.38 1.83
CA SER A 32 -8.34 4.78 1.64
C SER A 32 -7.06 5.49 1.21
N ILE A 33 -7.19 6.57 0.47
CA ILE A 33 -6.04 7.35 0.02
C ILE A 33 -6.26 8.81 0.36
N ASP A 34 -5.27 9.41 0.94
CA ASP A 34 -5.29 10.81 1.23
C ASP A 34 -4.37 11.46 0.26
N PHE A 35 -4.93 12.10 -0.70
CA PHE A 35 -4.19 12.66 -1.80
C PHE A 35 -3.38 13.89 -1.40
N LYS A 36 -3.75 14.51 -0.29
CA LYS A 36 -3.00 15.67 0.18
C LYS A 36 -1.69 15.23 0.80
N ARG A 37 -1.75 14.14 1.56
CA ARG A 37 -0.56 13.66 2.23
C ARG A 37 0.16 12.68 1.35
N GLU A 38 -0.49 12.32 0.24
CA GLU A 38 0.00 11.36 -0.74
C GLU A 38 0.20 10.00 -0.08
N THR A 39 -0.58 9.76 0.92
CA THR A 39 -0.49 8.54 1.64
C THR A 39 -1.81 7.81 1.56
N CYS A 40 -1.81 6.58 1.92
CA CYS A 40 -2.98 5.78 1.88
C CYS A 40 -2.93 4.77 2.98
N VAL A 41 -4.07 4.38 3.44
CA VAL A 41 -4.16 3.38 4.44
C VAL A 41 -4.39 2.07 3.74
N VAL A 42 -3.63 1.08 4.11
CA VAL A 42 -3.74 -0.20 3.52
C VAL A 42 -4.01 -1.22 4.60
N VAL A 43 -4.76 -2.20 4.26
CA VAL A 43 -5.10 -3.25 5.15
C VAL A 43 -4.33 -4.47 4.77
N TYR A 44 -3.55 -4.97 5.69
CA TYR A 44 -2.74 -6.13 5.45
C TYR A 44 -3.61 -7.33 5.34
N THR A 45 -3.64 -7.86 4.16
CA THR A 45 -4.47 -8.94 3.80
C THR A 45 -4.06 -10.21 4.52
N GLY A 46 -5.03 -10.86 5.13
CA GLY A 46 -4.79 -12.08 5.85
C GLY A 46 -4.52 -11.81 7.30
N TYR A 47 -4.20 -10.57 7.64
CA TYR A 47 -3.87 -10.21 8.98
C TYR A 47 -4.97 -9.37 9.62
N GLY A 48 -5.41 -8.37 8.90
CA GLY A 48 -6.48 -7.53 9.41
C GLY A 48 -5.99 -6.26 10.06
N ASN A 49 -4.74 -5.90 9.84
CA ASN A 49 -4.24 -4.63 10.35
C ASN A 49 -4.27 -3.61 9.28
N ARG A 50 -4.23 -2.38 9.66
CA ARG A 50 -4.25 -1.31 8.71
C ARG A 50 -3.18 -0.31 9.07
N GLU A 51 -2.49 0.15 8.09
CA GLU A 51 -1.38 1.02 8.26
C GLU A 51 -1.35 2.04 7.13
N GLU A 52 -0.82 3.20 7.40
CA GLU A 52 -0.79 4.27 6.44
C GLU A 52 0.59 4.35 5.84
N GLN A 53 0.62 4.21 4.55
CA GLN A 53 1.82 4.15 3.79
C GLN A 53 1.74 5.18 2.70
N ASN A 54 2.84 5.51 2.12
CA ASN A 54 2.86 6.48 1.05
C ASN A 54 2.56 5.79 -0.23
N LEU A 55 1.84 6.45 -1.09
CA LEU A 55 1.52 5.92 -2.43
C LEU A 55 2.80 5.56 -3.19
N SER A 56 3.80 6.40 -3.06
CA SER A 56 5.06 6.24 -3.74
C SER A 56 5.94 5.22 -2.98
N ASP A 57 5.49 4.78 -1.83
CA ASP A 57 6.27 3.83 -1.03
C ASP A 57 5.64 2.46 -1.12
N LEU A 58 4.47 2.42 -1.72
CA LEU A 58 3.77 1.18 -1.92
C LEU A 58 4.51 0.31 -2.89
N LEU A 59 4.24 -0.93 -2.83
CA LEU A 59 4.92 -1.88 -3.64
C LEU A 59 3.89 -2.69 -4.39
N SER A 60 4.32 -3.35 -5.41
CA SER A 60 3.43 -4.15 -6.22
C SER A 60 2.96 -5.38 -5.43
N PRO A 61 1.65 -5.70 -5.50
CA PRO A 61 1.03 -6.74 -4.69
C PRO A 61 1.58 -8.12 -4.93
N ILE A 62 1.61 -8.89 -3.90
CA ILE A 62 2.04 -10.26 -4.00
C ILE A 62 0.81 -11.05 -4.38
N CYS A 63 0.95 -11.94 -5.28
CA CYS A 63 -0.17 -12.68 -5.75
C CYS A 63 -0.25 -13.99 -5.02
N GLU A 64 -0.98 -13.98 -3.95
CA GLU A 64 -1.24 -15.15 -3.16
C GLU A 64 -2.73 -15.23 -2.93
N 2MR B . 5.24 -10.44 14.16
CA 2MR B . 3.83 -10.69 13.90
CB 2MR B . 3.64 -11.25 12.50
CG 2MR B . 2.19 -11.53 12.12
CD 2MR B . 1.46 -10.27 11.74
NE 2MR B . 2.01 -9.70 10.51
CZ 2MR B . 1.49 -8.69 9.84
NH1 2MR B . 0.35 -8.10 10.33
CQ1 2MR B . -0.45 -6.98 9.84
NH2 2MR B . 2.13 -8.30 8.72
CQ2 2MR B . 1.83 -7.24 7.77
C 2MR B . 3.34 -11.66 14.91
O 2MR B . 2.41 -11.33 15.66
OXT 2MR B . 3.88 -12.77 14.97
H2 2MR B . 5.71 -9.82 13.46
H 2MR B . 5.34 -10.02 15.11
H3 2MR B . 5.72 -11.36 14.21
HA 2MR B . 3.28 -9.76 14.01
HB2 2MR B . 4.21 -12.16 12.40
HB3 2MR B . 3.99 -10.51 11.80
HG2 2MR B . 1.70 -11.99 12.97
HG3 2MR B . 2.17 -12.21 11.28
HD2 2MR B . 1.56 -9.54 12.54
HD3 2MR B . 0.41 -10.50 11.59
HE 2MR B . 2.82 -10.15 10.17
HQ11 2MR B . -1.36 -6.93 10.41
HQ12 2MR B . 0.10 -6.06 9.94
HQ13 2MR B . -0.69 -7.16 8.80
HH2 2MR B . 2.95 -8.78 8.41
HQ21 2MR B . 2.68 -7.07 7.14
HQ22 2MR B . 0.98 -7.52 7.17
HQ23 2MR B . 1.60 -6.33 8.31
HH1 2MR B . -0.06 -8.45 11.17
N ASN A 1 1.69 12.65 -17.94
CA ASN A 1 1.56 11.42 -17.16
C ASN A 1 2.54 11.48 -16.01
N THR A 2 2.48 10.52 -15.13
CA THR A 2 3.42 10.43 -14.05
C THR A 2 4.55 9.48 -14.47
N ALA A 3 5.80 9.86 -14.24
CA ALA A 3 6.95 9.04 -14.63
C ALA A 3 6.94 7.69 -13.91
N ALA A 4 6.51 7.72 -12.68
CA ALA A 4 6.36 6.52 -11.90
C ALA A 4 4.89 6.25 -11.67
N SER A 5 4.36 5.27 -12.35
CA SER A 5 2.95 4.94 -12.25
C SER A 5 2.68 4.09 -11.01
N LEU A 6 3.71 3.86 -10.26
CA LEU A 6 3.64 3.12 -9.01
C LEU A 6 3.51 4.13 -7.86
N GLN A 7 3.36 5.38 -8.24
CA GLN A 7 3.14 6.45 -7.28
C GLN A 7 1.68 6.84 -7.27
N GLN A 8 0.91 6.18 -8.08
CA GLN A 8 -0.49 6.44 -8.20
C GLN A 8 -1.26 5.14 -8.05
N TRP A 9 -2.19 5.13 -7.16
CA TRP A 9 -2.96 3.95 -6.84
C TRP A 9 -4.41 4.33 -6.68
N LYS A 10 -5.29 3.35 -6.70
CA LYS A 10 -6.69 3.62 -6.47
C LYS A 10 -7.16 2.86 -5.23
N VAL A 11 -8.16 3.38 -4.60
CA VAL A 11 -8.77 2.74 -3.45
C VAL A 11 -9.38 1.41 -3.86
N GLY A 12 -9.04 0.36 -3.16
CA GLY A 12 -9.59 -0.93 -3.45
C GLY A 12 -8.66 -1.78 -4.26
N ASP A 13 -7.44 -1.30 -4.46
CA ASP A 13 -6.45 -2.04 -5.22
C ASP A 13 -5.57 -2.77 -4.24
N LYS A 14 -5.07 -3.88 -4.65
CA LYS A 14 -4.21 -4.66 -3.82
C LYS A 14 -2.77 -4.30 -4.09
N CYS A 15 -1.99 -4.26 -3.07
CA CYS A 15 -0.64 -3.87 -3.18
C CYS A 15 0.18 -4.55 -2.09
N SER A 16 1.34 -4.04 -1.86
CA SER A 16 2.18 -4.48 -0.79
C SER A 16 2.69 -3.27 -0.06
N ALA A 17 2.95 -3.44 1.20
CA ALA A 17 3.41 -2.37 2.03
C ALA A 17 4.46 -2.88 2.98
N ILE A 18 5.25 -1.99 3.49
CA ILE A 18 6.27 -2.32 4.45
C ILE A 18 5.71 -2.18 5.84
N TRP A 19 5.60 -3.28 6.50
CA TRP A 19 5.07 -3.30 7.84
C TRP A 19 6.06 -2.66 8.76
N SER A 20 5.61 -1.70 9.48
CA SER A 20 6.43 -0.95 10.38
C SER A 20 7.00 -1.81 11.50
N GLU A 21 6.37 -2.91 11.74
CA GLU A 21 6.73 -3.76 12.83
C GLU A 21 7.88 -4.70 12.47
N ASP A 22 7.86 -5.27 11.28
CA ASP A 22 8.96 -6.18 10.90
C ASP A 22 9.86 -5.57 9.85
N GLY A 23 9.39 -4.49 9.24
CA GLY A 23 10.20 -3.80 8.23
C GLY A 23 10.12 -4.50 6.88
N CYS A 24 9.43 -5.60 6.86
CA CYS A 24 9.30 -6.46 5.74
C CYS A 24 8.12 -6.09 4.85
N ILE A 25 8.10 -6.65 3.66
CA ILE A 25 7.04 -6.44 2.70
C ILE A 25 5.94 -7.44 2.93
N TYR A 26 4.74 -6.97 2.96
CA TYR A 26 3.58 -7.81 3.15
C TYR A 26 2.45 -7.33 2.27
N PRO A 27 1.54 -8.23 1.86
CA PRO A 27 0.39 -7.89 1.02
C PRO A 27 -0.64 -7.04 1.76
N ALA A 28 -1.04 -5.95 1.17
CA ALA A 28 -1.99 -5.07 1.78
C ALA A 28 -2.90 -4.49 0.74
N THR A 29 -4.09 -4.19 1.11
CA THR A 29 -5.04 -3.67 0.16
C THR A 29 -5.40 -2.25 0.54
N ILE A 30 -5.45 -1.38 -0.44
CA ILE A 30 -5.72 0.03 -0.22
C ILE A 30 -7.15 0.25 0.23
N ALA A 31 -7.29 0.82 1.41
CA ALA A 31 -8.58 1.08 1.98
C ALA A 31 -9.02 2.51 1.69
N SER A 32 -8.09 3.43 1.72
CA SER A 32 -8.37 4.82 1.43
C SER A 32 -7.09 5.53 1.05
N ILE A 33 -7.20 6.58 0.27
CA ILE A 33 -6.04 7.35 -0.16
C ILE A 33 -6.25 8.80 0.20
N ASP A 34 -5.25 9.39 0.80
CA ASP A 34 -5.27 10.80 1.11
C ASP A 34 -4.31 11.47 0.17
N PHE A 35 -4.84 12.15 -0.78
CA PHE A 35 -4.06 12.74 -1.84
C PHE A 35 -3.30 13.96 -1.35
N LYS A 36 -3.75 14.53 -0.27
CA LYS A 36 -3.12 15.71 0.28
C LYS A 36 -1.81 15.34 0.94
N ARG A 37 -1.80 14.20 1.61
CA ARG A 37 -0.60 13.72 2.27
C ARG A 37 0.15 12.76 1.39
N GLU A 38 -0.46 12.42 0.26
CA GLU A 38 0.08 11.47 -0.73
C GLU A 38 0.25 10.09 -0.09
N THR A 39 -0.57 9.83 0.89
CA THR A 39 -0.52 8.59 1.60
C THR A 39 -1.83 7.84 1.43
N CYS A 40 -1.84 6.62 1.83
CA CYS A 40 -3.00 5.81 1.79
C CYS A 40 -2.97 4.81 2.92
N VAL A 41 -4.10 4.43 3.40
CA VAL A 41 -4.19 3.45 4.42
C VAL A 41 -4.43 2.12 3.75
N VAL A 42 -3.66 1.14 4.14
CA VAL A 42 -3.77 -0.15 3.56
C VAL A 42 -4.02 -1.16 4.67
N VAL A 43 -4.75 -2.16 4.34
CA VAL A 43 -5.07 -3.23 5.24
C VAL A 43 -4.30 -4.45 4.83
N TYR A 44 -3.52 -4.97 5.74
CA TYR A 44 -2.73 -6.13 5.48
C TYR A 44 -3.60 -7.34 5.34
N THR A 45 -3.64 -7.84 4.14
CA THR A 45 -4.47 -8.92 3.77
C THR A 45 -4.11 -10.18 4.53
N GLY A 46 -5.11 -10.80 5.10
CA GLY A 46 -4.90 -12.02 5.83
C GLY A 46 -4.61 -11.79 7.28
N TYR A 47 -4.18 -10.59 7.63
CA TYR A 47 -3.84 -10.27 9.00
C TYR A 47 -4.89 -9.36 9.62
N GLY A 48 -5.36 -8.39 8.86
CA GLY A 48 -6.41 -7.52 9.34
C GLY A 48 -5.93 -6.23 9.96
N ASN A 49 -4.64 -5.94 9.86
CA ASN A 49 -4.14 -4.68 10.41
C ASN A 49 -4.18 -3.64 9.36
N ARG A 50 -4.11 -2.42 9.75
CA ARG A 50 -4.15 -1.35 8.82
C ARG A 50 -3.09 -0.35 9.16
N GLU A 51 -2.43 0.14 8.16
CA GLU A 51 -1.33 1.01 8.32
C GLU A 51 -1.35 2.02 7.19
N GLU A 52 -0.83 3.20 7.46
CA GLU A 52 -0.84 4.26 6.50
C GLU A 52 0.54 4.38 5.89
N GLN A 53 0.57 4.25 4.59
CA GLN A 53 1.76 4.20 3.82
C GLN A 53 1.68 5.24 2.74
N ASN A 54 2.78 5.57 2.15
CA ASN A 54 2.83 6.57 1.09
C ASN A 54 2.58 5.87 -0.21
N LEU A 55 1.87 6.52 -1.09
CA LEU A 55 1.56 6.00 -2.43
C LEU A 55 2.83 5.63 -3.19
N SER A 56 3.86 6.44 -3.07
CA SER A 56 5.13 6.20 -3.74
C SER A 56 5.90 5.10 -3.02
N ASP A 57 5.50 4.81 -1.80
CA ASP A 57 6.25 3.90 -0.96
C ASP A 57 5.57 2.53 -0.95
N LEU A 58 4.46 2.44 -1.66
CA LEU A 58 3.77 1.19 -1.83
C LEU A 58 4.54 0.29 -2.76
N LEU A 59 4.20 -0.96 -2.75
CA LEU A 59 4.89 -1.96 -3.50
C LEU A 59 3.88 -2.81 -4.23
N SER A 60 4.33 -3.55 -5.20
CA SER A 60 3.48 -4.41 -6.01
C SER A 60 2.97 -5.60 -5.16
N PRO A 61 1.69 -5.97 -5.30
CA PRO A 61 1.01 -6.94 -4.43
C PRO A 61 1.60 -8.34 -4.42
N ILE A 62 1.61 -8.90 -3.24
CA ILE A 62 2.00 -10.26 -3.01
C ILE A 62 0.72 -11.04 -2.88
N CYS A 63 0.70 -12.22 -3.35
CA CYS A 63 -0.46 -13.03 -3.26
C CYS A 63 -0.17 -14.27 -2.46
N GLU A 64 -0.64 -14.27 -1.27
CA GLU A 64 -0.51 -15.39 -0.41
C GLU A 64 -1.93 -15.92 -0.20
N 2MR B . 5.83 -10.56 13.34
CA 2MR B . 4.38 -10.80 13.34
CB 2MR B . 3.95 -11.41 12.01
CG 2MR B . 2.46 -11.72 11.87
CD 2MR B . 1.65 -10.48 11.51
NE 2MR B . 2.12 -9.90 10.24
CZ 2MR B . 1.57 -8.84 9.64
NH1 2MR B . 0.48 -8.26 10.23
CQ1 2MR B . -0.35 -7.09 9.83
NH2 2MR B . 2.17 -8.40 8.52
CQ2 2MR B . 1.83 -7.30 7.65
C 2MR B . 4.04 -11.71 14.48
O 2MR B . 3.27 -11.32 15.35
OXT 2MR B . 4.58 -12.82 14.52
H2 2MR B . 6.18 -10.01 12.52
H 2MR B . 6.08 -10.08 14.21
H3 2MR B . 6.31 -11.48 13.36
HA 2MR B . 3.87 -9.86 13.49
HB2 2MR B . 4.52 -12.29 11.77
HB3 2MR B . 4.12 -10.63 11.28
HG2 2MR B . 2.09 -12.10 12.82
HG3 2MR B . 2.30 -12.47 11.10
HD2 2MR B . 1.76 -9.73 12.29
HD3 2MR B . 0.61 -10.75 11.39
HE 2MR B . 2.88 -10.38 9.85
HQ11 2MR B . 0.19 -6.18 10.03
HQ12 2MR B . -0.56 -7.17 8.77
HQ13 2MR B . -1.26 -7.11 10.39
HH2 2MR B . 2.99 -8.86 8.19
HQ21 2MR B . 2.69 -7.04 7.06
HQ22 2MR B . 1.01 -7.58 7.01
HQ23 2MR B . 1.54 -6.44 8.24
HH1 2MR B . 0.11 -8.65 11.08
N ASN A 1 0.07 9.90 -19.98
CA ASN A 1 0.38 8.70 -19.22
C ASN A 1 1.55 8.97 -18.32
N THR A 2 1.32 8.99 -17.05
CA THR A 2 2.39 9.18 -16.10
C THR A 2 3.23 7.90 -16.05
N ALA A 3 4.52 8.04 -16.28
CA ALA A 3 5.42 6.90 -16.27
C ALA A 3 5.52 6.33 -14.86
N ALA A 4 5.44 7.20 -13.89
CA ALA A 4 5.45 6.78 -12.51
C ALA A 4 4.07 6.34 -12.09
N SER A 5 3.79 5.09 -12.32
CA SER A 5 2.48 4.54 -12.04
C SER A 5 2.47 3.69 -10.78
N LEU A 6 3.58 3.66 -10.14
CA LEU A 6 3.70 2.92 -8.90
C LEU A 6 3.54 3.92 -7.77
N GLN A 7 3.34 5.14 -8.16
CA GLN A 7 3.12 6.22 -7.23
C GLN A 7 1.67 6.66 -7.30
N GLN A 8 0.89 5.95 -8.08
CA GLN A 8 -0.51 6.29 -8.27
C GLN A 8 -1.34 5.06 -8.10
N TRP A 9 -2.20 5.09 -7.12
CA TRP A 9 -3.00 3.96 -6.76
C TRP A 9 -4.44 4.39 -6.59
N LYS A 10 -5.35 3.44 -6.57
CA LYS A 10 -6.74 3.73 -6.33
C LYS A 10 -7.23 2.92 -5.14
N VAL A 11 -8.23 3.41 -4.48
CA VAL A 11 -8.83 2.75 -3.34
C VAL A 11 -9.43 1.41 -3.77
N GLY A 12 -9.07 0.36 -3.09
CA GLY A 12 -9.59 -0.94 -3.40
C GLY A 12 -8.65 -1.74 -4.26
N ASP A 13 -7.43 -1.26 -4.38
CA ASP A 13 -6.44 -1.97 -5.15
C ASP A 13 -5.56 -2.71 -4.20
N LYS A 14 -5.12 -3.85 -4.60
CA LYS A 14 -4.26 -4.66 -3.80
C LYS A 14 -2.82 -4.32 -4.08
N CYS A 15 -2.03 -4.29 -3.07
CA CYS A 15 -0.67 -3.90 -3.20
C CYS A 15 0.17 -4.55 -2.11
N SER A 16 1.33 -4.04 -1.90
CA SER A 16 2.21 -4.47 -0.85
C SER A 16 2.72 -3.27 -0.10
N ALA A 17 2.93 -3.44 1.16
CA ALA A 17 3.40 -2.40 2.00
C ALA A 17 4.45 -2.91 2.94
N ILE A 18 5.22 -2.01 3.48
CA ILE A 18 6.26 -2.33 4.42
C ILE A 18 5.70 -2.18 5.81
N TRP A 19 5.55 -3.29 6.47
CA TRP A 19 5.03 -3.28 7.81
C TRP A 19 6.03 -2.63 8.67
N SER A 20 5.62 -1.60 9.32
CA SER A 20 6.49 -0.83 10.16
C SER A 20 7.08 -1.64 11.29
N GLU A 21 6.39 -2.67 11.64
CA GLU A 21 6.72 -3.45 12.78
C GLU A 21 7.84 -4.44 12.49
N ASP A 22 7.80 -5.08 11.33
CA ASP A 22 8.84 -6.06 11.03
C ASP A 22 9.79 -5.51 9.97
N GLY A 23 9.35 -4.45 9.29
CA GLY A 23 10.16 -3.78 8.27
C GLY A 23 10.09 -4.47 6.94
N CYS A 24 9.39 -5.57 6.93
CA CYS A 24 9.27 -6.40 5.80
C CYS A 24 8.06 -6.07 4.92
N ILE A 25 8.07 -6.64 3.73
CA ILE A 25 7.03 -6.46 2.76
C ILE A 25 5.93 -7.47 2.94
N TYR A 26 4.72 -7.01 2.95
CA TYR A 26 3.57 -7.86 3.09
C TYR A 26 2.45 -7.34 2.20
N PRO A 27 1.55 -8.23 1.72
CA PRO A 27 0.43 -7.84 0.89
C PRO A 27 -0.61 -7.05 1.68
N ALA A 28 -1.04 -5.96 1.12
CA ALA A 28 -1.99 -5.10 1.75
C ALA A 28 -2.87 -4.46 0.72
N THR A 29 -4.07 -4.22 1.06
CA THR A 29 -5.00 -3.66 0.12
C THR A 29 -5.38 -2.26 0.54
N ILE A 30 -5.42 -1.37 -0.39
CA ILE A 30 -5.70 0.03 -0.13
C ILE A 30 -7.14 0.21 0.33
N ALA A 31 -7.30 0.79 1.49
CA ALA A 31 -8.59 1.03 2.05
C ALA A 31 -9.04 2.46 1.79
N SER A 32 -8.10 3.38 1.83
CA SER A 32 -8.37 4.77 1.58
C SER A 32 -7.10 5.49 1.18
N ILE A 33 -7.21 6.55 0.39
CA ILE A 33 -6.07 7.32 -0.05
C ILE A 33 -6.27 8.78 0.29
N ASP A 34 -5.28 9.37 0.87
CA ASP A 34 -5.29 10.77 1.18
C ASP A 34 -4.33 11.44 0.23
N PHE A 35 -4.87 12.12 -0.75
CA PHE A 35 -4.05 12.73 -1.79
C PHE A 35 -3.31 13.96 -1.30
N LYS A 36 -3.74 14.49 -0.18
CA LYS A 36 -3.11 15.66 0.40
C LYS A 36 -1.78 15.28 1.02
N ARG A 37 -1.72 14.09 1.60
CA ARG A 37 -0.48 13.61 2.21
C ARG A 37 0.25 12.68 1.26
N GLU A 38 -0.41 12.34 0.16
CA GLU A 38 0.07 11.35 -0.81
C GLU A 38 0.25 9.99 -0.14
N THR A 39 -0.58 9.73 0.84
CA THR A 39 -0.53 8.51 1.56
C THR A 39 -1.83 7.77 1.43
N CYS A 40 -1.83 6.55 1.83
CA CYS A 40 -3.00 5.74 1.81
C CYS A 40 -2.95 4.76 2.94
N VAL A 41 -4.09 4.37 3.41
CA VAL A 41 -4.17 3.38 4.44
C VAL A 41 -4.40 2.06 3.75
N VAL A 42 -3.63 1.09 4.13
CA VAL A 42 -3.74 -0.21 3.54
C VAL A 42 -4.01 -1.23 4.62
N VAL A 43 -4.75 -2.22 4.27
CA VAL A 43 -5.09 -3.28 5.16
C VAL A 43 -4.30 -4.50 4.76
N TYR A 44 -3.52 -4.99 5.68
CA TYR A 44 -2.71 -6.14 5.45
C TYR A 44 -3.56 -7.36 5.29
N THR A 45 -3.52 -7.89 4.11
CA THR A 45 -4.34 -8.98 3.72
C THR A 45 -3.98 -10.25 4.49
N GLY A 46 -4.97 -10.87 5.06
CA GLY A 46 -4.77 -12.07 5.80
C GLY A 46 -4.47 -11.79 7.25
N TYR A 47 -4.23 -10.54 7.57
CA TYR A 47 -3.95 -10.18 8.92
C TYR A 47 -5.06 -9.33 9.49
N GLY A 48 -5.41 -8.29 8.77
CA GLY A 48 -6.48 -7.43 9.21
C GLY A 48 -6.03 -6.12 9.81
N ASN A 49 -4.73 -5.85 9.76
CA ASN A 49 -4.24 -4.57 10.31
C ASN A 49 -4.27 -3.55 9.25
N ARG A 50 -4.21 -2.33 9.64
CA ARG A 50 -4.22 -1.26 8.70
C ARG A 50 -3.17 -0.24 9.09
N GLU A 51 -2.46 0.20 8.11
CA GLU A 51 -1.36 1.08 8.28
C GLU A 51 -1.35 2.09 7.16
N GLU A 52 -0.83 3.27 7.42
CA GLU A 52 -0.83 4.33 6.45
C GLU A 52 0.54 4.45 5.85
N GLN A 53 0.59 4.25 4.57
CA GLN A 53 1.81 4.22 3.82
C GLN A 53 1.73 5.25 2.73
N ASN A 54 2.84 5.58 2.17
CA ASN A 54 2.89 6.55 1.07
C ASN A 54 2.60 5.83 -0.20
N LEU A 55 1.94 6.50 -1.09
CA LEU A 55 1.60 5.95 -2.41
C LEU A 55 2.87 5.54 -3.17
N SER A 56 3.90 6.34 -3.04
CA SER A 56 5.16 6.07 -3.69
C SER A 56 5.98 5.03 -2.91
N ASP A 57 5.55 4.73 -1.70
CA ASP A 57 6.30 3.80 -0.84
C ASP A 57 5.68 2.42 -0.94
N LEU A 58 4.54 2.37 -1.60
CA LEU A 58 3.85 1.12 -1.82
C LEU A 58 4.60 0.25 -2.79
N LEU A 59 4.22 -0.97 -2.84
CA LEU A 59 4.87 -1.95 -3.66
C LEU A 59 3.82 -2.77 -4.37
N SER A 60 4.21 -3.49 -5.39
CA SER A 60 3.30 -4.34 -6.14
C SER A 60 2.86 -5.51 -5.26
N PRO A 61 1.58 -5.93 -5.35
CA PRO A 61 0.98 -6.92 -4.45
C PRO A 61 1.64 -8.27 -4.47
N ILE A 62 1.72 -8.85 -3.32
CA ILE A 62 2.25 -10.17 -3.18
C ILE A 62 1.10 -11.12 -3.24
N CYS A 63 1.31 -12.17 -3.95
CA CYS A 63 0.34 -13.19 -4.15
C CYS A 63 1.09 -14.43 -4.55
N GLU A 64 1.32 -15.27 -3.60
CA GLU A 64 2.10 -16.45 -3.82
C GLU A 64 1.19 -17.66 -3.82
N 2MR B . 4.77 -10.17 14.53
CA 2MR B . 3.44 -10.61 14.12
CB 2MR B . 3.44 -11.23 12.72
CG 2MR B . 2.05 -11.55 12.20
CD 2MR B . 1.31 -10.30 11.74
NE 2MR B . 1.92 -9.76 10.53
CZ 2MR B . 1.47 -8.72 9.83
NH1 2MR B . 0.33 -8.10 10.27
CQ1 2MR B . -0.43 -6.96 9.74
NH2 2MR B . 2.16 -8.36 8.73
CQ2 2MR B . 1.94 -7.30 7.77
C 2MR B . 2.98 -11.65 15.11
O 2MR B . 1.95 -11.45 15.77
OXT 2MR B . 3.68 -12.66 15.27
H2 2MR B . 5.14 -9.40 13.94
H 2MR B . 4.69 -9.81 15.50
H3 2MR B . 5.42 -10.97 14.55
HA 2MR B . 2.75 -9.78 14.16
HB2 2MR B . 4.03 -12.13 12.73
HB3 2MR B . 3.88 -10.51 12.04
HG2 2MR B . 1.48 -12.02 12.99
HG3 2MR B . 2.13 -12.24 11.37
HD2 2MR B . 1.35 -9.54 12.50
HD3 2MR B . 0.29 -10.55 11.52
HE 2MR B . 2.73 -10.23 10.23
HQ11 2MR B . -1.32 -6.86 10.33
HQ12 2MR B . 0.17 -6.06 9.79
HQ13 2MR B . -0.71 -7.18 8.72
HH2 2MR B . 2.98 -8.88 8.48
HQ21 2MR B . 2.79 -7.24 7.09
HQ22 2MR B . 1.05 -7.50 7.19
HQ23 2MR B . 1.83 -6.36 8.28
HH1 2MR B . -0.13 -8.47 11.09
N ASN A 1 -0.88 -1.81 -15.73
CA ASN A 1 -0.42 -1.84 -17.13
C ASN A 1 1.00 -1.32 -17.26
N THR A 2 1.45 -0.51 -16.31
CA THR A 2 2.77 0.04 -16.34
C THR A 2 3.46 -0.17 -15.01
N ALA A 3 4.76 -0.14 -15.00
CA ALA A 3 5.52 -0.31 -13.78
C ALA A 3 5.81 1.06 -13.17
N ALA A 4 5.90 2.06 -14.04
CA ALA A 4 6.26 3.42 -13.66
C ALA A 4 5.04 4.24 -13.24
N SER A 5 4.01 3.56 -12.85
CA SER A 5 2.80 4.20 -12.35
C SER A 5 2.69 3.95 -10.85
N LEU A 6 3.84 3.84 -10.22
CA LEU A 6 3.96 3.45 -8.84
C LEU A 6 3.57 4.54 -7.85
N GLN A 7 3.17 5.66 -8.35
CA GLN A 7 2.74 6.73 -7.48
C GLN A 7 1.24 6.95 -7.58
N GLN A 8 0.60 6.17 -8.43
CA GLN A 8 -0.83 6.29 -8.62
C GLN A 8 -1.51 4.97 -8.28
N TRP A 9 -2.31 5.01 -7.26
CA TRP A 9 -3.03 3.88 -6.76
C TRP A 9 -4.48 4.27 -6.52
N LYS A 10 -5.36 3.30 -6.38
CA LYS A 10 -6.76 3.61 -6.12
C LYS A 10 -7.24 2.83 -4.91
N VAL A 11 -8.27 3.32 -4.28
CA VAL A 11 -8.88 2.65 -3.16
C VAL A 11 -9.47 1.31 -3.62
N GLY A 12 -9.11 0.25 -2.95
CA GLY A 12 -9.62 -1.05 -3.32
C GLY A 12 -8.64 -1.82 -4.17
N ASP A 13 -7.45 -1.27 -4.32
CA ASP A 13 -6.42 -1.92 -5.11
C ASP A 13 -5.48 -2.62 -4.17
N LYS A 14 -4.99 -3.74 -4.58
CA LYS A 14 -4.04 -4.47 -3.83
C LYS A 14 -2.64 -4.01 -4.11
N CYS A 15 -1.82 -4.19 -3.14
CA CYS A 15 -0.46 -3.74 -3.19
C CYS A 15 0.34 -4.50 -2.13
N SER A 16 1.52 -4.06 -1.94
CA SER A 16 2.38 -4.56 -0.92
C SER A 16 2.87 -3.39 -0.12
N ALA A 17 3.04 -3.57 1.15
CA ALA A 17 3.49 -2.52 2.00
C ALA A 17 4.52 -3.04 2.97
N ILE A 18 5.29 -2.14 3.52
CA ILE A 18 6.29 -2.47 4.48
C ILE A 18 5.70 -2.29 5.85
N TRP A 19 5.53 -3.38 6.51
CA TRP A 19 4.98 -3.36 7.82
C TRP A 19 5.96 -2.74 8.73
N SER A 20 5.54 -1.71 9.39
CA SER A 20 6.38 -0.97 10.27
C SER A 20 6.87 -1.77 11.45
N GLU A 21 6.20 -2.85 11.72
CA GLU A 21 6.53 -3.64 12.84
C GLU A 21 7.68 -4.61 12.57
N ASP A 22 7.69 -5.24 11.40
CA ASP A 22 8.82 -6.15 11.08
C ASP A 22 9.75 -5.55 10.07
N GLY A 23 9.28 -4.52 9.39
CA GLY A 23 10.08 -3.85 8.36
C GLY A 23 10.05 -4.63 7.04
N CYS A 24 9.33 -5.72 7.05
CA CYS A 24 9.20 -6.63 5.96
C CYS A 24 8.03 -6.27 5.04
N ILE A 25 8.02 -6.85 3.85
CA ILE A 25 6.98 -6.61 2.86
C ILE A 25 5.86 -7.60 3.06
N TYR A 26 4.66 -7.11 3.09
CA TYR A 26 3.50 -7.94 3.23
C TYR A 26 2.40 -7.43 2.31
N PRO A 27 1.50 -8.32 1.87
CA PRO A 27 0.39 -7.95 0.98
C PRO A 27 -0.64 -7.09 1.71
N ALA A 28 -1.07 -6.05 1.09
CA ALA A 28 -2.01 -5.16 1.68
C ALA A 28 -2.92 -4.59 0.64
N THR A 29 -4.08 -4.22 1.01
CA THR A 29 -5.01 -3.64 0.09
C THR A 29 -5.36 -2.24 0.55
N ILE A 30 -5.36 -1.32 -0.37
CA ILE A 30 -5.64 0.07 -0.10
C ILE A 30 -7.06 0.25 0.39
N ALA A 31 -7.20 0.82 1.55
CA ALA A 31 -8.47 1.04 2.17
C ALA A 31 -8.96 2.45 1.91
N SER A 32 -8.05 3.40 1.94
CA SER A 32 -8.37 4.81 1.69
C SER A 32 -7.10 5.53 1.27
N ILE A 33 -7.23 6.56 0.45
CA ILE A 33 -6.10 7.34 -0.03
C ILE A 33 -6.30 8.79 0.32
N ASP A 34 -5.28 9.39 0.86
CA ASP A 34 -5.29 10.78 1.19
C ASP A 34 -4.38 11.46 0.20
N PHE A 35 -4.96 12.14 -0.76
CA PHE A 35 -4.19 12.76 -1.83
C PHE A 35 -3.48 14.00 -1.35
N LYS A 36 -3.87 14.49 -0.20
CA LYS A 36 -3.27 15.65 0.37
C LYS A 36 -1.89 15.32 0.92
N ARG A 37 -1.77 14.17 1.56
CA ARG A 37 -0.48 13.74 2.11
C ARG A 37 0.20 12.81 1.14
N GLU A 38 -0.53 12.41 0.10
CA GLU A 38 -0.08 11.43 -0.90
C GLU A 38 0.22 10.09 -0.22
N THR A 39 -0.55 9.82 0.80
CA THR A 39 -0.43 8.60 1.53
C THR A 39 -1.76 7.85 1.47
N CYS A 40 -1.75 6.62 1.82
CA CYS A 40 -2.94 5.83 1.81
C CYS A 40 -2.88 4.80 2.90
N VAL A 41 -4.01 4.41 3.37
CA VAL A 41 -4.10 3.42 4.39
C VAL A 41 -4.34 2.10 3.71
N VAL A 42 -3.59 1.11 4.08
CA VAL A 42 -3.73 -0.18 3.51
C VAL A 42 -3.99 -1.19 4.61
N VAL A 43 -4.73 -2.19 4.27
CA VAL A 43 -5.06 -3.25 5.16
C VAL A 43 -4.27 -4.46 4.76
N TYR A 44 -3.50 -4.97 5.68
CA TYR A 44 -2.71 -6.14 5.43
C TYR A 44 -3.58 -7.34 5.28
N THR A 45 -3.57 -7.85 4.09
CA THR A 45 -4.41 -8.92 3.68
C THR A 45 -4.07 -10.19 4.45
N GLY A 46 -5.09 -10.81 5.00
CA GLY A 46 -4.92 -12.02 5.74
C GLY A 46 -4.72 -11.74 7.21
N TYR A 47 -4.22 -10.56 7.53
CA TYR A 47 -3.91 -10.24 8.89
C TYR A 47 -5.00 -9.43 9.51
N GLY A 48 -5.37 -8.36 8.85
CA GLY A 48 -6.41 -7.53 9.36
C GLY A 48 -5.89 -6.28 10.06
N ASN A 49 -4.67 -5.89 9.79
CA ASN A 49 -4.20 -4.61 10.33
C ASN A 49 -4.20 -3.59 9.26
N ARG A 50 -4.16 -2.36 9.64
CA ARG A 50 -4.17 -1.30 8.70
C ARG A 50 -3.10 -0.30 9.06
N GLU A 51 -2.45 0.20 8.07
CA GLU A 51 -1.35 1.10 8.23
C GLU A 51 -1.31 2.08 7.07
N GLU A 52 -0.80 3.27 7.30
CA GLU A 52 -0.79 4.29 6.29
C GLU A 52 0.59 4.41 5.70
N GLN A 53 0.66 4.23 4.43
CA GLN A 53 1.89 4.21 3.69
C GLN A 53 1.78 5.23 2.59
N ASN A 54 2.88 5.60 2.02
CA ASN A 54 2.90 6.61 0.96
C ASN A 54 2.61 5.93 -0.34
N LEU A 55 1.89 6.62 -1.20
CA LEU A 55 1.56 6.10 -2.53
C LEU A 55 2.83 5.77 -3.31
N SER A 56 3.80 6.63 -3.20
CA SER A 56 5.07 6.46 -3.91
C SER A 56 5.98 5.45 -3.18
N ASP A 57 5.57 5.02 -2.01
CA ASP A 57 6.40 4.13 -1.20
C ASP A 57 5.77 2.74 -1.16
N LEU A 58 4.61 2.63 -1.81
CA LEU A 58 3.93 1.37 -1.92
C LEU A 58 4.70 0.44 -2.82
N LEU A 59 4.36 -0.80 -2.74
CA LEU A 59 5.01 -1.81 -3.47
C LEU A 59 3.98 -2.57 -4.27
N SER A 60 4.40 -3.21 -5.29
CA SER A 60 3.52 -3.92 -6.18
C SER A 60 2.97 -5.18 -5.48
N PRO A 61 1.67 -5.50 -5.70
CA PRO A 61 1.00 -6.62 -5.02
C PRO A 61 1.66 -7.97 -5.31
N ILE A 62 1.57 -8.86 -4.36
CA ILE A 62 2.17 -10.16 -4.49
C ILE A 62 1.14 -11.09 -5.12
N CYS A 63 1.58 -11.91 -6.02
CA CYS A 63 0.70 -12.81 -6.71
C CYS A 63 1.37 -14.16 -6.88
N GLU A 64 2.30 -14.45 -6.01
CA GLU A 64 3.04 -15.68 -6.06
C GLU A 64 2.74 -16.48 -4.82
N 2MR B . 5.70 -10.32 13.35
CA 2MR B . 4.27 -10.59 13.48
CB 2MR B . 3.74 -11.25 12.20
CG 2MR B . 2.24 -11.52 12.17
CD 2MR B . 1.48 -10.26 11.82
NE 2MR B . 1.96 -9.72 10.53
CZ 2MR B . 1.41 -8.72 9.86
NH1 2MR B . 0.30 -8.11 10.39
CQ1 2MR B . -0.51 -7.00 9.90
NH2 2MR B . 2.03 -8.34 8.74
CQ2 2MR B . 1.71 -7.29 7.78
C 2MR B . 4.09 -11.49 14.66
O 2MR B . 3.39 -11.12 15.61
OXT 2MR B . 4.72 -12.55 14.67
H2 2MR B . 5.99 -9.82 12.50
H 2MR B . 6.02 -9.80 14.20
H3 2MR B . 6.19 -11.23 13.38
HA 2MR B . 3.76 -9.67 13.67
HB2 2MR B . 4.30 -12.15 11.98
HB3 2MR B . 3.91 -10.49 11.45
HG2 2MR B . 1.92 -11.86 13.13
HG3 2MR B . 2.03 -12.25 11.42
HD2 2MR B . 1.63 -9.51 12.58
HD3 2MR B . 0.43 -10.50 11.74
HE 2MR B . 2.74 -10.19 10.16
HQ11 2MR B . 0.02 -6.08 10.02
HQ12 2MR B . -0.73 -7.16 8.85
HQ13 2MR B . -1.43 -6.96 10.46
HH2 2MR B . 2.87 -8.81 8.44
HQ21 2MR B . 1.42 -6.41 8.31
HQ22 2MR B . 2.58 -7.10 7.18
HQ23 2MR B . 0.90 -7.62 7.15
HH1 2MR B . -0.09 -8.44 11.27
N ASN A 1 9.31 4.85 -6.69
CA ASN A 1 9.46 4.78 -8.14
C ASN A 1 8.62 5.88 -8.75
N THR A 2 9.27 6.81 -9.45
CA THR A 2 8.54 7.89 -10.06
C THR A 2 8.58 7.82 -11.59
N ALA A 3 9.50 7.05 -12.09
CA ALA A 3 9.65 6.88 -13.53
C ALA A 3 8.70 5.81 -13.97
N ALA A 4 8.66 4.77 -13.18
CA ALA A 4 7.68 3.76 -13.34
C ALA A 4 6.47 4.27 -12.63
N SER A 5 5.36 4.29 -13.29
CA SER A 5 4.15 4.80 -12.70
C SER A 5 3.65 3.87 -11.62
N LEU A 6 4.11 4.14 -10.42
CA LEU A 6 3.82 3.35 -9.27
C LEU A 6 3.40 4.30 -8.14
N GLN A 7 3.08 5.52 -8.53
CA GLN A 7 2.63 6.52 -7.57
C GLN A 7 1.13 6.68 -7.67
N GLN A 8 0.56 6.05 -8.66
CA GLN A 8 -0.85 6.15 -8.90
C GLN A 8 -1.55 4.88 -8.46
N TRP A 9 -2.29 4.99 -7.40
CA TRP A 9 -3.05 3.90 -6.86
C TRP A 9 -4.48 4.35 -6.66
N LYS A 10 -5.38 3.40 -6.49
CA LYS A 10 -6.77 3.71 -6.25
C LYS A 10 -7.23 2.99 -5.00
N VAL A 11 -8.24 3.51 -4.36
CA VAL A 11 -8.85 2.88 -3.22
C VAL A 11 -9.46 1.54 -3.65
N GLY A 12 -9.20 0.49 -2.90
CA GLY A 12 -9.73 -0.80 -3.22
C GLY A 12 -8.81 -1.61 -4.09
N ASP A 13 -7.55 -1.23 -4.13
CA ASP A 13 -6.58 -1.96 -4.93
C ASP A 13 -5.59 -2.62 -4.03
N LYS A 14 -5.09 -3.72 -4.46
CA LYS A 14 -4.12 -4.48 -3.73
C LYS A 14 -2.74 -3.98 -4.03
N CYS A 15 -1.89 -4.11 -3.07
CA CYS A 15 -0.56 -3.68 -3.16
C CYS A 15 0.26 -4.43 -2.11
N SER A 16 1.42 -3.99 -1.91
CA SER A 16 2.29 -4.49 -0.89
C SER A 16 2.84 -3.32 -0.11
N ALA A 17 3.04 -3.50 1.17
CA ALA A 17 3.50 -2.45 2.02
C ALA A 17 4.52 -2.96 3.01
N ILE A 18 5.30 -2.05 3.54
CA ILE A 18 6.29 -2.36 4.55
C ILE A 18 5.71 -2.20 5.93
N TRP A 19 5.55 -3.30 6.60
CA TRP A 19 5.01 -3.30 7.94
C TRP A 19 6.00 -2.69 8.84
N SER A 20 5.58 -1.69 9.54
CA SER A 20 6.42 -0.95 10.43
C SER A 20 6.95 -1.81 11.57
N GLU A 21 6.25 -2.86 11.85
CA GLU A 21 6.52 -3.68 12.98
C GLU A 21 7.66 -4.67 12.71
N ASP A 22 7.69 -5.25 11.52
CA ASP A 22 8.81 -6.18 11.17
C ASP A 22 9.75 -5.57 10.17
N GLY A 23 9.30 -4.52 9.51
CA GLY A 23 10.12 -3.84 8.49
C GLY A 23 10.07 -4.56 7.16
N CYS A 24 9.36 -5.64 7.14
CA CYS A 24 9.24 -6.52 6.02
C CYS A 24 8.07 -6.15 5.10
N ILE A 25 8.10 -6.71 3.89
CA ILE A 25 7.07 -6.49 2.89
C ILE A 25 5.94 -7.50 3.07
N TYR A 26 4.73 -7.02 3.04
CA TYR A 26 3.56 -7.84 3.20
C TYR A 26 2.45 -7.33 2.28
N PRO A 27 1.53 -8.23 1.85
CA PRO A 27 0.41 -7.85 0.98
C PRO A 27 -0.63 -7.00 1.71
N ALA A 28 -1.13 -6.00 1.05
CA ALA A 28 -2.10 -5.12 1.65
C ALA A 28 -3.04 -4.59 0.59
N THR A 29 -4.20 -4.16 1.00
CA THR A 29 -5.15 -3.59 0.08
C THR A 29 -5.42 -2.16 0.53
N ILE A 30 -5.44 -1.24 -0.39
CA ILE A 30 -5.66 0.16 -0.09
C ILE A 30 -7.09 0.39 0.34
N ALA A 31 -7.26 0.87 1.55
CA ALA A 31 -8.56 1.11 2.12
C ALA A 31 -9.00 2.55 1.90
N SER A 32 -8.04 3.45 1.84
CA SER A 32 -8.30 4.84 1.61
C SER A 32 -7.03 5.51 1.16
N ILE A 33 -7.15 6.58 0.41
CA ILE A 33 -6.03 7.35 -0.02
C ILE A 33 -6.24 8.79 0.35
N ASP A 34 -5.24 9.39 0.90
CA ASP A 34 -5.26 10.79 1.19
C ASP A 34 -4.33 11.42 0.20
N PHE A 35 -4.88 12.02 -0.82
CA PHE A 35 -4.10 12.59 -1.90
C PHE A 35 -3.39 13.84 -1.47
N LYS A 36 -3.82 14.40 -0.37
CA LYS A 36 -3.19 15.59 0.16
C LYS A 36 -1.85 15.24 0.78
N ARG A 37 -1.79 14.12 1.48
CA ARG A 37 -0.53 13.69 2.09
C ARG A 37 0.20 12.74 1.17
N GLU A 38 -0.49 12.36 0.09
CA GLU A 38 -0.01 11.37 -0.89
C GLU A 38 0.21 10.03 -0.20
N THR A 39 -0.58 9.78 0.82
CA THR A 39 -0.47 8.57 1.58
C THR A 39 -1.78 7.82 1.49
N CYS A 40 -1.76 6.59 1.87
CA CYS A 40 -2.94 5.79 1.86
C CYS A 40 -2.89 4.79 2.98
N VAL A 41 -4.02 4.42 3.46
CA VAL A 41 -4.10 3.44 4.49
C VAL A 41 -4.36 2.12 3.82
N VAL A 42 -3.61 1.13 4.16
CA VAL A 42 -3.75 -0.15 3.56
C VAL A 42 -4.01 -1.19 4.64
N VAL A 43 -4.78 -2.16 4.29
CA VAL A 43 -5.10 -3.26 5.16
C VAL A 43 -4.32 -4.47 4.74
N TYR A 44 -3.52 -4.97 5.64
CA TYR A 44 -2.69 -6.13 5.41
C TYR A 44 -3.54 -7.34 5.23
N THR A 45 -3.49 -7.87 4.07
CA THR A 45 -4.30 -8.95 3.69
C THR A 45 -3.84 -10.23 4.36
N GLY A 46 -4.77 -10.92 4.98
CA GLY A 46 -4.46 -12.13 5.67
C GLY A 46 -4.26 -11.88 7.14
N TYR A 47 -4.09 -10.62 7.51
CA TYR A 47 -3.84 -10.29 8.88
C TYR A 47 -4.94 -9.40 9.43
N GLY A 48 -5.35 -8.41 8.66
CA GLY A 48 -6.44 -7.56 9.08
C GLY A 48 -6.00 -6.26 9.73
N ASN A 49 -4.71 -5.96 9.69
CA ASN A 49 -4.24 -4.69 10.27
C ASN A 49 -4.24 -3.66 9.22
N ARG A 50 -4.18 -2.45 9.63
CA ARG A 50 -4.20 -1.36 8.72
C ARG A 50 -3.12 -0.40 9.09
N GLU A 51 -2.45 0.11 8.11
CA GLU A 51 -1.31 0.97 8.28
C GLU A 51 -1.27 1.97 7.14
N GLU A 52 -0.72 3.13 7.38
CA GLU A 52 -0.69 4.16 6.37
C GLU A 52 0.68 4.22 5.75
N GLN A 53 0.68 4.14 4.46
CA GLN A 53 1.87 4.09 3.67
C GLN A 53 1.76 5.14 2.58
N ASN A 54 2.85 5.49 1.98
CA ASN A 54 2.86 6.48 0.91
C ASN A 54 2.56 5.80 -0.38
N LEU A 55 1.84 6.48 -1.24
CA LEU A 55 1.52 5.98 -2.58
C LEU A 55 2.79 5.67 -3.37
N SER A 56 3.78 6.53 -3.23
CA SER A 56 5.04 6.39 -3.92
C SER A 56 5.96 5.37 -3.21
N ASP A 57 5.52 4.88 -2.06
CA ASP A 57 6.31 3.93 -1.27
C ASP A 57 5.68 2.57 -1.37
N LEU A 58 4.45 2.53 -1.86
CA LEU A 58 3.75 1.29 -2.03
C LEU A 58 4.47 0.40 -2.96
N LEU A 59 4.24 -0.84 -2.81
CA LEU A 59 4.90 -1.82 -3.56
C LEU A 59 3.88 -2.58 -4.31
N SER A 60 4.29 -3.19 -5.36
CA SER A 60 3.43 -3.96 -6.20
C SER A 60 3.00 -5.22 -5.44
N PRO A 61 1.73 -5.64 -5.58
CA PRO A 61 1.20 -6.78 -4.84
C PRO A 61 1.94 -8.08 -5.14
N ILE A 62 2.05 -8.90 -4.16
CA ILE A 62 2.70 -10.16 -4.27
C ILE A 62 1.64 -11.25 -4.47
N CYS A 63 2.00 -12.28 -5.18
CA CYS A 63 1.13 -13.37 -5.53
C CYS A 63 1.05 -14.46 -4.42
N GLU A 64 1.40 -14.11 -3.21
CA GLU A 64 1.41 -15.08 -2.14
C GLU A 64 0.26 -14.86 -1.17
N 2MR B . 5.62 -10.25 13.74
CA 2MR B . 4.21 -10.66 13.63
CB 2MR B . 3.91 -11.27 12.26
CG 2MR B . 2.44 -11.65 12.02
CD 2MR B . 1.61 -10.43 11.64
NE 2MR B . 2.10 -9.84 10.39
CZ 2MR B . 1.54 -8.82 9.76
NH1 2MR B . 0.42 -8.26 10.31
CQ1 2MR B . -0.43 -7.13 9.88
NH2 2MR B . 2.16 -8.37 8.66
CQ2 2MR B . 1.80 -7.28 7.77
C 2MR B . 3.91 -11.62 14.74
O 2MR B . 3.05 -11.35 15.56
OXT 2MR B . 4.62 -12.63 14.84
H2 2MR B . 6.00 -9.74 12.92
H 2MR B . 5.78 -9.73 14.62
H3 2MR B . 6.16 -11.14 13.83
HA 2MR B . 3.60 -9.78 13.79
HB2 2MR B . 4.54 -12.13 12.07
HB3 2MR B . 4.11 -10.47 11.55
HG2 2MR B . 2.02 -12.09 12.91
HG3 2MR B . 2.37 -12.35 11.20
HD2 2MR B . 1.67 -9.68 12.42
HD3 2MR B . 0.58 -10.73 11.51
HE 2MR B . 2.88 -10.28 10.01
HQ11 2MR B . 0.12 -6.20 9.97
HQ12 2MR B . -0.71 -7.28 8.84
HQ13 2MR B . -1.31 -7.07 10.49
HH2 2MR B . 2.99 -8.80 8.34
HQ21 2MR B . 1.62 -6.39 8.35
HQ22 2MR B . 2.63 -7.11 7.09
HQ23 2MR B . 0.92 -7.54 7.20
HH1 2MR B . 0.04 -8.64 11.15
N ASN A 1 8.37 12.54 -9.71
CA ASN A 1 7.04 11.99 -9.97
C ASN A 1 6.89 11.53 -11.39
N THR A 2 7.74 12.00 -12.26
CA THR A 2 7.62 11.68 -13.64
C THR A 2 8.68 10.67 -14.05
N ALA A 3 8.35 9.41 -13.88
CA ALA A 3 9.22 8.31 -14.24
C ALA A 3 8.38 7.06 -14.37
N ALA A 4 7.67 6.75 -13.32
CA ALA A 4 6.76 5.64 -13.29
C ALA A 4 5.48 6.09 -12.62
N SER A 5 4.45 5.30 -12.73
CA SER A 5 3.17 5.65 -12.17
C SER A 5 2.92 4.77 -10.95
N LEU A 6 4.00 4.39 -10.27
CA LEU A 6 3.94 3.48 -9.13
C LEU A 6 3.52 4.27 -7.88
N GLN A 7 3.32 5.53 -8.04
CA GLN A 7 2.84 6.37 -6.97
C GLN A 7 1.38 6.72 -7.16
N GLN A 8 0.78 6.17 -8.20
CA GLN A 8 -0.62 6.41 -8.46
C GLN A 8 -1.42 5.14 -8.28
N TRP A 9 -2.24 5.14 -7.27
CA TRP A 9 -3.03 3.97 -6.86
C TRP A 9 -4.47 4.40 -6.65
N LYS A 10 -5.38 3.46 -6.58
CA LYS A 10 -6.77 3.78 -6.31
C LYS A 10 -7.26 2.95 -5.13
N VAL A 11 -8.26 3.43 -4.43
CA VAL A 11 -8.84 2.74 -3.28
C VAL A 11 -9.43 1.41 -3.74
N GLY A 12 -9.05 0.36 -3.07
CA GLY A 12 -9.54 -0.95 -3.40
C GLY A 12 -8.54 -1.74 -4.21
N ASP A 13 -7.37 -1.19 -4.39
CA ASP A 13 -6.33 -1.87 -5.13
C ASP A 13 -5.49 -2.62 -4.15
N LYS A 14 -5.08 -3.79 -4.51
CA LYS A 14 -4.21 -4.54 -3.70
C LYS A 14 -2.79 -4.22 -4.03
N CYS A 15 -1.96 -4.21 -3.04
CA CYS A 15 -0.60 -3.83 -3.20
C CYS A 15 0.23 -4.55 -2.13
N SER A 16 1.41 -4.08 -1.95
CA SER A 16 2.29 -4.55 -0.93
C SER A 16 2.80 -3.38 -0.15
N ALA A 17 2.92 -3.53 1.14
CA ALA A 17 3.36 -2.47 1.99
C ALA A 17 4.41 -2.97 2.95
N ILE A 18 5.16 -2.05 3.48
CA ILE A 18 6.19 -2.36 4.43
C ILE A 18 5.64 -2.24 5.83
N TRP A 19 5.52 -3.36 6.48
CA TRP A 19 4.99 -3.40 7.82
C TRP A 19 5.95 -2.70 8.70
N SER A 20 5.50 -1.67 9.31
CA SER A 20 6.29 -0.83 10.13
C SER A 20 6.84 -1.53 11.35
N GLU A 21 6.26 -2.62 11.64
CA GLU A 21 6.58 -3.40 12.78
C GLU A 21 7.77 -4.30 12.52
N ASP A 22 7.86 -4.84 11.31
CA ASP A 22 8.95 -5.76 11.03
C ASP A 22 9.89 -5.22 9.96
N GLY A 23 9.41 -4.22 9.25
CA GLY A 23 10.19 -3.57 8.20
C GLY A 23 10.09 -4.31 6.88
N CYS A 24 9.44 -5.44 6.92
CA CYS A 24 9.31 -6.31 5.82
C CYS A 24 8.07 -6.04 4.96
N ILE A 25 8.06 -6.61 3.77
CA ILE A 25 6.99 -6.44 2.80
C ILE A 25 5.88 -7.46 3.04
N TYR A 26 4.67 -7.01 3.04
CA TYR A 26 3.51 -7.85 3.21
C TYR A 26 2.38 -7.37 2.30
N PRO A 27 1.48 -8.27 1.88
CA PRO A 27 0.37 -7.91 1.00
C PRO A 27 -0.68 -7.05 1.74
N ALA A 28 -1.07 -5.95 1.14
CA ALA A 28 -2.01 -5.07 1.76
C ALA A 28 -2.92 -4.46 0.72
N THR A 29 -4.10 -4.12 1.10
CA THR A 29 -5.04 -3.56 0.17
C THR A 29 -5.40 -2.15 0.60
N ILE A 30 -5.43 -1.26 -0.36
CA ILE A 30 -5.72 0.15 -0.12
C ILE A 30 -7.16 0.33 0.35
N ALA A 31 -7.29 0.85 1.55
CA ALA A 31 -8.58 1.09 2.16
C ALA A 31 -9.05 2.51 1.91
N SER A 32 -8.12 3.46 1.91
CA SER A 32 -8.42 4.87 1.65
C SER A 32 -7.13 5.56 1.25
N ILE A 33 -7.23 6.58 0.42
CA ILE A 33 -6.07 7.34 -0.02
C ILE A 33 -6.23 8.79 0.33
N ASP A 34 -5.19 9.37 0.88
CA ASP A 34 -5.17 10.77 1.12
C ASP A 34 -4.19 11.38 0.16
N PHE A 35 -4.71 11.99 -0.86
CA PHE A 35 -3.88 12.53 -1.92
C PHE A 35 -3.11 13.74 -1.48
N LYS A 36 -3.55 14.39 -0.43
CA LYS A 36 -2.86 15.56 0.07
C LYS A 36 -1.58 15.17 0.77
N ARG A 37 -1.61 14.07 1.49
CA ARG A 37 -0.44 13.59 2.18
C ARG A 37 0.31 12.61 1.31
N GLU A 38 -0.31 12.26 0.17
CA GLU A 38 0.22 11.28 -0.77
C GLU A 38 0.36 9.92 -0.10
N THR A 39 -0.50 9.69 0.85
CA THR A 39 -0.47 8.47 1.59
C THR A 39 -1.79 7.74 1.45
N CYS A 40 -1.81 6.52 1.84
CA CYS A 40 -2.99 5.75 1.84
C CYS A 40 -2.94 4.75 2.97
N VAL A 41 -4.08 4.38 3.44
CA VAL A 41 -4.16 3.40 4.46
C VAL A 41 -4.41 2.08 3.79
N VAL A 42 -3.65 1.11 4.16
CA VAL A 42 -3.78 -0.18 3.57
C VAL A 42 -4.04 -1.20 4.66
N VAL A 43 -4.79 -2.20 4.32
CA VAL A 43 -5.12 -3.27 5.21
C VAL A 43 -4.35 -4.48 4.80
N TYR A 44 -3.56 -5.00 5.70
CA TYR A 44 -2.76 -6.16 5.43
C TYR A 44 -3.63 -7.38 5.28
N THR A 45 -3.65 -7.86 4.08
CA THR A 45 -4.46 -8.94 3.66
C THR A 45 -4.07 -10.23 4.37
N GLY A 46 -5.06 -10.90 4.92
CA GLY A 46 -4.83 -12.13 5.60
C GLY A 46 -4.44 -11.93 7.05
N TYR A 47 -4.26 -10.67 7.44
CA TYR A 47 -3.91 -10.38 8.81
C TYR A 47 -4.99 -9.56 9.47
N GLY A 48 -5.38 -8.47 8.82
CA GLY A 48 -6.44 -7.65 9.38
C GLY A 48 -5.94 -6.37 10.03
N ASN A 49 -4.69 -6.03 9.83
CA ASN A 49 -4.19 -4.76 10.38
C ASN A 49 -4.23 -3.72 9.33
N ARG A 50 -4.16 -2.49 9.73
CA ARG A 50 -4.18 -1.40 8.81
C ARG A 50 -3.11 -0.41 9.15
N GLU A 51 -2.48 0.09 8.15
CA GLU A 51 -1.38 0.95 8.30
C GLU A 51 -1.36 1.95 7.16
N GLU A 52 -0.84 3.13 7.42
CA GLU A 52 -0.83 4.19 6.46
C GLU A 52 0.55 4.31 5.86
N GLN A 53 0.58 4.17 4.58
CA GLN A 53 1.80 4.12 3.83
C GLN A 53 1.72 5.14 2.73
N ASN A 54 2.82 5.48 2.16
CA ASN A 54 2.85 6.47 1.09
C ASN A 54 2.55 5.79 -0.21
N LEU A 55 1.83 6.45 -1.07
CA LEU A 55 1.49 5.94 -2.41
C LEU A 55 2.76 5.67 -3.20
N SER A 56 3.72 6.52 -2.98
CA SER A 56 5.00 6.46 -3.62
C SER A 56 5.91 5.42 -2.95
N ASP A 57 5.48 4.90 -1.82
CA ASP A 57 6.31 3.96 -1.05
C ASP A 57 5.69 2.59 -1.11
N LEU A 58 4.53 2.51 -1.73
CA LEU A 58 3.85 1.26 -1.92
C LEU A 58 4.62 0.37 -2.87
N LEU A 59 4.29 -0.87 -2.83
CA LEU A 59 4.95 -1.85 -3.61
C LEU A 59 3.91 -2.65 -4.36
N SER A 60 4.33 -3.30 -5.40
CA SER A 60 3.45 -4.09 -6.23
C SER A 60 2.99 -5.32 -5.46
N PRO A 61 1.71 -5.70 -5.62
CA PRO A 61 1.10 -6.77 -4.85
C PRO A 61 1.70 -8.13 -5.06
N ILE A 62 1.71 -8.87 -4.01
CA ILE A 62 2.12 -10.24 -3.98
C ILE A 62 0.89 -11.07 -4.34
N CYS A 63 1.08 -12.28 -4.81
CA CYS A 63 -0.03 -13.12 -5.16
C CYS A 63 -0.64 -13.69 -3.89
N GLU A 64 -1.51 -12.92 -3.34
CA GLU A 64 -2.27 -13.27 -2.20
C GLU A 64 -3.70 -12.90 -2.53
N 2MR B . 4.77 -12.39 9.78
CA 2MR B . 4.71 -11.31 10.77
CB 2MR B . 3.82 -11.69 11.96
CG 2MR B . 2.33 -11.91 11.65
CD 2MR B . 1.59 -10.60 11.37
NE 2MR B . 2.07 -9.91 10.18
CZ 2MR B . 1.50 -8.87 9.64
NH1 2MR B . 0.37 -8.37 10.23
CQ1 2MR B . -0.49 -7.23 9.88
NH2 2MR B . 2.11 -8.33 8.58
CQ2 2MR B . 1.76 -7.18 7.76
C 2MR B . 6.09 -11.06 11.23
O 2MR B . 6.57 -9.95 11.06
OXT 2MR B . 6.74 -12.01 11.68
H2 2MR B . 5.21 -13.21 10.25
H 2MR B . 3.88 -12.70 9.36
H3 2MR B . 5.45 -12.14 9.04
HA 2MR B . 4.36 -10.40 10.32
HB2 2MR B . 3.89 -10.87 12.66
HB3 2MR B . 4.20 -12.60 12.39
HG2 2MR B . 1.87 -12.39 12.49
HG3 2MR B . 2.24 -12.53 10.77
HD2 2MR B . 1.70 -9.93 12.21
HD3 2MR B . 0.55 -10.82 11.23
HE 2MR B . 2.86 -10.29 9.74
HQ11 2MR B . -0.96 -7.43 8.92
HQ12 2MR B . -1.25 -7.12 10.63
HQ13 2MR B . 0.10 -6.33 9.81
HH2 2MR B . 2.97 -8.71 8.22
HQ21 2MR B . 2.50 -7.08 6.98
HQ22 2MR B . 0.79 -7.34 7.33
HQ23 2MR B . 1.75 -6.29 8.37
HH1 2MR B . 0.00 -8.82 11.05
N ASN A 1 12.46 8.18 -15.55
CA ASN A 1 11.26 8.07 -14.74
C ASN A 1 11.06 6.63 -14.33
N THR A 2 11.02 6.40 -13.05
CA THR A 2 10.82 5.08 -12.54
C THR A 2 9.82 5.15 -11.39
N ALA A 3 8.56 5.16 -11.76
CA ALA A 3 7.43 5.19 -10.84
C ALA A 3 6.16 5.15 -11.65
N ALA A 4 5.74 6.33 -12.14
CA ALA A 4 4.58 6.54 -13.03
C ALA A 4 3.30 5.84 -12.59
N SER A 5 3.18 4.59 -12.92
CA SER A 5 2.01 3.84 -12.58
C SER A 5 2.06 3.33 -11.16
N LEU A 6 3.20 3.42 -10.59
CA LEU A 6 3.43 2.94 -9.23
C LEU A 6 3.36 4.12 -8.26
N GLN A 7 3.14 5.28 -8.78
CA GLN A 7 3.01 6.46 -7.93
C GLN A 7 1.56 6.88 -7.84
N GLN A 8 0.74 6.17 -8.59
CA GLN A 8 -0.67 6.41 -8.65
C GLN A 8 -1.41 5.12 -8.33
N TRP A 9 -2.18 5.17 -7.30
CA TRP A 9 -2.96 4.02 -6.85
C TRP A 9 -4.37 4.50 -6.61
N LYS A 10 -5.30 3.58 -6.49
CA LYS A 10 -6.68 3.94 -6.23
C LYS A 10 -7.20 3.09 -5.08
N VAL A 11 -8.20 3.58 -4.40
CA VAL A 11 -8.81 2.86 -3.30
C VAL A 11 -9.44 1.57 -3.82
N GLY A 12 -9.10 0.47 -3.19
CA GLY A 12 -9.63 -0.79 -3.61
C GLY A 12 -8.65 -1.56 -4.46
N ASP A 13 -7.44 -1.06 -4.56
CA ASP A 13 -6.40 -1.73 -5.32
C ASP A 13 -5.54 -2.47 -4.34
N LYS A 14 -5.02 -3.57 -4.73
CA LYS A 14 -4.15 -4.33 -3.88
C LYS A 14 -2.73 -3.92 -4.10
N CYS A 15 -1.93 -4.03 -3.11
CA CYS A 15 -0.56 -3.64 -3.17
C CYS A 15 0.23 -4.41 -2.13
N SER A 16 1.42 -3.99 -1.92
CA SER A 16 2.26 -4.50 -0.88
C SER A 16 2.80 -3.34 -0.11
N ALA A 17 2.96 -3.51 1.17
CA ALA A 17 3.41 -2.46 2.00
C ALA A 17 4.44 -2.96 2.96
N ILE A 18 5.22 -2.06 3.49
CA ILE A 18 6.21 -2.37 4.46
C ILE A 18 5.63 -2.22 5.84
N TRP A 19 5.50 -3.32 6.52
CA TRP A 19 4.98 -3.31 7.85
C TRP A 19 5.99 -2.66 8.71
N SER A 20 5.62 -1.58 9.30
CA SER A 20 6.49 -0.78 10.10
C SER A 20 7.06 -1.56 11.28
N GLU A 21 6.36 -2.59 11.64
CA GLU A 21 6.67 -3.34 12.80
C GLU A 21 7.77 -4.36 12.54
N ASP A 22 7.75 -4.99 11.37
CA ASP A 22 8.75 -6.03 11.07
C ASP A 22 9.72 -5.52 10.01
N GLY A 23 9.33 -4.45 9.35
CA GLY A 23 10.15 -3.80 8.32
C GLY A 23 10.03 -4.49 6.98
N CYS A 24 9.35 -5.59 6.98
CA CYS A 24 9.23 -6.42 5.84
C CYS A 24 8.03 -6.10 4.96
N ILE A 25 8.02 -6.69 3.77
CA ILE A 25 6.97 -6.50 2.80
C ILE A 25 5.86 -7.52 3.02
N TYR A 26 4.66 -7.04 3.03
CA TYR A 26 3.49 -7.86 3.21
C TYR A 26 2.37 -7.40 2.29
N PRO A 27 1.46 -8.31 1.91
CA PRO A 27 0.34 -7.98 1.03
C PRO A 27 -0.69 -7.10 1.77
N ALA A 28 -1.07 -6.03 1.14
CA ALA A 28 -2.00 -5.13 1.74
C ALA A 28 -2.90 -4.53 0.68
N THR A 29 -4.08 -4.21 1.03
CA THR A 29 -5.01 -3.67 0.08
C THR A 29 -5.41 -2.26 0.51
N ILE A 30 -5.44 -1.36 -0.45
CA ILE A 30 -5.74 0.04 -0.21
C ILE A 30 -7.17 0.21 0.28
N ALA A 31 -7.29 0.79 1.45
CA ALA A 31 -8.58 1.03 2.08
C ALA A 31 -9.02 2.46 1.89
N SER A 32 -8.06 3.38 1.88
CA SER A 32 -8.36 4.79 1.69
C SER A 32 -7.08 5.51 1.27
N ILE A 33 -7.20 6.57 0.50
CA ILE A 33 -6.05 7.33 0.04
C ILE A 33 -6.22 8.79 0.38
N ASP A 34 -5.21 9.38 0.91
CA ASP A 34 -5.19 10.78 1.14
C ASP A 34 -4.23 11.39 0.17
N PHE A 35 -4.78 12.00 -0.83
CA PHE A 35 -3.99 12.59 -1.89
C PHE A 35 -3.29 13.84 -1.43
N LYS A 36 -3.72 14.35 -0.29
CA LYS A 36 -3.17 15.56 0.28
C LYS A 36 -1.77 15.28 0.86
N ARG A 37 -1.63 14.13 1.53
CA ARG A 37 -0.34 13.69 2.06
C ARG A 37 0.32 12.69 1.14
N GLU A 38 -0.41 12.31 0.10
CA GLU A 38 0.04 11.31 -0.89
C GLU A 38 0.22 9.96 -0.19
N THR A 39 -0.55 9.75 0.84
CA THR A 39 -0.47 8.53 1.59
C THR A 39 -1.79 7.79 1.49
N CYS A 40 -1.78 6.55 1.88
CA CYS A 40 -2.97 5.76 1.86
C CYS A 40 -2.92 4.75 2.96
N VAL A 41 -4.06 4.36 3.41
CA VAL A 41 -4.16 3.36 4.41
C VAL A 41 -4.41 2.05 3.72
N VAL A 42 -3.65 1.07 4.07
CA VAL A 42 -3.77 -0.22 3.47
C VAL A 42 -4.02 -1.24 4.57
N VAL A 43 -4.76 -2.24 4.25
CA VAL A 43 -5.09 -3.30 5.16
C VAL A 43 -4.30 -4.52 4.78
N TYR A 44 -3.55 -5.04 5.72
CA TYR A 44 -2.73 -6.21 5.50
C TYR A 44 -3.57 -7.42 5.40
N THR A 45 -3.56 -7.97 4.23
CA THR A 45 -4.35 -9.09 3.88
C THR A 45 -3.87 -10.34 4.62
N GLY A 46 -4.80 -11.03 5.22
CA GLY A 46 -4.49 -12.23 5.94
C GLY A 46 -4.25 -11.98 7.40
N TYR A 47 -4.14 -10.72 7.76
CA TYR A 47 -3.92 -10.37 9.15
C TYR A 47 -5.05 -9.54 9.68
N GLY A 48 -5.37 -8.47 8.98
CA GLY A 48 -6.47 -7.64 9.42
C GLY A 48 -6.03 -6.35 10.08
N ASN A 49 -4.78 -5.95 9.88
CA ASN A 49 -4.33 -4.65 10.41
C ASN A 49 -4.34 -3.65 9.32
N ARG A 50 -4.25 -2.42 9.68
CA ARG A 50 -4.22 -1.38 8.71
C ARG A 50 -3.11 -0.43 9.06
N GLU A 51 -2.46 0.06 8.07
CA GLU A 51 -1.36 0.92 8.24
C GLU A 51 -1.33 1.95 7.11
N GLU A 52 -0.81 3.10 7.39
CA GLU A 52 -0.79 4.18 6.43
C GLU A 52 0.57 4.28 5.80
N GLN A 53 0.60 4.15 4.52
CA GLN A 53 1.81 4.10 3.74
C GLN A 53 1.72 5.17 2.69
N ASN A 54 2.82 5.50 2.11
CA ASN A 54 2.83 6.50 1.04
C ASN A 54 2.53 5.81 -0.24
N LEU A 55 1.81 6.46 -1.11
CA LEU A 55 1.47 5.93 -2.44
C LEU A 55 2.74 5.62 -3.23
N SER A 56 3.70 6.47 -3.08
CA SER A 56 4.96 6.33 -3.75
C SER A 56 5.89 5.32 -3.05
N ASP A 57 5.48 4.88 -1.87
CA ASP A 57 6.30 3.96 -1.06
C ASP A 57 5.68 2.57 -1.14
N LEU A 58 4.50 2.51 -1.76
CA LEU A 58 3.80 1.27 -1.94
C LEU A 58 4.56 0.38 -2.86
N LEU A 59 4.30 -0.87 -2.76
CA LEU A 59 4.98 -1.84 -3.51
C LEU A 59 3.96 -2.66 -4.26
N SER A 60 4.40 -3.33 -5.27
CA SER A 60 3.53 -4.14 -6.11
C SER A 60 2.98 -5.34 -5.32
N PRO A 61 1.68 -5.61 -5.45
CA PRO A 61 0.97 -6.62 -4.64
C PRO A 61 1.45 -8.04 -4.81
N ILE A 62 1.39 -8.76 -3.74
CA ILE A 62 1.74 -10.15 -3.72
C ILE A 62 0.48 -10.95 -4.02
N CYS A 63 0.66 -12.17 -4.58
CA CYS A 63 -0.42 -13.09 -4.96
C CYS A 63 -1.12 -12.63 -6.23
N GLU A 64 -0.68 -11.51 -6.72
CA GLU A 64 -1.19 -10.96 -7.94
C GLU A 64 -0.24 -11.33 -9.04
N 2MR B . 5.34 -10.73 14.09
CA 2MR B . 3.88 -10.68 13.99
CB 2MR B . 3.44 -11.28 12.67
CG 2MR B . 1.93 -11.42 12.45
CD 2MR B . 1.31 -10.10 12.07
NE 2MR B . 1.88 -9.64 10.79
CZ 2MR B . 1.39 -8.68 10.04
NH1 2MR B . 0.25 -8.04 10.47
CQ1 2MR B . -0.52 -6.96 9.87
NH2 2MR B . 2.07 -8.38 8.92
CQ2 2MR B . 1.81 -7.38 7.88
C 2MR B . 3.30 -11.47 15.13
O 2MR B . 2.57 -10.90 15.94
OXT 2MR B . 3.57 -12.67 15.21
H2 2MR B . 5.62 -11.74 14.11
H 2MR B . 5.82 -10.26 13.31
H3 2MR B . 5.64 -10.32 14.99
HA 2MR B . 3.56 -9.66 14.07
HB2 2MR B . 3.92 -12.23 12.48
HB3 2MR B . 3.76 -10.56 11.93
HG2 2MR B . 1.48 -11.77 13.36
HG3 2MR B . 1.77 -12.12 11.65
HD2 2MR B . 1.52 -9.37 12.82
HD3 2MR B . 0.24 -10.23 11.95
HE 2MR B . 2.68 -10.13 10.49
HQ11 2MR B . -0.55 -7.07 8.80
HQ12 2MR B . -1.54 -7.01 10.25
HQ13 2MR B . -0.09 -6.00 10.14
HH2 2MR B . 2.90 -8.88 8.69
HQ21 2MR B . 1.60 -6.42 8.34
HQ22 2MR B . 2.69 -7.28 7.26
HQ23 2MR B . 0.97 -7.69 7.29
HH1 2MR B . -0.16 -8.33 11.33
N ASN A 1 3.53 3.99 -15.93
CA ASN A 1 4.42 2.83 -15.70
C ASN A 1 5.82 3.12 -16.20
N THR A 2 5.97 4.14 -17.02
CA THR A 2 7.22 4.45 -17.64
C THR A 2 8.20 5.15 -16.66
N ALA A 3 9.21 4.38 -16.22
CA ALA A 3 10.35 4.79 -15.41
C ALA A 3 9.99 5.05 -13.96
N ALA A 4 8.97 5.81 -13.77
CA ALA A 4 8.54 6.22 -12.45
C ALA A 4 7.07 6.58 -12.47
N SER A 5 6.26 5.69 -12.00
CA SER A 5 4.83 5.89 -11.91
C SER A 5 4.28 5.04 -10.76
N LEU A 6 5.16 4.65 -9.88
CA LEU A 6 4.80 3.74 -8.82
C LEU A 6 4.36 4.56 -7.63
N GLN A 7 3.37 5.36 -7.87
CA GLN A 7 2.77 6.21 -6.87
C GLN A 7 1.33 6.53 -7.22
N GLN A 8 0.79 5.83 -8.18
CA GLN A 8 -0.57 6.04 -8.64
C GLN A 8 -1.39 4.84 -8.21
N TRP A 9 -2.24 5.04 -7.25
CA TRP A 9 -3.04 3.94 -6.75
C TRP A 9 -4.50 4.37 -6.62
N LYS A 10 -5.38 3.40 -6.49
CA LYS A 10 -6.80 3.65 -6.30
C LYS A 10 -7.26 2.92 -5.04
N VAL A 11 -8.26 3.45 -4.40
CA VAL A 11 -8.84 2.83 -3.23
C VAL A 11 -9.46 1.49 -3.60
N GLY A 12 -9.11 0.46 -2.87
CA GLY A 12 -9.65 -0.85 -3.12
C GLY A 12 -8.73 -1.69 -3.97
N ASP A 13 -7.51 -1.23 -4.17
CA ASP A 13 -6.56 -2.00 -4.98
C ASP A 13 -5.59 -2.67 -4.07
N LYS A 14 -5.05 -3.75 -4.52
CA LYS A 14 -4.09 -4.50 -3.81
C LYS A 14 -2.71 -3.97 -4.09
N CYS A 15 -1.89 -4.08 -3.12
CA CYS A 15 -0.55 -3.63 -3.18
C CYS A 15 0.27 -4.40 -2.16
N SER A 16 1.44 -3.95 -1.95
CA SER A 16 2.30 -4.48 -0.94
C SER A 16 2.83 -3.33 -0.13
N ALA A 17 2.95 -3.52 1.14
CA ALA A 17 3.37 -2.47 2.02
C ALA A 17 4.43 -2.98 2.97
N ILE A 18 5.17 -2.06 3.52
CA ILE A 18 6.19 -2.35 4.47
C ILE A 18 5.64 -2.21 5.86
N TRP A 19 5.48 -3.34 6.52
CA TRP A 19 4.94 -3.35 7.85
C TRP A 19 5.89 -2.66 8.73
N SER A 20 5.43 -1.64 9.35
CA SER A 20 6.22 -0.78 10.17
C SER A 20 6.83 -1.52 11.36
N GLU A 21 6.26 -2.63 11.66
CA GLU A 21 6.68 -3.42 12.79
C GLU A 21 7.86 -4.34 12.45
N ASP A 22 7.82 -4.98 11.28
CA ASP A 22 8.94 -5.90 10.90
C ASP A 22 9.83 -5.28 9.88
N GLY A 23 9.35 -4.23 9.25
CA GLY A 23 10.10 -3.57 8.19
C GLY A 23 10.03 -4.35 6.89
N CYS A 24 9.35 -5.46 6.95
CA CYS A 24 9.24 -6.39 5.89
C CYS A 24 8.03 -6.09 5.00
N ILE A 25 8.04 -6.66 3.81
CA ILE A 25 6.99 -6.47 2.83
C ILE A 25 5.88 -7.48 3.06
N TYR A 26 4.68 -7.02 3.04
CA TYR A 26 3.52 -7.86 3.20
C TYR A 26 2.42 -7.41 2.25
N PRO A 27 1.54 -8.33 1.82
CA PRO A 27 0.42 -7.98 0.93
C PRO A 27 -0.64 -7.15 1.65
N ALA A 28 -1.06 -6.07 1.05
CA ALA A 28 -2.03 -5.21 1.64
C ALA A 28 -2.93 -4.62 0.58
N THR A 29 -4.11 -4.26 0.96
CA THR A 29 -5.06 -3.71 0.02
C THR A 29 -5.41 -2.31 0.50
N ILE A 30 -5.46 -1.37 -0.42
CA ILE A 30 -5.71 0.02 -0.11
C ILE A 30 -7.14 0.24 0.37
N ALA A 31 -7.26 0.82 1.54
CA ALA A 31 -8.55 1.08 2.14
C ALA A 31 -8.97 2.51 1.89
N SER A 32 -8.01 3.41 1.82
CA SER A 32 -8.28 4.79 1.59
C SER A 32 -7.01 5.50 1.16
N ILE A 33 -7.15 6.57 0.40
CA ILE A 33 -6.01 7.34 -0.05
C ILE A 33 -6.22 8.81 0.31
N ASP A 34 -5.22 9.41 0.87
CA ASP A 34 -5.22 10.83 1.13
C ASP A 34 -4.22 11.43 0.17
N PHE A 35 -4.72 12.04 -0.88
CA PHE A 35 -3.88 12.59 -1.92
C PHE A 35 -3.10 13.80 -1.43
N LYS A 36 -3.59 14.42 -0.39
CA LYS A 36 -2.96 15.61 0.16
C LYS A 36 -1.69 15.25 0.90
N ARG A 37 -1.69 14.11 1.58
CA ARG A 37 -0.48 13.65 2.26
C ARG A 37 0.29 12.73 1.35
N GLU A 38 -0.33 12.39 0.22
CA GLU A 38 0.19 11.41 -0.73
C GLU A 38 0.33 10.04 -0.07
N THR A 39 -0.50 9.79 0.92
CA THR A 39 -0.44 8.56 1.63
C THR A 39 -1.76 7.83 1.51
N CYS A 40 -1.76 6.60 1.87
CA CYS A 40 -2.93 5.79 1.83
C CYS A 40 -2.88 4.77 2.93
N VAL A 41 -4.01 4.39 3.39
CA VAL A 41 -4.11 3.39 4.41
C VAL A 41 -4.36 2.07 3.74
N VAL A 42 -3.62 1.08 4.12
CA VAL A 42 -3.75 -0.22 3.53
C VAL A 42 -4.04 -1.25 4.61
N VAL A 43 -4.78 -2.25 4.25
CA VAL A 43 -5.12 -3.33 5.12
C VAL A 43 -4.31 -4.54 4.73
N TYR A 44 -3.54 -5.05 5.65
CA TYR A 44 -2.71 -6.21 5.42
C TYR A 44 -3.56 -7.43 5.25
N THR A 45 -3.48 -7.98 4.10
CA THR A 45 -4.23 -9.11 3.70
C THR A 45 -3.80 -10.33 4.51
N GLY A 46 -4.77 -11.02 5.08
CA GLY A 46 -4.48 -12.19 5.85
C GLY A 46 -4.35 -11.88 7.30
N TYR A 47 -4.17 -10.62 7.63
CA TYR A 47 -3.99 -10.24 9.00
C TYR A 47 -5.13 -9.38 9.47
N GLY A 48 -5.42 -8.34 8.72
CA GLY A 48 -6.51 -7.49 9.08
C GLY A 48 -6.08 -6.23 9.80
N ASN A 49 -4.80 -5.88 9.72
CA ASN A 49 -4.36 -4.60 10.29
C ASN A 49 -4.39 -3.58 9.23
N ARG A 50 -4.37 -2.35 9.62
CA ARG A 50 -4.39 -1.28 8.69
C ARG A 50 -3.31 -0.31 9.06
N GLU A 51 -2.59 0.12 8.08
CA GLU A 51 -1.45 0.93 8.28
C GLU A 51 -1.38 1.96 7.18
N GLU A 52 -0.80 3.10 7.46
CA GLU A 52 -0.75 4.18 6.51
C GLU A 52 0.62 4.24 5.87
N GLN A 53 0.60 4.14 4.59
CA GLN A 53 1.79 4.06 3.80
C GLN A 53 1.72 5.11 2.73
N ASN A 54 2.81 5.42 2.14
CA ASN A 54 2.86 6.45 1.10
C ASN A 54 2.58 5.79 -0.22
N LEU A 55 1.89 6.50 -1.08
CA LEU A 55 1.56 6.02 -2.44
C LEU A 55 2.82 5.66 -3.22
N SER A 56 3.83 6.48 -3.08
CA SER A 56 5.08 6.26 -3.78
C SER A 56 5.94 5.21 -3.05
N ASP A 57 5.52 4.82 -1.86
CA ASP A 57 6.28 3.88 -1.03
C ASP A 57 5.65 2.51 -1.13
N LEU A 58 4.46 2.46 -1.72
CA LEU A 58 3.77 1.22 -1.94
C LEU A 58 4.52 0.37 -2.90
N LEU A 59 4.26 -0.87 -2.84
CA LEU A 59 4.92 -1.82 -3.65
C LEU A 59 3.88 -2.62 -4.39
N SER A 60 4.28 -3.27 -5.43
CA SER A 60 3.38 -4.04 -6.25
C SER A 60 2.89 -5.28 -5.47
N PRO A 61 1.58 -5.60 -5.59
CA PRO A 61 0.93 -6.68 -4.84
C PRO A 61 1.49 -8.05 -5.15
N ILE A 62 1.49 -8.87 -4.15
CA ILE A 62 1.96 -10.23 -4.25
C ILE A 62 0.75 -11.08 -4.54
N CYS A 63 0.93 -12.12 -5.30
CA CYS A 63 -0.16 -12.98 -5.64
C CYS A 63 0.36 -14.39 -5.81
N GLU A 64 0.19 -15.16 -4.79
CA GLU A 64 0.65 -16.52 -4.77
C GLU A 64 -0.54 -17.45 -4.74
N 2MR B . 5.32 -10.39 14.27
CA 2MR B . 3.88 -10.56 14.07
CB 2MR B . 3.60 -11.17 12.70
CG 2MR B . 2.13 -11.45 12.40
CD 2MR B . 1.39 -10.19 12.00
NE 2MR B . 1.93 -9.67 10.74
CZ 2MR B . 1.41 -8.69 10.02
NH1 2MR B . 0.27 -8.08 10.48
CQ1 2MR B . -0.53 -6.99 9.92
NH2 2MR B . 2.06 -8.34 8.89
CQ2 2MR B . 1.78 -7.32 7.89
C 2MR B . 3.35 -11.45 15.16
O 2MR B . 2.47 -11.02 15.92
OXT 2MR B . 3.80 -12.59 15.26
H2 2MR B . 5.79 -9.81 13.55
H 2MR B . 5.49 -9.96 15.20
H3 2MR B . 5.77 -11.33 14.29
HA 2MR B . 3.40 -9.60 14.15
HB2 2MR B . 4.16 -12.09 12.57
HB3 2MR B . 3.91 -10.44 11.98
HG2 2MR B . 1.66 -11.85 13.29
HG3 2MR B . 2.04 -12.17 11.60
HD2 2MR B . 1.52 -9.44 12.77
HD3 2MR B . 0.34 -10.41 11.87
HE 2MR B . 2.74 -10.12 10.43
HQ11 2MR B . -0.76 -7.20 8.89
HQ12 2MR B . -1.46 -6.92 10.47
HQ13 2MR B . 0.01 -6.06 10.00
HH2 2MR B . 2.91 -8.82 8.64
HQ21 2MR B . 0.89 -7.60 7.34
HQ22 2MR B . 1.61 -6.37 8.38
HQ23 2MR B . 2.60 -7.24 7.21
HH1 2MR B . -0.13 -8.38 11.34
N ASN A 1 9.67 9.13 -15.69
CA ASN A 1 8.60 8.61 -14.84
C ASN A 1 8.54 7.08 -14.84
N THR A 2 9.48 6.41 -15.53
CA THR A 2 9.51 4.96 -15.56
C THR A 2 9.86 4.45 -14.14
N ALA A 3 8.96 3.60 -13.59
CA ALA A 3 9.08 3.02 -12.22
C ALA A 3 8.79 4.07 -11.14
N ALA A 4 8.66 5.30 -11.56
CA ALA A 4 8.38 6.42 -10.69
C ALA A 4 6.93 6.85 -10.84
N SER A 5 6.18 6.06 -11.58
CA SER A 5 4.79 6.32 -11.80
C SER A 5 4.01 5.29 -10.97
N LEU A 6 4.72 4.75 -10.01
CA LEU A 6 4.22 3.76 -9.08
C LEU A 6 3.66 4.52 -7.85
N GLN A 7 3.28 5.75 -8.09
CA GLN A 7 2.72 6.58 -7.06
C GLN A 7 1.21 6.63 -7.23
N GLN A 8 0.76 6.29 -8.42
CA GLN A 8 -0.64 6.33 -8.73
C GLN A 8 -1.33 5.01 -8.36
N TRP A 9 -2.15 5.09 -7.36
CA TRP A 9 -2.92 3.96 -6.88
C TRP A 9 -4.36 4.43 -6.70
N LYS A 10 -5.27 3.50 -6.57
CA LYS A 10 -6.66 3.86 -6.33
C LYS A 10 -7.18 3.01 -5.20
N VAL A 11 -8.20 3.49 -4.53
CA VAL A 11 -8.82 2.77 -3.44
C VAL A 11 -9.44 1.47 -3.97
N GLY A 12 -9.16 0.38 -3.29
CA GLY A 12 -9.70 -0.89 -3.67
C GLY A 12 -8.71 -1.76 -4.42
N ASP A 13 -7.49 -1.26 -4.55
CA ASP A 13 -6.46 -2.01 -5.26
C ASP A 13 -5.57 -2.70 -4.27
N LYS A 14 -5.20 -3.91 -4.57
CA LYS A 14 -4.29 -4.65 -3.74
C LYS A 14 -2.87 -4.27 -4.06
N CYS A 15 -2.05 -4.26 -3.06
CA CYS A 15 -0.68 -3.86 -3.21
C CYS A 15 0.16 -4.55 -2.13
N SER A 16 1.31 -4.03 -1.90
CA SER A 16 2.16 -4.49 -0.86
C SER A 16 2.76 -3.31 -0.12
N ALA A 17 2.95 -3.47 1.16
CA ALA A 17 3.43 -2.41 2.00
C ALA A 17 4.46 -2.93 2.97
N ILE A 18 5.23 -2.02 3.51
CA ILE A 18 6.24 -2.34 4.49
C ILE A 18 5.66 -2.20 5.86
N TRP A 19 5.52 -3.30 6.52
CA TRP A 19 4.99 -3.31 7.85
C TRP A 19 5.95 -2.67 8.75
N SER A 20 5.50 -1.67 9.42
CA SER A 20 6.30 -0.89 10.31
C SER A 20 6.92 -1.72 11.41
N GLU A 21 6.28 -2.81 11.71
CA GLU A 21 6.68 -3.62 12.82
C GLU A 21 7.84 -4.55 12.48
N ASP A 22 7.80 -5.16 11.32
CA ASP A 22 8.91 -6.09 10.97
C ASP A 22 9.81 -5.47 9.94
N GLY A 23 9.33 -4.42 9.31
CA GLY A 23 10.09 -3.73 8.29
C GLY A 23 10.04 -4.48 6.97
N CYS A 24 9.35 -5.59 6.99
CA CYS A 24 9.23 -6.46 5.89
C CYS A 24 8.05 -6.12 5.00
N ILE A 25 8.07 -6.68 3.82
CA ILE A 25 7.03 -6.47 2.83
C ILE A 25 5.92 -7.49 3.02
N TYR A 26 4.73 -7.00 3.04
CA TYR A 26 3.56 -7.81 3.21
C TYR A 26 2.46 -7.30 2.30
N PRO A 27 1.53 -8.17 1.87
CA PRO A 27 0.44 -7.77 1.00
C PRO A 27 -0.61 -6.95 1.77
N ALA A 28 -1.07 -5.91 1.15
CA ALA A 28 -2.02 -5.04 1.77
C ALA A 28 -2.91 -4.42 0.72
N THR A 29 -4.11 -4.14 1.08
CA THR A 29 -5.05 -3.60 0.14
C THR A 29 -5.39 -2.17 0.52
N ILE A 30 -5.43 -1.30 -0.46
CA ILE A 30 -5.70 0.11 -0.26
C ILE A 30 -7.14 0.33 0.22
N ALA A 31 -7.25 0.88 1.40
CA ALA A 31 -8.53 1.15 2.00
C ALA A 31 -8.98 2.57 1.72
N SER A 32 -8.06 3.52 1.81
CA SER A 32 -8.37 4.92 1.55
C SER A 32 -7.11 5.66 1.18
N ILE A 33 -7.22 6.68 0.35
CA ILE A 33 -6.08 7.46 -0.08
C ILE A 33 -6.28 8.93 0.26
N ASP A 34 -5.28 9.52 0.83
CA ASP A 34 -5.26 10.94 1.12
C ASP A 34 -4.27 11.57 0.18
N PHE A 35 -4.78 12.30 -0.76
CA PHE A 35 -3.98 12.87 -1.83
C PHE A 35 -3.17 14.05 -1.37
N LYS A 36 -3.55 14.62 -0.23
CA LYS A 36 -2.87 15.77 0.31
C LYS A 36 -1.53 15.33 0.86
N ARG A 37 -1.54 14.20 1.54
CA ARG A 37 -0.33 13.68 2.16
C ARG A 37 0.35 12.70 1.23
N GLU A 38 -0.34 12.38 0.14
CA GLU A 38 0.10 11.39 -0.85
C GLU A 38 0.23 10.02 -0.19
N THR A 39 -0.58 9.78 0.81
CA THR A 39 -0.54 8.55 1.53
C THR A 39 -1.87 7.83 1.42
N CYS A 40 -1.86 6.60 1.81
CA CYS A 40 -3.04 5.81 1.81
C CYS A 40 -2.97 4.82 2.94
N VAL A 41 -4.10 4.43 3.43
CA VAL A 41 -4.17 3.44 4.45
C VAL A 41 -4.42 2.12 3.78
N VAL A 42 -3.67 1.13 4.17
CA VAL A 42 -3.79 -0.17 3.58
C VAL A 42 -4.07 -1.19 4.66
N VAL A 43 -4.78 -2.21 4.31
CA VAL A 43 -5.10 -3.30 5.19
C VAL A 43 -4.29 -4.51 4.80
N TYR A 44 -3.50 -4.99 5.71
CA TYR A 44 -2.67 -6.15 5.49
C TYR A 44 -3.50 -7.38 5.35
N THR A 45 -3.43 -7.94 4.20
CA THR A 45 -4.21 -9.06 3.83
C THR A 45 -3.74 -10.32 4.56
N GLY A 46 -4.67 -11.01 5.17
CA GLY A 46 -4.37 -12.22 5.87
C GLY A 46 -4.17 -11.98 7.34
N TYR A 47 -3.98 -10.72 7.70
CA TYR A 47 -3.74 -10.38 9.08
C TYR A 47 -4.84 -9.49 9.62
N GLY A 48 -5.23 -8.50 8.85
CA GLY A 48 -6.32 -7.66 9.26
C GLY A 48 -5.89 -6.35 9.89
N ASN A 49 -4.62 -6.01 9.81
CA ASN A 49 -4.18 -4.73 10.37
C ASN A 49 -4.24 -3.69 9.32
N ARG A 50 -4.22 -2.48 9.71
CA ARG A 50 -4.27 -1.39 8.80
C ARG A 50 -3.18 -0.41 9.17
N GLU A 51 -2.52 0.08 8.18
CA GLU A 51 -1.41 0.94 8.36
C GLU A 51 -1.38 1.97 7.25
N GLU A 52 -0.83 3.13 7.52
CA GLU A 52 -0.81 4.19 6.56
C GLU A 52 0.54 4.26 5.92
N GLN A 53 0.53 4.19 4.62
CA GLN A 53 1.71 4.12 3.82
C GLN A 53 1.62 5.16 2.75
N ASN A 54 2.71 5.46 2.15
CA ASN A 54 2.76 6.45 1.08
C ASN A 54 2.46 5.77 -0.21
N LEU A 55 1.77 6.45 -1.09
CA LEU A 55 1.44 5.92 -2.42
C LEU A 55 2.71 5.58 -3.19
N SER A 56 3.69 6.42 -3.04
CA SER A 56 4.97 6.26 -3.68
C SER A 56 5.79 5.13 -3.04
N ASP A 57 5.40 4.75 -1.85
CA ASP A 57 6.16 3.79 -1.06
C ASP A 57 5.51 2.43 -1.16
N LEU A 58 4.33 2.40 -1.77
CA LEU A 58 3.63 1.17 -1.97
C LEU A 58 4.38 0.31 -2.93
N LEU A 59 4.12 -0.94 -2.85
CA LEU A 59 4.81 -1.90 -3.65
C LEU A 59 3.79 -2.71 -4.38
N SER A 60 4.22 -3.36 -5.42
CA SER A 60 3.34 -4.17 -6.22
C SER A 60 2.90 -5.42 -5.44
N PRO A 61 1.60 -5.79 -5.56
CA PRO A 61 0.97 -6.87 -4.78
C PRO A 61 1.59 -8.24 -4.95
N ILE A 62 1.43 -9.03 -3.91
CA ILE A 62 1.90 -10.40 -3.88
C ILE A 62 0.69 -11.30 -4.15
N CYS A 63 0.89 -12.48 -4.69
CA CYS A 63 -0.21 -13.37 -4.99
C CYS A 63 -0.08 -14.63 -4.15
N GLU A 64 -0.54 -14.53 -2.94
CA GLU A 64 -0.45 -15.63 -2.01
C GLU A 64 -1.82 -16.23 -1.77
N 2MR B . 5.90 -10.24 13.55
CA 2MR B . 4.51 -10.71 13.47
CB 2MR B . 4.17 -11.19 12.06
CG 2MR B . 2.70 -11.60 11.86
CD 2MR B . 1.83 -10.39 11.60
NE 2MR B . 2.25 -9.74 10.37
CZ 2MR B . 1.64 -8.73 9.78
NH1 2MR B . 0.52 -8.20 10.37
CQ1 2MR B . -0.36 -7.09 9.97
NH2 2MR B . 2.21 -8.24 8.67
CQ2 2MR B . 1.82 -7.16 7.79
C 2MR B . 4.37 -11.87 14.42
O 2MR B . 3.55 -11.78 15.35
OXT 2MR B . 5.11 -12.85 14.27
H2 2MR B . 6.19 -9.56 12.82
H 2MR B . 6.10 -9.86 14.49
H3 2MR B . 6.50 -11.09 13.45
HA 2MR B . 3.85 -9.92 13.78
HB2 2MR B . 4.80 -12.00 11.76
HB3 2MR B . 4.31 -10.33 11.42
HG2 2MR B . 2.35 -12.09 12.75
HG3 2MR B . 2.63 -12.26 11.01
HD2 2MR B . 1.93 -9.67 12.40
HD3 2MR B . 0.80 -10.69 11.51
HE 2MR B . 3.04 -10.13 9.95
HQ11 2MR B . -0.70 -7.25 8.96
HQ12 2MR B . -1.22 -7.08 10.62
HQ13 2MR B . 0.17 -6.16 10.04
HH2 2MR B . 3.04 -8.66 8.32
HQ21 2MR B . 1.68 -6.26 8.38
HQ22 2MR B . 2.60 -6.99 7.07
HQ23 2MR B . 0.90 -7.41 7.29
HH1 2MR B . 0.18 -8.61 11.22
#